data_2MR8
#
_entry.id   2MR8
#
_entity_poly.entity_id   1
_entity_poly.type   'polypeptide(L)'
_entity_poly.pdbx_seq_one_letter_code
;GAMAKAPESATEKVLCALYAEILGVERVGVDDAFHDLGGSSALAMRLIARIREELGVDLPIRQLFSSPTPAGVARALAAK
SASWSHPQFEK
;
_entity_poly.pdbx_strand_id   A
#
# COMPACT_ATOMS: atom_id res chain seq x y z
N GLY A 1 4.20 10.01 -11.40
CA GLY A 1 4.79 9.72 -12.73
C GLY A 1 6.30 9.70 -12.68
N ALA A 2 6.88 8.77 -11.93
CA ALA A 2 8.32 8.68 -11.80
C ALA A 2 8.93 8.03 -13.06
N MET A 3 10.20 8.33 -13.33
CA MET A 3 10.87 7.83 -14.55
C MET A 3 11.63 6.52 -14.34
N ALA A 4 11.67 6.01 -13.11
CA ALA A 4 12.46 4.81 -12.84
C ALA A 4 11.83 3.60 -13.55
N LYS A 5 10.50 3.56 -13.56
CA LYS A 5 9.71 2.55 -14.27
C LYS A 5 10.18 1.13 -13.92
N ALA A 6 10.31 0.96 -12.62
CA ALA A 6 10.80 -0.27 -12.05
C ALA A 6 9.76 -1.41 -12.19
N PRO A 7 10.22 -2.67 -12.28
CA PRO A 7 9.26 -3.79 -12.40
C PRO A 7 8.61 -4.18 -11.09
N GLU A 8 7.48 -4.88 -11.19
CA GLU A 8 6.71 -5.26 -10.02
C GLU A 8 7.00 -6.65 -9.45
N SER A 9 7.07 -6.69 -8.12
CA SER A 9 7.11 -7.94 -7.38
C SER A 9 5.65 -8.37 -7.10
N ALA A 10 5.47 -9.58 -6.61
CA ALA A 10 4.14 -10.16 -6.46
C ALA A 10 3.12 -9.35 -5.67
N THR A 11 3.48 -8.87 -4.50
CA THR A 11 2.52 -8.03 -3.67
C THR A 11 2.43 -6.65 -4.30
N GLU A 12 3.53 -6.19 -4.86
CA GLU A 12 3.59 -4.81 -5.34
C GLU A 12 2.57 -4.61 -6.47
N LYS A 13 2.32 -5.66 -7.24
CA LYS A 13 1.31 -5.52 -8.32
C LYS A 13 -0.09 -5.34 -7.79
N VAL A 14 -0.38 -5.92 -6.64
CA VAL A 14 -1.73 -5.84 -6.08
C VAL A 14 -1.88 -4.43 -5.54
N LEU A 15 -0.82 -3.87 -5.02
CA LEU A 15 -0.84 -2.55 -4.42
C LEU A 15 -0.95 -1.51 -5.52
N CYS A 16 -0.24 -1.70 -6.62
CA CYS A 16 -0.42 -0.84 -7.78
C CYS A 16 -1.89 -0.82 -8.24
N ALA A 17 -2.56 -1.95 -8.15
CA ALA A 17 -3.95 -1.98 -8.61
C ALA A 17 -4.85 -1.24 -7.63
N LEU A 18 -4.58 -1.47 -6.38
CA LEU A 18 -5.29 -0.84 -5.32
C LEU A 18 -5.10 0.70 -5.29
N TYR A 19 -3.91 1.16 -5.68
CA TYR A 19 -3.62 2.59 -5.80
C TYR A 19 -4.46 3.13 -6.96
N ALA A 20 -4.43 2.44 -8.10
CA ALA A 20 -5.14 2.88 -9.29
C ALA A 20 -6.65 2.97 -9.08
N GLU A 21 -7.20 2.05 -8.31
CA GLU A 21 -8.64 2.02 -8.06
C GLU A 21 -9.11 3.30 -7.35
N ILE A 22 -8.27 3.80 -6.46
CA ILE A 22 -8.59 4.99 -5.68
C ILE A 22 -8.27 6.25 -6.48
N LEU A 23 -7.17 6.21 -7.23
CA LEU A 23 -6.69 7.38 -7.95
C LEU A 23 -7.38 7.60 -9.31
N GLY A 24 -8.02 6.56 -9.84
CA GLY A 24 -8.72 6.69 -11.10
C GLY A 24 -7.78 6.70 -12.31
N VAL A 25 -6.68 5.96 -12.24
CA VAL A 25 -5.71 5.93 -13.33
C VAL A 25 -5.67 4.61 -14.08
N GLU A 26 -5.08 4.64 -15.26
CA GLU A 26 -4.87 3.46 -16.07
C GLU A 26 -3.87 2.51 -15.43
N ARG A 27 -2.85 3.06 -14.76
CA ARG A 27 -1.77 2.24 -14.18
C ARG A 27 -0.95 3.01 -13.17
N VAL A 28 -0.33 2.25 -12.27
CA VAL A 28 0.58 2.80 -11.26
C VAL A 28 1.85 1.96 -11.31
N GLY A 29 3.01 2.61 -11.33
CA GLY A 29 4.27 1.90 -11.30
C GLY A 29 4.65 1.65 -9.86
N VAL A 30 5.59 0.75 -9.62
CA VAL A 30 5.98 0.43 -8.24
C VAL A 30 6.85 1.53 -7.65
N ASP A 31 7.24 2.45 -8.51
CA ASP A 31 8.05 3.60 -8.16
C ASP A 31 7.25 4.89 -8.09
N ASP A 32 5.96 4.80 -8.38
CA ASP A 32 5.05 5.93 -8.24
C ASP A 32 4.60 6.03 -6.81
N ALA A 33 4.85 7.15 -6.17
CA ALA A 33 4.38 7.33 -4.82
C ALA A 33 2.88 7.64 -4.86
N PHE A 34 2.17 7.27 -3.81
CA PHE A 34 0.74 7.55 -3.71
C PHE A 34 0.51 9.06 -3.82
N HIS A 35 1.43 9.83 -3.26
CA HIS A 35 1.37 11.30 -3.32
C HIS A 35 1.76 11.86 -4.69
N ASP A 36 2.65 11.17 -5.40
CA ASP A 36 3.11 11.60 -6.73
C ASP A 36 1.98 11.46 -7.75
N LEU A 37 1.02 10.58 -7.42
CA LEU A 37 -0.18 10.41 -8.22
C LEU A 37 -1.24 11.47 -7.87
N GLY A 38 -0.94 12.33 -6.91
CA GLY A 38 -1.89 13.33 -6.45
C GLY A 38 -2.70 12.88 -5.26
N GLY A 39 -2.42 11.68 -4.77
CA GLY A 39 -3.14 11.15 -3.62
C GLY A 39 -2.82 11.89 -2.34
N SER A 40 -3.74 11.84 -1.39
CA SER A 40 -3.59 12.53 -0.11
C SER A 40 -3.56 11.53 1.02
N SER A 41 -3.09 11.94 2.20
CA SER A 41 -3.03 11.07 3.38
C SER A 41 -4.39 10.51 3.77
N ALA A 42 -5.45 11.29 3.57
CA ALA A 42 -6.81 10.84 3.88
C ALA A 42 -7.20 9.65 2.98
N LEU A 43 -6.78 9.70 1.71
CA LEU A 43 -7.09 8.63 0.76
C LEU A 43 -6.23 7.43 1.11
N ALA A 44 -5.02 7.68 1.59
CA ALA A 44 -4.11 6.60 2.01
C ALA A 44 -4.65 5.81 3.21
N MET A 45 -5.45 6.44 4.05
CA MET A 45 -6.11 5.73 5.16
C MET A 45 -7.21 4.79 4.61
N ARG A 46 -7.88 5.20 3.55
CA ARG A 46 -8.94 4.37 2.94
C ARG A 46 -8.32 3.21 2.17
N LEU A 47 -7.13 3.45 1.64
CA LEU A 47 -6.35 2.42 0.96
C LEU A 47 -6.12 1.21 1.87
N ILE A 48 -5.90 1.47 3.16
CA ILE A 48 -5.63 0.40 4.11
C ILE A 48 -6.82 -0.57 4.15
N ALA A 49 -8.03 -0.02 4.15
CA ALA A 49 -9.23 -0.82 4.21
C ALA A 49 -9.37 -1.68 2.97
N ARG A 50 -9.13 -1.12 1.80
CA ARG A 50 -9.26 -1.89 0.53
C ARG A 50 -8.21 -2.98 0.48
N ILE A 51 -7.00 -2.69 0.89
CA ILE A 51 -5.94 -3.73 0.97
C ILE A 51 -6.42 -4.86 1.87
N ARG A 52 -7.10 -4.53 2.97
CA ARG A 52 -7.60 -5.57 3.87
C ARG A 52 -8.70 -6.42 3.24
N GLU A 53 -9.57 -5.81 2.44
CA GLU A 53 -10.63 -6.58 1.80
C GLU A 53 -10.04 -7.54 0.75
N GLU A 54 -9.07 -7.07 -0.02
CA GLU A 54 -8.51 -7.85 -1.12
C GLU A 54 -7.46 -8.89 -0.70
N LEU A 55 -6.59 -8.51 0.23
CA LEU A 55 -5.46 -9.36 0.62
C LEU A 55 -5.54 -9.88 2.05
N GLY A 56 -6.48 -9.37 2.85
CA GLY A 56 -6.63 -9.83 4.22
C GLY A 56 -5.60 -9.28 5.20
N VAL A 57 -4.89 -8.25 4.79
CA VAL A 57 -3.81 -7.67 5.62
C VAL A 57 -3.99 -6.18 5.88
N ASP A 58 -3.54 -5.76 7.05
CA ASP A 58 -3.64 -4.37 7.49
C ASP A 58 -2.26 -3.78 7.68
N LEU A 59 -2.14 -2.47 7.53
CA LEU A 59 -0.89 -1.76 7.73
C LEU A 59 -1.23 -0.45 8.43
N PRO A 60 -0.55 -0.11 9.53
CA PRO A 60 -0.92 1.19 10.11
C PRO A 60 -0.46 2.36 9.24
N ILE A 61 -1.17 3.47 9.29
CA ILE A 61 -0.83 4.65 8.49
C ILE A 61 0.56 5.17 8.85
N ARG A 62 1.03 4.85 10.05
CA ARG A 62 2.39 5.20 10.49
C ARG A 62 3.43 4.65 9.53
N GLN A 63 3.27 3.41 9.12
CA GLN A 63 4.23 2.77 8.24
C GLN A 63 4.05 3.26 6.82
N LEU A 64 2.83 3.63 6.47
CA LEU A 64 2.53 4.11 5.13
C LEU A 64 3.23 5.44 4.82
N PHE A 65 3.44 6.27 5.83
CA PHE A 65 4.19 7.52 5.64
C PHE A 65 5.63 7.23 5.19
N SER A 66 6.19 6.13 5.69
CA SER A 66 7.55 5.72 5.33
C SER A 66 7.56 4.83 4.09
N SER A 67 6.37 4.46 3.64
CA SER A 67 6.19 3.55 2.51
C SER A 67 5.24 4.14 1.47
N PRO A 68 5.63 5.25 0.81
CA PRO A 68 4.66 5.90 -0.07
C PRO A 68 4.42 5.21 -1.40
N THR A 69 5.31 4.32 -1.81
CA THR A 69 5.19 3.61 -3.10
C THR A 69 4.67 2.19 -2.87
N PRO A 70 4.12 1.54 -3.93
CA PRO A 70 3.76 0.12 -3.75
C PRO A 70 4.94 -0.75 -3.28
N ALA A 71 6.13 -0.47 -3.78
CA ALA A 71 7.27 -1.25 -3.42
C ALA A 71 7.63 -1.07 -1.97
N GLY A 72 7.28 0.07 -1.39
CA GLY A 72 7.50 0.32 0.02
C GLY A 72 6.47 -0.38 0.86
N VAL A 73 5.21 -0.31 0.45
CA VAL A 73 4.15 -0.95 1.23
C VAL A 73 4.33 -2.46 1.25
N ALA A 74 4.73 -3.06 0.14
CA ALA A 74 4.88 -4.50 0.10
C ALA A 74 5.93 -5.05 1.08
N ARG A 75 7.06 -4.36 1.22
CA ARG A 75 8.08 -4.82 2.16
C ARG A 75 7.64 -4.56 3.59
N ALA A 76 6.87 -3.50 3.77
CA ALA A 76 6.30 -3.19 5.09
C ALA A 76 5.27 -4.28 5.48
N LEU A 77 4.51 -4.77 4.51
CA LEU A 77 3.56 -5.88 4.74
C LEU A 77 4.33 -7.14 5.12
N ALA A 78 5.42 -7.39 4.40
CA ALA A 78 6.21 -8.60 4.60
C ALA A 78 6.78 -8.69 6.02
N ALA A 79 7.02 -7.56 6.65
CA ALA A 79 7.54 -7.53 8.02
C ALA A 79 6.56 -8.19 9.01
N LYS A 80 5.28 -8.19 8.67
CA LYS A 80 4.25 -8.80 9.52
C LYS A 80 4.26 -10.32 9.45
N SER A 81 5.02 -10.90 8.52
CA SER A 81 5.12 -12.35 8.41
C SER A 81 5.94 -12.92 9.56
N ALA A 82 6.66 -12.07 10.27
CA ALA A 82 7.38 -12.49 11.47
C ALA A 82 6.34 -12.72 12.57
N SER A 83 6.64 -13.61 13.51
CA SER A 83 5.72 -13.89 14.61
C SER A 83 5.61 -12.68 15.53
N TRP A 84 4.50 -11.96 15.42
CA TRP A 84 4.28 -10.75 16.21
C TRP A 84 2.82 -10.66 16.63
N SER A 85 2.59 -10.33 17.89
CA SER A 85 1.23 -10.19 18.41
C SER A 85 0.74 -8.79 18.09
N HIS A 86 -0.32 -8.70 17.30
CA HIS A 86 -0.96 -7.42 17.03
C HIS A 86 -1.67 -6.99 18.31
N PRO A 87 -1.83 -5.67 18.53
CA PRO A 87 -2.49 -5.30 19.79
C PRO A 87 -3.97 -5.70 19.82
N GLN A 88 -4.41 -6.16 20.98
CA GLN A 88 -5.78 -6.62 21.17
C GLN A 88 -6.76 -5.48 21.42
N PHE A 89 -8.04 -5.83 21.45
CA PHE A 89 -9.11 -4.90 21.75
C PHE A 89 -10.16 -5.71 22.51
N GLU A 90 -11.11 -5.05 23.15
CA GLU A 90 -12.12 -5.74 23.96
C GLU A 90 -13.27 -6.30 23.09
N LYS A 91 -14.07 -7.18 23.67
CA LYS A 91 -15.16 -7.86 22.95
C LYS A 91 -16.50 -7.26 23.35
N GLY A 1 5.34 8.61 -11.39
CA GLY A 1 6.77 8.93 -11.59
C GLY A 1 7.23 8.59 -12.98
N ALA A 2 8.35 9.15 -13.43
CA ALA A 2 8.83 8.89 -14.80
C ALA A 2 9.44 7.48 -14.90
N MET A 3 10.07 7.05 -13.82
CA MET A 3 10.72 5.74 -13.73
C MET A 3 10.44 5.23 -12.33
N ALA A 4 10.53 3.92 -12.15
CA ALA A 4 10.38 3.28 -10.85
C ALA A 4 11.10 1.94 -10.97
N LYS A 5 11.31 1.26 -9.86
CA LYS A 5 11.87 -0.09 -9.91
C LYS A 5 10.78 -1.04 -10.41
N ALA A 6 11.21 -2.19 -10.88
CA ALA A 6 10.29 -3.25 -11.24
C ALA A 6 9.79 -3.81 -9.91
N PRO A 7 8.57 -4.39 -9.89
CA PRO A 7 8.16 -4.93 -8.58
C PRO A 7 8.98 -6.17 -8.20
N GLU A 8 9.35 -6.26 -6.94
CA GLU A 8 10.13 -7.40 -6.45
C GLU A 8 9.17 -8.43 -5.83
N SER A 9 8.44 -8.02 -4.80
CA SER A 9 7.45 -8.89 -4.18
C SER A 9 6.20 -8.89 -5.05
N ALA A 10 5.54 -10.04 -5.17
CA ALA A 10 4.37 -10.15 -6.02
C ALA A 10 3.26 -9.19 -5.62
N THR A 11 3.11 -8.93 -4.34
CA THR A 11 2.06 -8.04 -3.85
C THR A 11 2.25 -6.59 -4.30
N GLU A 12 3.48 -6.19 -4.59
CA GLU A 12 3.73 -4.80 -4.97
C GLU A 12 2.95 -4.45 -6.23
N LYS A 13 2.82 -5.43 -7.16
CA LYS A 13 2.10 -5.19 -8.40
C LYS A 13 0.61 -5.03 -8.17
N VAL A 14 0.06 -5.66 -7.14
CA VAL A 14 -1.38 -5.59 -6.92
C VAL A 14 -1.68 -4.24 -6.24
N LEU A 15 -0.79 -3.77 -5.38
CA LEU A 15 -0.94 -2.49 -4.71
C LEU A 15 -0.78 -1.38 -5.77
N CYS A 16 0.15 -1.58 -6.68
CA CYS A 16 0.37 -0.67 -7.78
C CYS A 16 -0.87 -0.51 -8.67
N ALA A 17 -1.57 -1.60 -8.85
CA ALA A 17 -2.79 -1.54 -9.67
C ALA A 17 -3.86 -0.73 -8.99
N LEU A 18 -3.99 -0.97 -7.73
CA LEU A 18 -4.97 -0.34 -6.93
C LEU A 18 -4.74 1.21 -6.83
N TYR A 19 -3.48 1.59 -6.81
CA TYR A 19 -3.08 3.00 -6.81
C TYR A 19 -3.48 3.61 -8.15
N ALA A 20 -3.16 2.93 -9.24
CA ALA A 20 -3.41 3.47 -10.58
C ALA A 20 -4.91 3.67 -10.87
N GLU A 21 -5.75 2.72 -10.45
CA GLU A 21 -7.18 2.76 -10.71
C GLU A 21 -7.84 3.94 -10.01
N ILE A 22 -7.46 4.16 -8.75
CA ILE A 22 -8.09 5.20 -7.95
C ILE A 22 -7.66 6.60 -8.45
N LEU A 23 -6.42 6.72 -8.91
CA LEU A 23 -5.94 8.02 -9.35
C LEU A 23 -6.12 8.27 -10.85
N GLY A 24 -6.60 7.26 -11.58
CA GLY A 24 -6.93 7.43 -12.99
C GLY A 24 -5.74 7.70 -13.89
N VAL A 25 -4.62 7.07 -13.59
CA VAL A 25 -3.37 7.34 -14.31
C VAL A 25 -3.10 6.27 -15.37
N GLU A 26 -2.34 6.64 -16.40
CA GLU A 26 -1.99 5.69 -17.46
C GLU A 26 -1.08 4.58 -16.94
N ARG A 27 -0.19 4.94 -16.03
CA ARG A 27 0.78 4.02 -15.45
C ARG A 27 1.22 4.59 -14.13
N VAL A 28 1.52 3.71 -13.19
CA VAL A 28 2.03 4.12 -11.88
C VAL A 28 3.12 3.11 -11.55
N GLY A 29 4.09 3.53 -10.76
CA GLY A 29 5.19 2.67 -10.37
C GLY A 29 5.11 2.31 -8.89
N VAL A 30 5.90 1.33 -8.47
CA VAL A 30 5.90 0.88 -7.05
C VAL A 30 6.62 1.87 -6.12
N ASP A 31 7.26 2.86 -6.69
CA ASP A 31 7.98 3.90 -5.93
C ASP A 31 7.15 5.18 -5.90
N ASP A 32 5.99 5.17 -6.53
CA ASP A 32 5.15 6.37 -6.60
C ASP A 32 4.37 6.48 -5.29
N ALA A 33 4.61 7.55 -4.57
CA ALA A 33 3.93 7.77 -3.31
C ALA A 33 2.50 8.17 -3.63
N PHE A 34 1.54 7.69 -2.85
CA PHE A 34 0.14 8.04 -3.07
C PHE A 34 -0.04 9.57 -2.98
N HIS A 35 0.85 10.20 -2.21
CA HIS A 35 0.86 11.66 -2.09
C HIS A 35 1.54 12.38 -3.26
N ASP A 36 2.53 11.78 -3.91
CA ASP A 36 3.22 12.39 -5.03
C ASP A 36 2.26 12.44 -6.22
N LEU A 37 1.37 11.47 -6.24
CA LEU A 37 0.36 11.35 -7.31
C LEU A 37 -0.83 12.30 -7.11
N GLY A 38 -0.77 13.13 -6.08
CA GLY A 38 -1.86 14.08 -5.82
C GLY A 38 -3.01 13.49 -5.02
N GLY A 39 -2.77 12.36 -4.38
CA GLY A 39 -3.78 11.70 -3.59
C GLY A 39 -4.09 12.46 -2.31
N SER A 40 -5.26 12.19 -1.75
CA SER A 40 -5.74 12.86 -0.54
C SER A 40 -6.20 11.82 0.47
N SER A 41 -6.47 12.25 1.70
CA SER A 41 -6.95 11.35 2.75
C SER A 41 -8.26 10.65 2.37
N ALA A 42 -9.13 11.36 1.66
CA ALA A 42 -10.41 10.79 1.20
C ALA A 42 -10.14 9.62 0.24
N LEU A 43 -9.20 9.83 -0.67
CA LEU A 43 -8.84 8.80 -1.63
C LEU A 43 -8.07 7.68 -0.93
N ALA A 44 -7.29 8.03 0.09
CA ALA A 44 -6.55 7.03 0.84
C ALA A 44 -7.50 6.09 1.59
N MET A 45 -8.58 6.60 2.12
CA MET A 45 -9.58 5.74 2.77
C MET A 45 -10.22 4.81 1.74
N ARG A 46 -10.44 5.29 0.53
CA ARG A 46 -10.96 4.42 -0.54
C ARG A 46 -9.93 3.37 -0.91
N LEU A 47 -8.66 3.74 -0.86
CA LEU A 47 -7.56 2.82 -1.16
C LEU A 47 -7.55 1.68 -0.14
N ILE A 48 -7.78 1.97 1.13
CA ILE A 48 -7.83 0.91 2.15
C ILE A 48 -9.02 0.00 1.84
N ALA A 49 -10.16 0.60 1.52
CA ALA A 49 -11.37 -0.18 1.27
C ALA A 49 -11.21 -1.12 0.05
N ARG A 50 -10.65 -0.62 -1.04
CA ARG A 50 -10.44 -1.45 -2.23
C ARG A 50 -9.45 -2.57 -1.95
N ILE A 51 -8.40 -2.24 -1.22
CA ILE A 51 -7.41 -3.25 -0.82
C ILE A 51 -8.09 -4.34 0.01
N ARG A 52 -9.03 -3.98 0.85
CA ARG A 52 -9.74 -4.97 1.67
C ARG A 52 -10.58 -5.94 0.84
N GLU A 53 -11.13 -5.48 -0.27
CA GLU A 53 -11.92 -6.39 -1.11
C GLU A 53 -10.99 -7.27 -1.97
N GLU A 54 -9.95 -6.69 -2.52
CA GLU A 54 -9.10 -7.40 -3.48
C GLU A 54 -7.99 -8.26 -2.86
N LEU A 55 -7.49 -7.82 -1.73
CA LEU A 55 -6.39 -8.52 -1.04
C LEU A 55 -6.90 -9.16 0.25
N GLY A 56 -7.99 -8.65 0.82
CA GLY A 56 -8.51 -9.22 2.05
C GLY A 56 -7.75 -8.83 3.29
N VAL A 57 -6.98 -7.73 3.20
CA VAL A 57 -6.10 -7.34 4.32
C VAL A 57 -6.42 -5.90 4.79
N ASP A 58 -6.14 -5.63 6.05
CA ASP A 58 -6.39 -4.32 6.66
C ASP A 58 -5.08 -3.78 7.23
N LEU A 59 -4.75 -2.55 6.87
CA LEU A 59 -3.53 -1.88 7.34
C LEU A 59 -3.93 -0.56 7.95
N PRO A 60 -3.31 -0.16 9.07
CA PRO A 60 -3.72 1.13 9.60
C PRO A 60 -3.22 2.29 8.75
N ILE A 61 -3.95 3.40 8.80
CA ILE A 61 -3.57 4.62 8.09
C ILE A 61 -2.20 5.12 8.59
N ARG A 62 -1.80 4.69 9.78
CA ARG A 62 -0.48 5.01 10.32
C ARG A 62 0.62 4.49 9.41
N GLN A 63 0.41 3.30 8.86
CA GLN A 63 1.43 2.69 8.03
C GLN A 63 1.41 3.28 6.65
N LEU A 64 0.26 3.73 6.17
CA LEU A 64 0.19 4.36 4.86
C LEU A 64 0.91 5.71 4.89
N PHE A 65 0.84 6.43 6.00
CA PHE A 65 1.57 7.70 6.11
C PHE A 65 3.07 7.45 6.27
N SER A 66 3.44 6.34 6.89
CA SER A 66 4.84 5.98 7.09
C SER A 66 5.44 5.41 5.80
N SER A 67 4.58 4.85 4.96
CA SER A 67 4.97 4.13 3.77
C SER A 67 3.98 4.40 2.65
N PRO A 68 4.05 5.57 2.02
CA PRO A 68 3.08 5.92 0.99
C PRO A 68 3.29 5.25 -0.36
N THR A 69 4.39 4.52 -0.55
CA THR A 69 4.68 3.85 -1.81
C THR A 69 4.25 2.37 -1.77
N PRO A 70 3.73 1.82 -2.90
CA PRO A 70 3.35 0.39 -2.87
C PRO A 70 4.41 -0.59 -2.40
N ALA A 71 5.67 -0.37 -2.80
CA ALA A 71 6.70 -1.30 -2.44
C ALA A 71 6.91 -1.38 -0.91
N GLY A 72 6.72 -0.25 -0.24
CA GLY A 72 6.80 -0.21 1.19
C GLY A 72 5.57 -0.79 1.88
N VAL A 73 4.40 -0.63 1.27
CA VAL A 73 3.17 -1.19 1.83
C VAL A 73 3.28 -2.73 1.76
N ALA A 74 3.85 -3.25 0.68
CA ALA A 74 4.01 -4.69 0.54
C ALA A 74 4.90 -5.31 1.62
N ARG A 75 6.06 -4.70 1.92
CA ARG A 75 6.94 -5.25 2.95
C ARG A 75 6.31 -5.16 4.33
N ALA A 76 5.48 -4.15 4.54
CA ALA A 76 4.76 -3.99 5.80
C ALA A 76 3.68 -5.07 5.92
N LEU A 77 3.01 -5.37 4.82
CA LEU A 77 1.97 -6.38 4.81
C LEU A 77 2.57 -7.80 4.94
N ALA A 78 3.75 -8.01 4.36
CA ALA A 78 4.43 -9.29 4.50
C ALA A 78 4.71 -9.55 5.99
N ALA A 79 5.05 -8.51 6.75
CA ALA A 79 5.30 -8.69 8.17
C ALA A 79 4.05 -9.11 8.92
N LYS A 80 2.88 -8.73 8.42
CA LYS A 80 1.61 -9.13 9.05
C LYS A 80 1.26 -10.59 8.74
N SER A 81 1.85 -11.13 7.68
CA SER A 81 1.62 -12.53 7.29
C SER A 81 2.60 -13.44 8.04
N ALA A 82 3.76 -12.90 8.38
CA ALA A 82 4.79 -13.66 9.07
C ALA A 82 4.39 -13.84 10.54
N SER A 83 4.87 -14.93 11.14
CA SER A 83 4.60 -15.19 12.54
C SER A 83 5.55 -14.39 13.41
N TRP A 84 5.05 -13.90 14.54
CA TRP A 84 5.84 -13.16 15.49
C TRP A 84 5.31 -13.55 16.87
N SER A 85 5.94 -13.05 17.91
CA SER A 85 5.48 -13.29 19.28
C SER A 85 4.09 -12.68 19.46
N HIS A 86 3.32 -13.23 20.41
CA HIS A 86 1.98 -12.72 20.67
C HIS A 86 2.07 -11.27 21.14
N PRO A 87 1.08 -10.43 20.79
CA PRO A 87 1.18 -9.04 21.24
C PRO A 87 0.94 -8.92 22.75
N GLN A 88 1.58 -7.94 23.36
CA GLN A 88 1.41 -7.69 24.78
C GLN A 88 0.13 -6.91 24.97
N PHE A 89 -0.38 -6.95 26.20
CA PHE A 89 -1.53 -6.16 26.61
C PHE A 89 -1.05 -4.77 26.99
N GLU A 90 -1.91 -3.77 26.80
CA GLU A 90 -1.57 -2.37 27.09
C GLU A 90 -2.06 -1.94 28.46
N LYS A 91 -2.53 -2.90 29.25
CA LYS A 91 -3.06 -2.64 30.58
C LYS A 91 -2.58 -3.73 31.52
N GLY A 1 20.05 5.03 -19.49
CA GLY A 1 18.76 5.74 -19.37
C GLY A 1 17.93 5.17 -18.26
N ALA A 2 16.61 5.26 -18.36
CA ALA A 2 15.73 4.63 -17.37
C ALA A 2 15.85 3.11 -17.53
N MET A 3 15.48 2.38 -16.50
CA MET A 3 15.52 0.92 -16.51
C MET A 3 14.09 0.41 -16.41
N ALA A 4 13.87 -0.85 -16.72
CA ALA A 4 12.54 -1.43 -16.62
C ALA A 4 12.17 -1.53 -15.14
N LYS A 5 11.05 -0.92 -14.76
CA LYS A 5 10.57 -0.95 -13.37
C LYS A 5 9.58 -2.10 -13.26
N ALA A 6 9.66 -2.88 -12.20
CA ALA A 6 8.79 -4.06 -12.03
C ALA A 6 8.57 -4.28 -10.53
N PRO A 7 7.48 -5.00 -10.16
CA PRO A 7 7.33 -5.28 -8.72
C PRO A 7 8.29 -6.38 -8.27
N GLU A 8 8.73 -6.29 -7.03
CA GLU A 8 9.62 -7.31 -6.45
C GLU A 8 8.78 -8.22 -5.55
N SER A 9 7.86 -7.63 -4.80
CA SER A 9 6.97 -8.40 -3.95
C SER A 9 5.57 -8.51 -4.56
N ALA A 10 4.92 -9.66 -4.39
CA ALA A 10 3.61 -9.90 -5.00
C ALA A 10 2.53 -8.91 -4.55
N THR A 11 2.52 -8.55 -3.27
CA THR A 11 1.50 -7.66 -2.71
C THR A 11 1.54 -6.26 -3.35
N GLU A 12 2.71 -5.86 -3.82
CA GLU A 12 2.86 -4.54 -4.41
C GLU A 12 1.93 -4.34 -5.56
N LYS A 13 1.65 -5.44 -6.29
CA LYS A 13 0.78 -5.37 -7.45
C LYS A 13 -0.65 -5.06 -7.07
N VAL A 14 -1.10 -5.50 -5.89
CA VAL A 14 -2.50 -5.31 -5.51
C VAL A 14 -2.64 -3.84 -5.14
N LEU A 15 -1.62 -3.29 -4.49
CA LEU A 15 -1.63 -1.91 -4.03
C LEU A 15 -1.53 -1.01 -5.24
N CYS A 16 -0.68 -1.38 -6.19
CA CYS A 16 -0.56 -0.68 -7.42
C CYS A 16 -1.91 -0.61 -8.14
N ALA A 17 -2.72 -1.65 -8.07
CA ALA A 17 -3.98 -1.64 -8.79
C ALA A 17 -4.98 -0.72 -8.11
N LEU A 18 -4.97 -0.83 -6.82
CA LEU A 18 -5.80 -0.04 -5.97
C LEU A 18 -5.50 1.46 -6.09
N TYR A 19 -4.23 1.81 -6.31
CA TYR A 19 -3.85 3.22 -6.55
C TYR A 19 -4.48 3.69 -7.87
N ALA A 20 -4.36 2.88 -8.91
CA ALA A 20 -4.89 3.24 -10.22
C ALA A 20 -6.41 3.39 -10.23
N GLU A 21 -7.11 2.55 -9.46
CA GLU A 21 -8.58 2.61 -9.39
C GLU A 21 -9.04 3.95 -8.86
N ILE A 22 -8.33 4.44 -7.85
CA ILE A 22 -8.72 5.66 -7.17
C ILE A 22 -8.26 6.90 -7.91
N LEU A 23 -7.07 6.83 -8.51
CA LEU A 23 -6.52 7.97 -9.23
C LEU A 23 -7.11 8.09 -10.63
N GLY A 24 -7.67 6.99 -11.15
CA GLY A 24 -8.27 7.02 -12.47
C GLY A 24 -7.26 7.09 -13.60
N VAL A 25 -6.17 6.33 -13.45
CA VAL A 25 -5.07 6.39 -14.43
C VAL A 25 -4.90 5.11 -15.24
N GLU A 26 -4.21 5.26 -16.34
CA GLU A 26 -3.83 4.15 -17.21
C GLU A 26 -2.76 3.26 -16.56
N ARG A 27 -1.91 3.85 -15.73
CA ARG A 27 -0.77 3.12 -15.17
C ARG A 27 -0.23 3.71 -13.88
N VAL A 28 0.24 2.84 -13.00
CA VAL A 28 0.95 3.22 -11.78
C VAL A 28 2.16 2.29 -11.73
N GLY A 29 3.29 2.79 -11.24
CA GLY A 29 4.46 1.96 -11.00
C GLY A 29 4.58 1.72 -9.50
N VAL A 30 5.33 0.71 -9.08
CA VAL A 30 5.42 0.40 -7.64
C VAL A 30 6.27 1.39 -6.86
N ASP A 31 6.92 2.29 -7.58
CA ASP A 31 7.76 3.33 -7.02
C ASP A 31 7.10 4.71 -7.20
N ASP A 32 5.93 4.72 -7.81
CA ASP A 32 5.17 5.96 -8.01
C ASP A 32 4.52 6.27 -6.67
N ALA A 33 4.80 7.45 -6.15
CA ALA A 33 4.25 7.82 -4.86
C ALA A 33 2.82 8.31 -5.06
N PHE A 34 1.98 8.11 -4.06
CA PHE A 34 0.60 8.56 -4.12
C PHE A 34 0.56 10.08 -4.32
N HIS A 35 1.53 10.79 -3.76
CA HIS A 35 1.63 12.24 -3.95
C HIS A 35 2.19 12.63 -5.33
N ASP A 36 2.93 11.73 -5.99
CA ASP A 36 3.52 12.03 -7.30
C ASP A 36 2.39 11.92 -8.33
N LEU A 37 1.46 11.04 -8.03
CA LEU A 37 0.27 10.84 -8.86
C LEU A 37 -0.76 11.98 -8.65
N GLY A 38 -0.42 12.93 -7.79
CA GLY A 38 -1.33 14.04 -7.51
C GLY A 38 -2.48 13.65 -6.60
N GLY A 39 -2.32 12.58 -5.85
CA GLY A 39 -3.38 12.11 -4.97
C GLY A 39 -3.65 13.06 -3.83
N SER A 40 -4.92 13.19 -3.45
CA SER A 40 -5.31 14.13 -2.40
C SER A 40 -5.61 13.38 -1.11
N SER A 41 -5.68 14.09 0.01
CA SER A 41 -5.96 13.46 1.31
C SER A 41 -7.24 12.64 1.31
N ALA A 42 -8.28 13.16 0.66
CA ALA A 42 -9.54 12.45 0.59
C ALA A 42 -9.40 11.10 -0.15
N LEU A 43 -8.63 11.09 -1.23
CA LEU A 43 -8.39 9.88 -2.00
C LEU A 43 -7.55 8.91 -1.15
N ALA A 44 -6.59 9.45 -0.42
CA ALA A 44 -5.72 8.63 0.41
C ALA A 44 -6.45 7.90 1.53
N MET A 45 -7.41 8.55 2.17
CA MET A 45 -8.21 7.90 3.20
C MET A 45 -9.09 6.81 2.57
N ARG A 46 -9.59 7.05 1.37
CA ARG A 46 -10.38 6.02 0.66
C ARG A 46 -9.48 4.85 0.26
N LEU A 47 -8.21 5.14 -0.03
CA LEU A 47 -7.23 4.13 -0.39
C LEU A 47 -7.03 3.16 0.77
N ILE A 48 -6.99 3.67 1.99
CA ILE A 48 -6.85 2.80 3.16
C ILE A 48 -8.07 1.86 3.22
N ALA A 49 -9.25 2.43 3.05
CA ALA A 49 -10.48 1.66 3.11
C ALA A 49 -10.55 0.61 2.01
N ARG A 50 -10.20 0.97 0.78
CA ARG A 50 -10.27 0.01 -0.34
C ARG A 50 -9.30 -1.13 -0.13
N ILE A 51 -8.10 -0.84 0.37
CA ILE A 51 -7.16 -1.90 0.68
C ILE A 51 -7.74 -2.81 1.77
N ARG A 52 -8.41 -2.24 2.76
CA ARG A 52 -9.00 -3.05 3.82
C ARG A 52 -10.12 -3.91 3.26
N GLU A 53 -10.95 -3.34 2.40
CA GLU A 53 -12.08 -4.06 1.83
C GLU A 53 -11.65 -5.22 0.94
N GLU A 54 -10.56 -5.04 0.20
CA GLU A 54 -10.10 -6.08 -0.74
C GLU A 54 -9.13 -7.09 -0.14
N LEU A 55 -8.19 -6.63 0.69
CA LEU A 55 -7.13 -7.50 1.22
C LEU A 55 -7.34 -7.87 2.69
N GLY A 56 -8.24 -7.17 3.37
CA GLY A 56 -8.53 -7.45 4.77
C GLY A 56 -7.48 -6.91 5.72
N VAL A 57 -6.68 -5.95 5.24
CA VAL A 57 -5.55 -5.45 6.03
C VAL A 57 -5.66 -3.93 6.26
N ASP A 58 -5.15 -3.46 7.37
CA ASP A 58 -5.19 -2.03 7.74
C ASP A 58 -3.78 -1.49 7.88
N LEU A 59 -3.59 -0.25 7.48
CA LEU A 59 -2.32 0.44 7.63
C LEU A 59 -2.64 1.90 7.94
N PRO A 60 -2.16 2.43 9.07
CA PRO A 60 -2.58 3.82 9.35
C PRO A 60 -1.92 4.84 8.43
N ILE A 61 -2.58 5.99 8.27
CA ILE A 61 -2.06 7.08 7.43
C ILE A 61 -0.68 7.55 7.91
N ARG A 62 -0.39 7.33 9.18
CA ARG A 62 0.91 7.69 9.75
C ARG A 62 2.05 6.90 9.09
N GLN A 63 1.78 5.65 8.75
CA GLN A 63 2.75 4.81 8.07
C GLN A 63 2.77 5.16 6.59
N LEU A 64 1.60 5.43 6.03
CA LEU A 64 1.48 5.76 4.60
C LEU A 64 2.28 7.00 4.24
N PHE A 65 2.38 7.96 5.15
CA PHE A 65 3.18 9.17 4.90
C PHE A 65 4.66 8.83 4.73
N SER A 66 5.12 7.79 5.42
CA SER A 66 6.51 7.33 5.33
C SER A 66 6.69 6.29 4.22
N SER A 67 5.59 5.87 3.62
CA SER A 67 5.59 4.85 2.58
C SER A 67 4.53 5.17 1.51
N PRO A 68 4.68 6.28 0.79
CA PRO A 68 3.63 6.64 -0.18
C PRO A 68 3.58 5.82 -1.47
N THR A 69 4.51 4.89 -1.66
CA THR A 69 4.52 4.07 -2.88
C THR A 69 3.93 2.69 -2.60
N PRO A 70 3.39 2.01 -3.65
CA PRO A 70 2.96 0.63 -3.39
C PRO A 70 4.02 -0.28 -2.76
N ALA A 71 5.27 -0.15 -3.20
CA ALA A 71 6.30 -0.99 -2.67
C ALA A 71 6.54 -0.70 -1.19
N GLY A 72 6.39 0.58 -0.83
CA GLY A 72 6.59 0.98 0.55
C GLY A 72 5.53 0.40 1.47
N VAL A 73 4.29 0.46 1.03
CA VAL A 73 3.17 -0.05 1.82
C VAL A 73 3.28 -1.57 1.97
N ALA A 74 3.67 -2.29 0.92
CA ALA A 74 3.77 -3.74 0.99
C ALA A 74 4.76 -4.22 2.06
N ARG A 75 5.94 -3.62 2.12
CA ARG A 75 6.94 -4.06 3.10
C ARG A 75 6.53 -3.67 4.51
N ALA A 76 5.85 -2.54 4.63
CA ALA A 76 5.33 -2.11 5.94
C ALA A 76 4.26 -3.08 6.45
N LEU A 77 3.42 -3.55 5.54
CA LEU A 77 2.38 -4.52 5.88
C LEU A 77 2.99 -5.87 6.26
N ALA A 78 4.05 -6.29 5.53
CA ALA A 78 4.71 -7.54 5.85
C ALA A 78 5.32 -7.45 7.26
N ALA A 79 5.80 -6.26 7.64
CA ALA A 79 6.34 -6.05 8.98
C ALA A 79 5.25 -6.13 10.04
N LYS A 80 4.07 -5.64 9.72
CA LYS A 80 2.94 -5.71 10.66
C LYS A 80 2.53 -7.17 10.89
N SER A 81 2.66 -7.97 9.86
CA SER A 81 2.26 -9.38 9.92
C SER A 81 3.24 -10.20 10.75
N ALA A 82 4.53 -9.91 10.61
CA ALA A 82 5.56 -10.64 11.35
C ALA A 82 5.59 -10.21 12.82
N SER A 83 4.96 -10.99 13.68
CA SER A 83 4.89 -10.69 15.11
C SER A 83 5.12 -11.95 15.92
N TRP A 84 5.73 -11.80 17.11
CA TRP A 84 5.98 -12.94 17.98
C TRP A 84 4.68 -13.35 18.66
N SER A 85 4.41 -14.64 18.72
CA SER A 85 3.18 -15.15 19.32
C SER A 85 3.10 -14.83 20.80
N HIS A 86 1.93 -14.43 21.24
CA HIS A 86 1.69 -14.15 22.65
C HIS A 86 1.43 -15.47 23.37
N PRO A 87 1.69 -15.54 24.69
CA PRO A 87 1.39 -16.80 25.40
C PRO A 87 -0.12 -16.99 25.71
N GLN A 88 -0.93 -16.03 25.26
CA GLN A 88 -2.38 -16.15 25.40
C GLN A 88 -2.92 -16.43 24.03
N PHE A 89 -4.18 -16.81 24.04
CA PHE A 89 -4.84 -17.14 22.83
C PHE A 89 -5.70 -15.93 22.40
N GLU A 90 -5.86 -15.71 21.11
CA GLU A 90 -6.64 -14.62 20.48
C GLU A 90 -6.43 -13.26 21.13
N LYS A 91 -5.23 -13.02 21.61
CA LYS A 91 -4.93 -11.79 22.36
C LYS A 91 -3.45 -11.48 22.19
N GLY A 1 15.43 -0.88 -8.19
CA GLY A 1 15.35 -1.13 -9.65
C GLY A 1 16.03 -0.03 -10.46
N ALA A 2 15.91 -0.11 -11.78
CA ALA A 2 16.49 0.89 -12.71
C ALA A 2 15.53 0.95 -13.91
N MET A 3 15.99 1.42 -15.07
CA MET A 3 15.15 1.38 -16.28
C MET A 3 14.76 -0.07 -16.53
N ALA A 4 15.72 -0.96 -16.32
CA ALA A 4 15.46 -2.39 -16.35
C ALA A 4 14.96 -2.76 -14.95
N LYS A 5 13.79 -3.39 -14.89
CA LYS A 5 13.19 -3.85 -13.62
C LYS A 5 13.12 -2.76 -12.55
N ALA A 6 12.32 -1.75 -12.82
CA ALA A 6 12.05 -0.71 -11.84
C ALA A 6 11.40 -1.23 -10.52
N PRO A 7 10.32 -2.06 -10.61
CA PRO A 7 9.75 -2.50 -9.32
C PRO A 7 10.58 -3.56 -8.63
N GLU A 8 10.33 -3.77 -7.35
CA GLU A 8 11.08 -4.75 -6.57
C GLU A 8 10.22 -6.01 -6.29
N SER A 9 9.05 -5.81 -5.71
CA SER A 9 8.12 -6.92 -5.42
C SER A 9 6.96 -7.00 -6.41
N ALA A 10 6.41 -8.21 -6.60
CA ALA A 10 5.27 -8.39 -7.51
C ALA A 10 4.00 -7.73 -6.97
N THR A 11 3.83 -7.72 -5.66
CA THR A 11 2.65 -7.15 -4.99
C THR A 11 2.48 -5.66 -5.33
N GLU A 12 3.59 -4.99 -5.63
CA GLU A 12 3.55 -3.58 -5.91
C GLU A 12 2.61 -3.26 -7.03
N LYS A 13 2.48 -4.17 -8.01
CA LYS A 13 1.58 -3.93 -9.14
C LYS A 13 0.14 -3.88 -8.70
N VAL A 14 -0.23 -4.68 -7.71
CA VAL A 14 -1.62 -4.78 -7.28
C VAL A 14 -1.89 -3.50 -6.50
N LEU A 15 -0.93 -3.04 -5.72
CA LEU A 15 -1.08 -1.85 -4.89
C LEU A 15 -1.16 -0.61 -5.77
N CYS A 16 -0.35 -0.55 -6.80
CA CYS A 16 -0.49 0.51 -7.78
C CYS A 16 -1.89 0.54 -8.38
N ALA A 17 -2.47 -0.61 -8.66
CA ALA A 17 -3.78 -0.63 -9.31
C ALA A 17 -4.87 -0.17 -8.35
N LEU A 18 -4.70 -0.60 -7.13
CA LEU A 18 -5.56 -0.27 -6.05
C LEU A 18 -5.56 1.24 -5.75
N TYR A 19 -4.41 1.88 -5.89
CA TYR A 19 -4.30 3.34 -5.75
C TYR A 19 -5.05 3.99 -6.91
N ALA A 20 -4.83 3.47 -8.11
CA ALA A 20 -5.41 4.04 -9.33
C ALA A 20 -6.93 4.06 -9.33
N GLU A 21 -7.57 3.04 -8.75
CA GLU A 21 -9.04 2.98 -8.71
C GLU A 21 -9.60 4.16 -7.94
N ILE A 22 -8.97 4.45 -6.81
CA ILE A 22 -9.45 5.49 -5.90
C ILE A 22 -9.08 6.88 -6.40
N LEU A 23 -7.90 7.00 -6.99
CA LEU A 23 -7.41 8.31 -7.42
C LEU A 23 -7.91 8.68 -8.81
N GLY A 24 -8.48 7.73 -9.54
CA GLY A 24 -9.01 8.02 -10.86
C GLY A 24 -7.96 8.23 -11.95
N VAL A 25 -6.86 7.48 -11.86
CA VAL A 25 -5.78 7.62 -12.78
C VAL A 25 -5.60 6.38 -13.61
N GLU A 26 -4.81 6.52 -14.68
CA GLU A 26 -4.57 5.49 -15.61
C GLU A 26 -3.34 4.67 -15.18
N ARG A 27 -2.53 5.24 -14.26
CA ARG A 27 -1.27 4.62 -13.87
C ARG A 27 -0.75 5.18 -12.57
N VAL A 28 -0.13 4.33 -11.78
CA VAL A 28 0.53 4.73 -10.54
C VAL A 28 1.87 4.04 -10.56
N GLY A 29 2.93 4.77 -10.23
CA GLY A 29 4.26 4.20 -10.16
C GLY A 29 4.49 3.66 -8.77
N VAL A 30 5.53 2.86 -8.60
CA VAL A 30 5.83 2.28 -7.28
C VAL A 30 6.43 3.33 -6.34
N ASP A 31 6.72 4.49 -6.93
CA ASP A 31 7.32 5.62 -6.26
C ASP A 31 6.32 6.76 -6.05
N ASP A 32 5.13 6.61 -6.61
CA ASP A 32 4.04 7.58 -6.38
C ASP A 32 3.50 7.37 -4.99
N ALA A 33 3.58 8.41 -4.17
CA ALA A 33 3.03 8.33 -2.85
C ALA A 33 1.53 8.60 -2.93
N PHE A 34 0.75 7.90 -2.12
CA PHE A 34 -0.70 8.12 -2.06
C PHE A 34 -0.98 9.59 -1.77
N HIS A 35 -0.11 10.20 -0.96
CA HIS A 35 -0.19 11.62 -0.66
C HIS A 35 0.05 12.51 -1.88
N ASP A 36 1.04 12.18 -2.70
CA ASP A 36 1.48 13.08 -3.77
C ASP A 36 0.48 13.04 -4.90
N LEU A 37 -0.25 11.94 -5.00
CA LEU A 37 -1.35 11.80 -5.97
C LEU A 37 -2.56 12.63 -5.53
N GLY A 38 -2.50 13.23 -4.35
CA GLY A 38 -3.60 14.02 -3.83
C GLY A 38 -4.54 13.22 -2.95
N GLY A 39 -4.13 12.02 -2.55
CA GLY A 39 -4.95 11.19 -1.70
C GLY A 39 -5.14 11.79 -0.32
N SER A 40 -6.31 11.51 0.25
CA SER A 40 -6.71 12.00 1.59
C SER A 40 -6.61 10.91 2.60
N SER A 41 -6.65 11.27 3.88
CA SER A 41 -6.79 10.27 4.94
C SER A 41 -8.12 9.52 4.82
N ALA A 42 -9.18 10.20 4.38
CA ALA A 42 -10.46 9.54 4.18
C ALA A 42 -10.39 8.51 3.03
N LEU A 43 -9.66 8.83 1.98
CA LEU A 43 -9.49 7.93 0.85
C LEU A 43 -8.57 6.78 1.26
N ALA A 44 -7.59 7.11 2.11
CA ALA A 44 -6.68 6.05 2.61
C ALA A 44 -7.44 4.99 3.39
N MET A 45 -8.42 5.38 4.20
CA MET A 45 -9.25 4.41 4.92
C MET A 45 -9.99 3.48 3.94
N ARG A 46 -10.42 4.01 2.81
CA ARG A 46 -11.11 3.22 1.79
C ARG A 46 -10.11 2.31 1.09
N LEU A 47 -8.88 2.77 0.96
CA LEU A 47 -7.81 1.96 0.38
C LEU A 47 -7.60 0.71 1.22
N ILE A 48 -7.65 0.85 2.54
CA ILE A 48 -7.48 -0.30 3.43
C ILE A 48 -8.58 -1.32 3.18
N ALA A 49 -9.81 -0.84 3.03
CA ALA A 49 -10.94 -1.72 2.82
C ALA A 49 -10.82 -2.49 1.51
N ARG A 50 -10.46 -1.79 0.43
CA ARG A 50 -10.29 -2.43 -0.88
C ARG A 50 -9.10 -3.39 -0.84
N ILE A 51 -8.03 -3.00 -0.17
CA ILE A 51 -6.87 -3.88 -0.02
C ILE A 51 -7.29 -5.15 0.73
N ARG A 52 -8.15 -5.03 1.74
CA ARG A 52 -8.52 -6.20 2.52
C ARG A 52 -9.32 -7.22 1.73
N GLU A 53 -10.15 -6.79 0.79
CA GLU A 53 -10.90 -7.77 0.01
C GLU A 53 -10.07 -8.32 -1.16
N GLU A 54 -9.31 -7.47 -1.78
CA GLU A 54 -8.50 -7.86 -2.94
C GLU A 54 -7.23 -8.66 -2.60
N LEU A 55 -6.61 -8.31 -1.48
CA LEU A 55 -5.35 -8.93 -1.07
C LEU A 55 -5.48 -9.79 0.22
N GLY A 56 -6.53 -9.54 1.00
CA GLY A 56 -6.77 -10.32 2.22
C GLY A 56 -5.97 -9.91 3.42
N VAL A 57 -5.37 -8.69 3.38
CA VAL A 57 -4.46 -8.26 4.42
C VAL A 57 -4.93 -6.99 5.08
N ASP A 58 -4.89 -6.98 6.41
CA ASP A 58 -5.37 -5.85 7.19
C ASP A 58 -4.23 -4.86 7.41
N LEU A 59 -4.19 -3.81 6.60
CA LEU A 59 -3.11 -2.82 6.64
C LEU A 59 -3.45 -1.64 7.59
N PRO A 60 -2.69 -1.46 8.68
CA PRO A 60 -3.08 -0.35 9.55
C PRO A 60 -2.68 1.03 9.01
N ILE A 61 -3.41 2.06 9.43
CA ILE A 61 -3.13 3.45 9.05
C ILE A 61 -1.69 3.84 9.39
N ARG A 62 -1.19 3.37 10.53
CA ARG A 62 0.18 3.67 10.94
C ARG A 62 1.18 3.28 9.87
N GLN A 63 1.00 2.12 9.27
CA GLN A 63 1.94 1.65 8.26
C GLN A 63 1.79 2.43 6.96
N LEU A 64 0.55 2.72 6.58
CA LEU A 64 0.29 3.47 5.36
C LEU A 64 0.94 4.85 5.39
N PHE A 65 0.97 5.48 6.55
CA PHE A 65 1.57 6.81 6.66
C PHE A 65 3.09 6.76 6.69
N SER A 66 3.65 5.64 7.16
CA SER A 66 5.10 5.45 7.16
C SER A 66 5.58 4.89 5.82
N SER A 67 4.64 4.49 4.98
CA SER A 67 4.92 3.88 3.69
C SER A 67 3.84 4.27 2.69
N PRO A 68 3.82 5.53 2.24
CA PRO A 68 2.72 5.93 1.35
C PRO A 68 2.84 5.44 -0.10
N THR A 69 4.01 4.94 -0.49
CA THR A 69 4.20 4.44 -1.86
C THR A 69 3.86 2.94 -1.94
N PRO A 70 3.41 2.45 -3.12
CA PRO A 70 3.17 1.00 -3.21
C PRO A 70 4.35 0.12 -2.83
N ALA A 71 5.57 0.52 -3.17
CA ALA A 71 6.69 -0.29 -2.87
C ALA A 71 6.91 -0.36 -1.36
N GLY A 72 6.58 0.73 -0.66
CA GLY A 72 6.71 0.76 0.79
C GLY A 72 5.71 -0.16 1.44
N VAL A 73 4.49 -0.17 0.92
CA VAL A 73 3.45 -1.03 1.47
C VAL A 73 3.80 -2.50 1.20
N ALA A 74 4.26 -2.83 0.00
CA ALA A 74 4.54 -4.22 -0.33
C ALA A 74 5.60 -4.86 0.56
N ARG A 75 6.68 -4.13 0.80
CA ARG A 75 7.76 -4.66 1.67
C ARG A 75 7.28 -4.76 3.11
N ALA A 76 6.37 -3.89 3.51
CA ALA A 76 5.77 -3.95 4.84
C ALA A 76 4.89 -5.21 4.99
N LEU A 77 4.18 -5.60 3.93
CA LEU A 77 3.35 -6.81 3.99
C LEU A 77 4.24 -8.03 4.19
N ALA A 78 5.38 -8.04 3.52
CA ALA A 78 6.32 -9.17 3.59
C ALA A 78 6.86 -9.39 5.02
N ALA A 79 6.90 -8.34 5.83
CA ALA A 79 7.40 -8.44 7.20
C ALA A 79 6.56 -9.40 8.05
N LYS A 80 5.30 -9.60 7.69
CA LYS A 80 4.42 -10.52 8.42
C LYS A 80 4.91 -11.96 8.35
N SER A 81 5.66 -12.27 7.29
CA SER A 81 6.19 -13.62 7.10
C SER A 81 7.46 -13.80 7.91
N ALA A 82 8.24 -12.73 8.05
CA ALA A 82 9.48 -12.78 8.81
C ALA A 82 9.17 -12.96 10.30
N SER A 83 8.14 -12.28 10.77
CA SER A 83 7.68 -12.43 12.15
C SER A 83 6.25 -11.92 12.23
N TRP A 84 5.39 -12.65 12.93
CA TRP A 84 4.01 -12.21 13.08
C TRP A 84 3.97 -11.07 14.11
N SER A 85 3.13 -10.07 13.83
CA SER A 85 3.00 -8.94 14.74
C SER A 85 2.51 -9.40 16.10
N HIS A 86 3.25 -9.05 17.14
CA HIS A 86 2.87 -9.42 18.50
C HIS A 86 1.57 -8.69 18.86
N PRO A 87 0.70 -9.32 19.68
CA PRO A 87 -0.53 -8.62 20.05
C PRO A 87 -0.29 -7.55 21.12
N GLN A 88 -1.27 -6.67 21.27
CA GLN A 88 -1.22 -5.63 22.28
C GLN A 88 -2.68 -5.31 22.63
N PHE A 89 -2.89 -4.30 23.45
CA PHE A 89 -4.20 -3.79 23.79
C PHE A 89 -4.13 -2.30 23.61
N GLU A 90 -5.24 -1.69 23.20
CA GLU A 90 -5.31 -0.25 22.96
C GLU A 90 -6.71 0.22 23.37
N LYS A 91 -6.92 1.53 23.30
CA LYS A 91 -8.21 2.15 23.65
C LYS A 91 -8.24 3.47 22.90
N GLY A 1 8.67 -0.41 -21.26
CA GLY A 1 9.32 0.92 -21.34
C GLY A 1 10.34 1.10 -20.26
N ALA A 2 11.03 2.24 -20.25
CA ALA A 2 12.03 2.50 -19.21
C ALA A 2 11.28 2.72 -17.88
N MET A 3 11.95 2.40 -16.78
CA MET A 3 11.40 2.58 -15.43
C MET A 3 12.59 2.66 -14.50
N ALA A 4 12.43 3.33 -13.36
CA ALA A 4 13.53 3.50 -12.40
C ALA A 4 13.64 2.30 -11.45
N LYS A 5 12.48 1.72 -11.13
CA LYS A 5 12.39 0.59 -10.21
C LYS A 5 11.38 -0.41 -10.76
N ALA A 6 11.42 -1.62 -10.25
CA ALA A 6 10.49 -2.68 -10.60
C ALA A 6 10.07 -3.29 -9.27
N PRO A 7 8.93 -4.00 -9.18
CA PRO A 7 8.60 -4.55 -7.87
C PRO A 7 9.54 -5.64 -7.42
N GLU A 8 9.74 -5.71 -6.10
CA GLU A 8 10.56 -6.76 -5.50
C GLU A 8 9.63 -7.75 -4.79
N SER A 9 8.59 -7.23 -4.16
CA SER A 9 7.56 -8.05 -3.54
C SER A 9 6.37 -8.23 -4.49
N ALA A 10 5.84 -9.44 -4.54
CA ALA A 10 4.67 -9.74 -5.38
C ALA A 10 3.43 -8.97 -4.92
N THR A 11 3.41 -8.52 -3.67
CA THR A 11 2.26 -7.79 -3.12
C THR A 11 2.14 -6.38 -3.73
N GLU A 12 3.26 -5.84 -4.20
CA GLU A 12 3.27 -4.48 -4.74
C GLU A 12 2.31 -4.34 -5.92
N LYS A 13 2.09 -5.42 -6.64
CA LYS A 13 1.15 -5.38 -7.78
C LYS A 13 -0.29 -5.14 -7.35
N VAL A 14 -0.67 -5.63 -6.17
CA VAL A 14 -2.03 -5.46 -5.71
C VAL A 14 -2.21 -4.04 -5.21
N LEU A 15 -1.14 -3.49 -4.63
CA LEU A 15 -1.18 -2.16 -4.07
C LEU A 15 -1.24 -1.18 -5.23
N CYS A 16 -0.36 -1.30 -6.22
CA CYS A 16 -0.48 -0.51 -7.42
C CYS A 16 -1.86 -0.56 -8.03
N ALA A 17 -2.47 -1.74 -8.10
CA ALA A 17 -3.82 -1.80 -8.67
C ALA A 17 -4.83 -1.00 -7.90
N LEU A 18 -4.82 -1.16 -6.59
CA LEU A 18 -5.71 -0.43 -5.73
C LEU A 18 -5.43 1.09 -5.75
N TYR A 19 -4.18 1.48 -5.94
CA TYR A 19 -3.81 2.89 -6.02
C TYR A 19 -4.46 3.46 -7.28
N ALA A 20 -4.28 2.78 -8.40
CA ALA A 20 -4.77 3.30 -9.68
C ALA A 20 -6.29 3.38 -9.73
N GLU A 21 -6.96 2.41 -9.14
CA GLU A 21 -8.43 2.37 -9.12
C GLU A 21 -8.99 3.58 -8.38
N ILE A 22 -8.34 3.96 -7.29
CA ILE A 22 -8.82 5.06 -6.45
C ILE A 22 -8.44 6.43 -7.02
N LEU A 23 -7.26 6.53 -7.62
CA LEU A 23 -6.80 7.80 -8.18
C LEU A 23 -7.31 8.03 -9.60
N GLY A 24 -7.75 6.97 -10.27
CA GLY A 24 -8.28 7.11 -11.62
C GLY A 24 -7.21 7.33 -12.68
N VAL A 25 -6.06 6.68 -12.52
CA VAL A 25 -4.95 6.87 -13.45
C VAL A 25 -4.78 5.69 -14.42
N GLU A 26 -4.20 5.97 -15.58
CA GLU A 26 -3.97 4.93 -16.60
C GLU A 26 -2.88 3.94 -16.18
N ARG A 27 -1.94 4.43 -15.38
CA ARG A 27 -0.78 3.63 -14.94
C ARG A 27 -0.20 4.24 -13.69
N VAL A 28 0.43 3.42 -12.88
CA VAL A 28 1.11 3.88 -11.66
C VAL A 28 2.30 2.93 -11.48
N GLY A 29 3.36 3.42 -10.87
CA GLY A 29 4.54 2.60 -10.62
C GLY A 29 4.66 2.32 -9.13
N VAL A 30 5.59 1.46 -8.77
CA VAL A 30 5.80 1.12 -7.35
C VAL A 30 6.55 2.20 -6.60
N ASP A 31 7.01 3.20 -7.32
CA ASP A 31 7.80 4.31 -6.78
C ASP A 31 6.93 5.53 -6.55
N ASP A 32 5.70 5.49 -7.04
CA ASP A 32 4.77 6.63 -6.91
C ASP A 32 4.21 6.65 -5.51
N ALA A 33 4.37 7.77 -4.82
CA ALA A 33 3.78 7.92 -3.52
C ALA A 33 2.32 8.28 -3.70
N PHE A 34 1.49 7.86 -2.77
CA PHE A 34 0.07 8.22 -2.79
C PHE A 34 -0.09 9.74 -2.77
N HIS A 35 0.89 10.41 -2.17
CA HIS A 35 0.92 11.87 -2.10
C HIS A 35 1.28 12.51 -3.45
N ASP A 36 2.21 11.88 -4.17
CA ASP A 36 2.71 12.42 -5.45
C ASP A 36 1.61 12.37 -6.49
N LEU A 37 0.75 11.38 -6.34
CA LEU A 37 -0.40 11.20 -7.24
C LEU A 37 -1.51 12.21 -6.96
N GLY A 38 -1.30 13.08 -5.98
CA GLY A 38 -2.31 14.07 -5.63
C GLY A 38 -3.44 13.48 -4.81
N GLY A 39 -3.16 12.39 -4.11
CA GLY A 39 -4.16 11.76 -3.27
C GLY A 39 -4.56 12.59 -2.06
N SER A 40 -5.60 12.13 -1.40
CA SER A 40 -6.14 12.78 -0.19
C SER A 40 -5.97 11.89 1.02
N SER A 41 -6.06 12.50 2.20
CA SER A 41 -6.21 11.70 3.43
C SER A 41 -7.55 10.94 3.38
N ALA A 42 -8.59 11.51 2.76
CA ALA A 42 -9.90 10.84 2.64
C ALA A 42 -9.74 9.60 1.75
N LEU A 43 -9.05 9.77 0.63
CA LEU A 43 -8.83 8.66 -0.31
C LEU A 43 -7.93 7.64 0.37
N ALA A 44 -6.95 8.12 1.14
CA ALA A 44 -6.01 7.24 1.83
C ALA A 44 -6.74 6.34 2.84
N MET A 45 -7.79 6.84 3.47
CA MET A 45 -8.59 6.01 4.37
C MET A 45 -9.40 4.95 3.61
N ARG A 46 -9.89 5.32 2.44
CA ARG A 46 -10.65 4.39 1.61
C ARG A 46 -9.73 3.30 1.07
N LEU A 47 -8.47 3.62 0.85
CA LEU A 47 -7.48 2.65 0.39
C LEU A 47 -7.36 1.48 1.36
N ILE A 48 -7.35 1.76 2.65
CA ILE A 48 -7.22 0.71 3.66
C ILE A 48 -8.41 -0.25 3.56
N ALA A 49 -9.60 0.32 3.42
CA ALA A 49 -10.81 -0.48 3.32
C ALA A 49 -10.81 -1.33 2.05
N ARG A 50 -10.39 -0.77 0.93
CA ARG A 50 -10.39 -1.53 -0.33
C ARG A 50 -9.40 -2.69 -0.25
N ILE A 51 -8.24 -2.46 0.35
CA ILE A 51 -7.26 -3.53 0.54
C ILE A 51 -7.85 -4.60 1.46
N ARG A 52 -8.61 -4.19 2.46
CA ARG A 52 -9.21 -5.16 3.39
C ARG A 52 -10.23 -6.08 2.73
N GLU A 53 -10.90 -5.63 1.70
CA GLU A 53 -11.83 -6.50 0.98
C GLU A 53 -11.08 -7.49 0.10
N GLU A 54 -10.08 -6.99 -0.62
CA GLU A 54 -9.35 -7.81 -1.61
C GLU A 54 -8.33 -8.77 -0.99
N LEU A 55 -7.58 -8.30 -0.01
CA LEU A 55 -6.47 -9.07 0.57
C LEU A 55 -6.71 -9.47 2.04
N GLY A 56 -7.71 -8.85 2.66
CA GLY A 56 -8.04 -9.16 4.05
C GLY A 56 -7.11 -8.57 5.10
N VAL A 57 -6.31 -7.56 4.74
CA VAL A 57 -5.30 -7.05 5.66
C VAL A 57 -5.39 -5.54 5.91
N ASP A 58 -4.96 -5.13 7.08
CA ASP A 58 -5.00 -3.73 7.52
C ASP A 58 -3.63 -3.26 7.97
N LEU A 59 -3.43 -1.95 7.89
CA LEU A 59 -2.24 -1.32 8.44
C LEU A 59 -2.77 -0.01 9.04
N PRO A 60 -2.16 0.48 10.14
CA PRO A 60 -2.66 1.79 10.59
C PRO A 60 -2.27 2.90 9.62
N ILE A 61 -3.04 3.98 9.60
CA ILE A 61 -2.75 5.11 8.70
C ILE A 61 -1.36 5.71 9.02
N ARG A 62 -0.91 5.53 10.26
CA ARG A 62 0.42 6.00 10.65
C ARG A 62 1.50 5.33 9.83
N GLN A 63 1.28 4.07 9.48
CA GLN A 63 2.26 3.32 8.71
C GLN A 63 2.18 3.69 7.24
N LEU A 64 0.98 3.99 6.76
CA LEU A 64 0.81 4.44 5.38
C LEU A 64 1.50 5.78 5.16
N PHE A 65 1.47 6.65 6.16
CA PHE A 65 2.14 7.95 6.06
C PHE A 65 3.65 7.78 6.07
N SER A 66 4.13 6.71 6.68
CA SER A 66 5.56 6.42 6.75
C SER A 66 6.03 5.62 5.54
N SER A 67 5.09 5.23 4.71
CA SER A 67 5.37 4.40 3.53
C SER A 67 4.31 4.63 2.46
N PRO A 68 4.28 5.83 1.84
CA PRO A 68 3.21 6.09 0.87
C PRO A 68 3.34 5.42 -0.50
N THR A 69 4.47 4.81 -0.82
CA THR A 69 4.63 4.10 -2.09
C THR A 69 4.20 2.66 -1.94
N PRO A 70 3.71 2.01 -3.03
CA PRO A 70 3.38 0.58 -2.86
C PRO A 70 4.51 -0.25 -2.34
N ALA A 71 5.72 -0.01 -2.81
CA ALA A 71 6.82 -0.80 -2.39
C ALA A 71 7.07 -0.73 -0.89
N GLY A 72 6.81 0.44 -0.33
CA GLY A 72 6.94 0.64 1.10
C GLY A 72 5.88 -0.10 1.89
N VAL A 73 4.64 -0.02 1.45
CA VAL A 73 3.55 -0.70 2.14
C VAL A 73 3.76 -2.21 2.08
N ALA A 74 4.22 -2.71 0.95
CA ALA A 74 4.39 -4.15 0.78
C ALA A 74 5.39 -4.72 1.77
N ARG A 75 6.54 -4.07 1.97
CA ARG A 75 7.53 -4.61 2.91
C ARG A 75 7.03 -4.52 4.35
N ALA A 76 6.27 -3.47 4.66
CA ALA A 76 5.73 -3.30 6.01
C ALA A 76 4.72 -4.41 6.30
N LEU A 77 3.84 -4.64 5.34
CA LEU A 77 2.82 -5.67 5.47
C LEU A 77 3.49 -7.07 5.54
N ALA A 78 4.50 -7.31 4.72
CA ALA A 78 5.16 -8.59 4.73
C ALA A 78 5.79 -8.88 6.08
N ALA A 79 6.36 -7.85 6.73
CA ALA A 79 6.97 -8.03 8.03
C ALA A 79 5.97 -8.47 9.10
N LYS A 80 4.80 -7.86 9.11
CA LYS A 80 3.79 -8.24 10.12
C LYS A 80 3.07 -9.53 9.74
N SER A 81 3.12 -9.91 8.48
CA SER A 81 2.46 -11.13 8.01
C SER A 81 3.32 -12.37 8.23
N ALA A 82 4.63 -12.23 8.11
CA ALA A 82 5.55 -13.36 8.27
C ALA A 82 5.97 -13.54 9.74
N SER A 83 5.48 -12.65 10.58
CA SER A 83 5.80 -12.71 12.00
C SER A 83 5.06 -13.88 12.66
N TRP A 84 5.79 -14.69 13.40
CA TRP A 84 5.18 -15.80 14.14
C TRP A 84 4.38 -15.25 15.31
N SER A 85 4.75 -14.05 15.75
CA SER A 85 4.07 -13.39 16.85
C SER A 85 2.95 -12.57 16.26
N HIS A 86 1.73 -12.84 16.73
CA HIS A 86 0.56 -12.13 16.24
C HIS A 86 0.64 -10.66 16.67
N PRO A 87 0.18 -9.73 15.80
CA PRO A 87 0.26 -8.33 16.24
C PRO A 87 -0.81 -8.03 17.31
N GLN A 88 -0.58 -7.05 18.17
CA GLN A 88 -1.60 -6.69 19.15
C GLN A 88 -2.71 -5.89 18.53
N PHE A 89 -3.64 -5.58 19.39
CA PHE A 89 -4.81 -4.90 19.05
C PHE A 89 -4.57 -3.36 18.99
N GLU A 90 -3.47 -2.92 19.59
CA GLU A 90 -3.03 -1.54 19.46
C GLU A 90 -2.38 -1.40 18.09
N LYS A 91 -2.64 -0.30 17.41
CA LYS A 91 -2.18 -0.13 16.03
C LYS A 91 -1.33 1.12 15.86
N GLY A 1 14.54 -8.50 -4.27
CA GLY A 1 14.81 -7.79 -3.01
C GLY A 1 15.74 -6.62 -3.22
N ALA A 2 15.31 -5.43 -2.84
CA ALA A 2 16.09 -4.19 -3.01
C ALA A 2 16.58 -3.97 -4.45
N MET A 3 15.73 -4.32 -5.42
CA MET A 3 16.08 -4.17 -6.84
C MET A 3 15.81 -2.75 -7.31
N ALA A 4 15.01 -2.02 -6.51
CA ALA A 4 14.58 -0.66 -6.83
C ALA A 4 13.91 -0.59 -8.21
N LYS A 5 13.27 -1.69 -8.59
CA LYS A 5 12.62 -1.82 -9.88
C LYS A 5 11.61 -2.94 -9.78
N ALA A 6 10.41 -2.69 -10.28
CA ALA A 6 9.30 -3.66 -10.28
C ALA A 6 8.80 -4.01 -8.85
N PRO A 7 7.62 -4.65 -8.72
CA PRO A 7 7.19 -4.92 -7.34
C PRO A 7 8.03 -6.00 -6.66
N GLU A 8 8.26 -5.84 -5.37
CA GLU A 8 9.05 -6.81 -4.60
C GLU A 8 8.12 -7.87 -4.01
N SER A 9 7.14 -7.43 -3.24
CA SER A 9 6.12 -8.34 -2.70
C SER A 9 5.00 -8.46 -3.72
N ALA A 10 4.35 -9.60 -3.77
CA ALA A 10 3.26 -9.82 -4.71
C ALA A 10 2.10 -8.86 -4.49
N THR A 11 1.87 -8.43 -3.27
CA THR A 11 0.80 -7.45 -2.96
C THR A 11 1.07 -6.10 -3.64
N GLU A 12 2.33 -5.72 -3.83
CA GLU A 12 2.63 -4.42 -4.35
C GLU A 12 2.08 -4.21 -5.72
N LYS A 13 1.97 -5.30 -6.49
CA LYS A 13 1.37 -5.16 -7.83
C LYS A 13 -0.10 -4.82 -7.73
N VAL A 14 -0.78 -5.33 -6.71
CA VAL A 14 -2.24 -5.12 -6.56
C VAL A 14 -2.43 -3.68 -6.07
N LEU A 15 -1.57 -3.25 -5.18
CA LEU A 15 -1.66 -1.92 -4.60
C LEU A 15 -1.34 -0.87 -5.68
N CYS A 16 -0.33 -1.15 -6.50
CA CYS A 16 0.02 -0.35 -7.63
C CYS A 16 -1.18 -0.15 -8.58
N ALA A 17 -1.93 -1.22 -8.85
CA ALA A 17 -3.10 -1.12 -9.71
C ALA A 17 -4.18 -0.21 -9.09
N LEU A 18 -4.42 -0.40 -7.80
CA LEU A 18 -5.39 0.38 -7.06
C LEU A 18 -5.02 1.86 -6.99
N TYR A 19 -3.73 2.15 -6.93
CA TYR A 19 -3.26 3.56 -6.90
C TYR A 19 -3.57 4.17 -8.27
N ALA A 20 -3.22 3.47 -9.33
CA ALA A 20 -3.40 3.99 -10.68
C ALA A 20 -4.88 4.21 -11.02
N GLU A 21 -5.73 3.31 -10.56
CA GLU A 21 -7.17 3.38 -10.83
C GLU A 21 -7.79 4.66 -10.27
N ILE A 22 -7.35 5.05 -9.09
CA ILE A 22 -7.92 6.20 -8.41
C ILE A 22 -7.28 7.49 -8.91
N LEU A 23 -5.99 7.45 -9.19
CA LEU A 23 -5.28 8.65 -9.63
C LEU A 23 -5.46 8.92 -11.13
N GLY A 24 -5.95 7.94 -11.87
CA GLY A 24 -6.21 8.13 -13.30
C GLY A 24 -4.99 8.10 -14.17
N VAL A 25 -4.02 7.28 -13.80
CA VAL A 25 -2.71 7.23 -14.48
C VAL A 25 -2.59 5.86 -15.22
N GLU A 26 -1.76 5.78 -16.20
CA GLU A 26 -1.56 4.53 -16.97
C GLU A 26 -0.48 3.65 -16.33
N ARG A 27 0.31 4.24 -15.47
CA ARG A 27 1.49 3.58 -14.89
C ARG A 27 1.88 4.28 -13.63
N VAL A 28 2.25 3.52 -12.61
CA VAL A 28 2.66 4.09 -11.34
C VAL A 28 3.71 3.15 -10.75
N GLY A 29 4.67 3.68 -10.02
CA GLY A 29 5.71 2.85 -9.39
C GLY A 29 5.24 2.36 -8.05
N VAL A 30 5.98 1.41 -7.48
CA VAL A 30 5.68 0.91 -6.13
C VAL A 30 6.32 1.81 -5.08
N ASP A 31 7.10 2.76 -5.57
CA ASP A 31 7.85 3.72 -4.76
C ASP A 31 7.25 5.10 -4.92
N ASP A 32 6.20 5.20 -5.73
CA ASP A 32 5.45 6.47 -5.88
C ASP A 32 4.57 6.63 -4.68
N ALA A 33 4.75 7.76 -4.02
CA ALA A 33 3.95 8.06 -2.86
C ALA A 33 2.58 8.51 -3.37
N PHE A 34 1.53 8.11 -2.66
CA PHE A 34 0.17 8.48 -3.03
C PHE A 34 0.05 10.01 -3.15
N HIS A 35 0.74 10.71 -2.27
CA HIS A 35 0.74 12.18 -2.29
C HIS A 35 1.63 12.80 -3.38
N ASP A 36 2.62 12.08 -3.90
CA ASP A 36 3.49 12.69 -4.93
C ASP A 36 2.69 12.80 -6.22
N LEU A 37 1.76 11.87 -6.36
CA LEU A 37 0.82 11.83 -7.47
C LEU A 37 -0.30 12.87 -7.30
N GLY A 38 -0.22 13.68 -6.26
CA GLY A 38 -1.24 14.68 -5.99
C GLY A 38 -2.41 14.11 -5.20
N GLY A 39 -2.27 12.89 -4.75
CA GLY A 39 -3.33 12.25 -4.00
C GLY A 39 -3.60 12.95 -2.68
N SER A 40 -4.87 12.97 -2.30
CA SER A 40 -5.33 13.62 -1.04
C SER A 40 -5.81 12.62 -0.06
N SER A 41 -6.05 13.06 1.15
CA SER A 41 -6.72 12.24 2.14
C SER A 41 -8.12 11.80 1.63
N ALA A 42 -8.78 12.63 0.85
CA ALA A 42 -10.12 12.30 0.32
C ALA A 42 -10.05 11.07 -0.62
N LEU A 43 -9.06 11.09 -1.50
CA LEU A 43 -8.85 9.99 -2.43
C LEU A 43 -8.31 8.78 -1.69
N ALA A 44 -7.53 9.03 -0.63
CA ALA A 44 -6.91 7.95 0.17
C ALA A 44 -8.04 7.17 0.88
N MET A 45 -9.12 7.83 1.31
CA MET A 45 -10.23 7.10 1.91
C MET A 45 -10.89 6.16 0.89
N ARG A 46 -10.89 6.53 -0.37
CA ARG A 46 -11.41 5.64 -1.43
C ARG A 46 -10.44 4.51 -1.69
N LEU A 47 -9.15 4.76 -1.50
CA LEU A 47 -8.14 3.73 -1.62
C LEU A 47 -8.40 2.64 -0.58
N ILE A 48 -8.80 3.03 0.62
CA ILE A 48 -9.10 2.06 1.67
C ILE A 48 -10.29 1.19 1.21
N ALA A 49 -11.30 1.83 0.65
CA ALA A 49 -12.49 1.11 0.20
C ALA A 49 -12.17 0.09 -0.87
N ARG A 50 -11.42 0.50 -1.89
CA ARG A 50 -11.09 -0.42 -2.99
C ARG A 50 -10.15 -1.51 -2.51
N ILE A 51 -9.18 -1.16 -1.67
CA ILE A 51 -8.30 -2.16 -1.09
C ILE A 51 -9.11 -3.19 -0.31
N ARG A 52 -10.12 -2.75 0.43
CA ARG A 52 -10.93 -3.69 1.20
C ARG A 52 -11.74 -4.60 0.28
N GLU A 53 -12.18 -4.08 -0.85
CA GLU A 53 -12.92 -4.87 -1.81
C GLU A 53 -12.04 -5.91 -2.52
N GLU A 54 -10.87 -5.50 -2.94
CA GLU A 54 -10.03 -6.35 -3.79
C GLU A 54 -9.12 -7.31 -3.01
N LEU A 55 -8.79 -6.95 -1.80
CA LEU A 55 -7.84 -7.69 -0.99
C LEU A 55 -8.50 -8.28 0.25
N GLY A 56 -9.67 -7.78 0.59
CA GLY A 56 -10.37 -8.24 1.77
C GLY A 56 -9.76 -7.73 3.08
N VAL A 57 -8.94 -6.69 3.01
CA VAL A 57 -8.23 -6.20 4.21
C VAL A 57 -8.63 -4.79 4.60
N ASP A 58 -8.80 -4.58 5.89
CA ASP A 58 -9.03 -3.24 6.43
C ASP A 58 -7.66 -2.56 6.55
N LEU A 59 -7.53 -1.39 5.96
CA LEU A 59 -6.32 -0.61 6.10
C LEU A 59 -6.65 0.75 6.68
N PRO A 60 -6.33 0.98 7.96
CA PRO A 60 -6.68 2.28 8.51
C PRO A 60 -5.81 3.40 7.92
N ILE A 61 -6.39 4.59 7.80
CA ILE A 61 -5.70 5.74 7.23
C ILE A 61 -4.42 6.08 8.00
N ARG A 62 -4.35 5.67 9.27
CA ARG A 62 -3.14 5.89 10.07
C ARG A 62 -1.93 5.16 9.49
N GLN A 63 -2.12 3.98 8.90
CA GLN A 63 -1.04 3.26 8.29
C GLN A 63 -0.68 3.87 6.96
N LEU A 64 -1.66 4.38 6.25
CA LEU A 64 -1.40 5.01 4.95
C LEU A 64 -0.51 6.25 5.10
N PHE A 65 -0.70 6.98 6.19
CA PHE A 65 0.15 8.16 6.43
C PHE A 65 1.57 7.72 6.79
N SER A 66 1.70 6.52 7.32
CA SER A 66 3.01 5.98 7.71
C SER A 66 3.67 5.23 6.54
N SER A 67 2.90 4.97 5.50
CA SER A 67 3.36 4.21 4.34
C SER A 67 2.62 4.66 3.07
N PRO A 68 3.00 5.81 2.50
CA PRO A 68 2.25 6.34 1.36
C PRO A 68 2.52 5.61 0.02
N THR A 69 3.57 4.81 -0.06
CA THR A 69 3.91 4.10 -1.30
C THR A 69 3.33 2.69 -1.30
N PRO A 70 3.00 2.10 -2.48
CA PRO A 70 2.52 0.71 -2.46
C PRO A 70 3.47 -0.27 -1.77
N ALA A 71 4.78 -0.11 -1.97
CA ALA A 71 5.73 -0.99 -1.34
C ALA A 71 5.76 -0.85 0.19
N GLY A 72 5.38 0.33 0.66
CA GLY A 72 5.25 0.56 2.09
C GLY A 72 3.96 -0.05 2.62
N VAL A 73 2.87 0.04 1.87
CA VAL A 73 1.59 -0.51 2.32
C VAL A 73 1.67 -2.04 2.39
N ALA A 74 2.34 -2.66 1.43
CA ALA A 74 2.42 -4.11 1.45
C ALA A 74 3.14 -4.66 2.69
N ARG A 75 4.18 -4.01 3.12
CA ARG A 75 4.90 -4.47 4.33
C ARG A 75 4.09 -4.10 5.59
N ALA A 76 3.35 -3.01 5.50
CA ALA A 76 2.47 -2.61 6.60
C ALA A 76 1.36 -3.65 6.83
N LEU A 77 0.85 -4.25 5.75
CA LEU A 77 -0.16 -5.31 5.84
C LEU A 77 0.44 -6.52 6.57
N ALA A 78 1.62 -6.93 6.16
CA ALA A 78 2.27 -8.10 6.76
C ALA A 78 2.55 -7.85 8.25
N ALA A 79 2.90 -6.63 8.60
CA ALA A 79 3.16 -6.27 9.98
C ALA A 79 1.86 -6.33 10.81
N LYS A 80 0.74 -5.90 10.22
CA LYS A 80 -0.56 -5.95 10.91
C LYS A 80 -0.95 -7.40 11.16
N SER A 81 -0.67 -8.25 10.18
CA SER A 81 -1.00 -9.68 10.25
C SER A 81 -0.08 -10.46 11.18
N ALA A 82 1.04 -9.85 11.57
CA ALA A 82 2.05 -10.48 12.44
C ALA A 82 2.51 -11.82 11.86
N SER A 83 3.06 -11.78 10.65
CA SER A 83 3.53 -12.98 9.94
C SER A 83 4.59 -13.78 10.72
N TRP A 84 5.23 -13.15 11.69
CA TRP A 84 6.14 -13.82 12.60
C TRP A 84 6.06 -13.02 13.91
N SER A 85 6.56 -13.61 14.98
CA SER A 85 6.51 -12.98 16.31
C SER A 85 7.23 -11.64 16.34
N HIS A 86 6.73 -10.73 17.17
CA HIS A 86 7.34 -9.42 17.34
C HIS A 86 8.68 -9.61 18.07
N PRO A 87 9.67 -8.73 17.83
CA PRO A 87 11.02 -8.92 18.43
C PRO A 87 11.09 -8.55 19.92
N GLN A 88 10.11 -8.95 20.70
CA GLN A 88 10.06 -8.71 22.13
C GLN A 88 9.16 -9.75 22.74
N PHE A 89 9.24 -9.91 24.04
CA PHE A 89 8.31 -10.76 24.74
C PHE A 89 7.03 -9.98 24.92
N GLU A 90 5.89 -10.66 24.80
CA GLU A 90 4.59 -10.02 24.85
C GLU A 90 3.59 -11.02 25.41
N LYS A 91 2.37 -10.57 25.68
CA LYS A 91 1.31 -11.41 26.24
C LYS A 91 0.03 -10.93 25.58
N GLY A 1 23.73 -8.93 2.68
CA GLY A 1 22.53 -9.48 2.01
C GLY A 1 21.89 -8.47 1.11
N ALA A 2 20.73 -8.78 0.55
CA ALA A 2 20.02 -7.85 -0.34
C ALA A 2 18.52 -8.13 -0.15
N MET A 3 17.66 -7.23 -0.61
CA MET A 3 16.21 -7.43 -0.50
C MET A 3 15.71 -8.47 -1.50
N ALA A 4 16.52 -8.77 -2.52
CA ALA A 4 16.17 -9.71 -3.60
C ALA A 4 14.82 -9.36 -4.22
N LYS A 5 14.58 -8.07 -4.41
CA LYS A 5 13.31 -7.57 -4.92
C LYS A 5 13.58 -6.56 -6.03
N ALA A 6 12.61 -6.38 -6.92
CA ALA A 6 12.70 -5.46 -8.05
C ALA A 6 11.29 -4.84 -8.16
N PRO A 7 11.11 -3.75 -8.95
CA PRO A 7 9.75 -3.23 -9.07
C PRO A 7 8.80 -4.18 -9.81
N GLU A 8 7.51 -3.84 -9.81
CA GLU A 8 6.45 -4.67 -10.39
C GLU A 8 6.38 -6.05 -9.74
N SER A 9 6.64 -6.08 -8.44
CA SER A 9 6.52 -7.31 -7.67
C SER A 9 5.03 -7.69 -7.57
N ALA A 10 4.76 -8.95 -7.31
CA ALA A 10 3.40 -9.46 -7.32
C ALA A 10 2.38 -8.68 -6.48
N THR A 11 2.70 -8.29 -5.25
CA THR A 11 1.76 -7.55 -4.42
C THR A 11 1.63 -6.10 -4.86
N GLU A 12 2.64 -5.57 -5.52
CA GLU A 12 2.62 -4.17 -5.90
C GLU A 12 1.53 -3.95 -6.94
N LYS A 13 1.24 -4.97 -7.76
CA LYS A 13 0.18 -4.84 -8.74
C LYS A 13 -1.19 -4.76 -8.07
N VAL A 14 -1.39 -5.39 -6.91
CA VAL A 14 -2.70 -5.36 -6.25
C VAL A 14 -2.87 -3.99 -5.61
N LEU A 15 -1.79 -3.41 -5.14
CA LEU A 15 -1.82 -2.11 -4.49
C LEU A 15 -2.05 -1.03 -5.55
N CYS A 16 -1.45 -1.18 -6.73
CA CYS A 16 -1.74 -0.28 -7.84
C CYS A 16 -3.21 -0.30 -8.23
N ALA A 17 -3.82 -1.46 -8.16
CA ALA A 17 -5.24 -1.53 -8.47
C ALA A 17 -6.05 -0.75 -7.48
N LEU A 18 -5.72 -0.96 -6.25
CA LEU A 18 -6.37 -0.33 -5.16
C LEU A 18 -6.24 1.24 -5.17
N TYR A 19 -5.11 1.72 -5.64
CA TYR A 19 -4.85 3.14 -5.80
C TYR A 19 -5.70 3.63 -6.98
N ALA A 20 -5.66 2.91 -8.09
CA ALA A 20 -6.35 3.34 -9.32
C ALA A 20 -7.87 3.38 -9.17
N GLU A 21 -8.43 2.47 -8.38
CA GLU A 21 -9.88 2.42 -8.15
C GLU A 21 -10.38 3.69 -7.49
N ILE A 22 -9.59 4.21 -6.59
CA ILE A 22 -9.98 5.37 -5.79
C ILE A 22 -9.68 6.67 -6.56
N LEU A 23 -8.57 6.70 -7.26
CA LEU A 23 -8.18 7.90 -8.01
C LEU A 23 -8.89 8.01 -9.36
N GLY A 24 -9.39 6.89 -9.88
CA GLY A 24 -10.11 6.88 -11.15
C GLY A 24 -9.21 6.93 -12.38
N VAL A 25 -8.04 6.30 -12.28
CA VAL A 25 -7.06 6.33 -13.37
C VAL A 25 -7.00 4.99 -14.12
N GLU A 26 -6.65 5.04 -15.39
CA GLU A 26 -6.58 3.83 -16.22
C GLU A 26 -5.36 2.98 -15.88
N ARG A 27 -4.30 3.62 -15.42
CA ARG A 27 -3.05 2.97 -15.09
C ARG A 27 -2.33 3.83 -14.07
N VAL A 28 -1.52 3.20 -13.23
CA VAL A 28 -0.72 3.90 -12.24
C VAL A 28 0.58 3.09 -12.12
N GLY A 29 1.70 3.75 -11.88
CA GLY A 29 2.97 3.06 -11.73
C GLY A 29 3.22 2.68 -10.29
N VAL A 30 4.23 1.86 -10.05
CA VAL A 30 4.53 1.40 -8.68
C VAL A 30 5.21 2.48 -7.84
N ASP A 31 5.72 3.51 -8.51
CA ASP A 31 6.45 4.59 -7.85
C ASP A 31 5.63 5.87 -7.81
N ASP A 32 4.40 5.79 -8.31
CA ASP A 32 3.50 6.96 -8.33
C ASP A 32 3.02 7.18 -6.90
N ALA A 33 3.30 8.37 -6.37
CA ALA A 33 2.93 8.69 -5.01
C ALA A 33 1.48 9.12 -4.99
N PHE A 34 0.78 8.83 -3.89
CA PHE A 34 -0.61 9.24 -3.72
C PHE A 34 -0.75 10.78 -3.86
N HIS A 35 0.31 11.49 -3.53
CA HIS A 35 0.36 12.94 -3.70
C HIS A 35 0.48 13.36 -5.16
N ASP A 36 1.31 12.66 -5.92
CA ASP A 36 1.56 12.99 -7.32
C ASP A 36 0.28 12.80 -8.13
N LEU A 37 -0.51 11.83 -7.68
CA LEU A 37 -1.81 11.54 -8.27
C LEU A 37 -2.89 12.55 -7.84
N GLY A 38 -2.52 13.50 -7.00
CA GLY A 38 -3.46 14.53 -6.54
C GLY A 38 -4.44 14.05 -5.49
N GLY A 39 -4.14 12.91 -4.86
CA GLY A 39 -5.06 12.33 -3.91
C GLY A 39 -5.08 13.06 -2.58
N SER A 40 -6.21 13.01 -1.89
CA SER A 40 -6.35 13.69 -0.60
C SER A 40 -6.08 12.71 0.53
N SER A 41 -5.76 13.21 1.71
CA SER A 41 -5.60 12.35 2.89
C SER A 41 -6.96 11.74 3.22
N ALA A 42 -8.03 12.42 2.81
CA ALA A 42 -9.38 11.91 2.99
C ALA A 42 -9.61 10.66 2.11
N LEU A 43 -9.03 10.64 0.91
CA LEU A 43 -9.14 9.49 0.03
C LEU A 43 -8.26 8.39 0.59
N ALA A 44 -7.13 8.79 1.19
CA ALA A 44 -6.19 7.85 1.75
C ALA A 44 -6.83 7.04 2.91
N MET A 45 -7.76 7.64 3.62
CA MET A 45 -8.48 6.93 4.67
C MET A 45 -9.32 5.80 4.05
N ARG A 46 -9.86 6.02 2.87
CA ARG A 46 -10.64 4.98 2.18
C ARG A 46 -9.72 3.88 1.68
N LEU A 47 -8.52 4.29 1.28
CA LEU A 47 -7.50 3.36 0.81
C LEU A 47 -7.16 2.38 1.93
N ILE A 48 -7.10 2.85 3.17
CA ILE A 48 -6.80 1.95 4.30
C ILE A 48 -7.86 0.87 4.41
N ALA A 49 -9.12 1.26 4.34
CA ALA A 49 -10.23 0.33 4.51
C ALA A 49 -10.25 -0.73 3.40
N ARG A 50 -10.13 -0.29 2.16
CA ARG A 50 -10.18 -1.22 1.00
C ARG A 50 -8.99 -2.17 1.02
N ILE A 51 -7.83 -1.66 1.41
CA ILE A 51 -6.65 -2.52 1.52
C ILE A 51 -6.91 -3.60 2.59
N ARG A 52 -7.58 -3.25 3.67
CA ARG A 52 -7.87 -4.24 4.71
C ARG A 52 -8.84 -5.32 4.22
N GLU A 53 -9.73 -4.96 3.30
CA GLU A 53 -10.67 -5.93 2.76
C GLU A 53 -9.97 -6.91 1.80
N GLU A 54 -9.09 -6.40 0.97
CA GLU A 54 -8.49 -7.20 -0.10
C GLU A 54 -7.14 -7.84 0.23
N LEU A 55 -6.35 -7.17 1.04
CA LEU A 55 -5.01 -7.67 1.39
C LEU A 55 -4.97 -8.13 2.86
N GLY A 56 -6.00 -7.75 3.63
CA GLY A 56 -6.09 -8.19 5.01
C GLY A 56 -5.10 -7.56 5.99
N VAL A 57 -4.45 -6.47 5.59
CA VAL A 57 -3.50 -5.78 6.47
C VAL A 57 -4.01 -4.45 6.93
N ASP A 58 -3.97 -4.27 8.26
CA ASP A 58 -4.36 -3.00 8.88
C ASP A 58 -3.20 -2.00 8.69
N LEU A 59 -3.39 -1.04 7.80
CA LEU A 59 -2.33 -0.12 7.42
C LEU A 59 -2.49 1.26 8.06
N PRO A 60 -1.62 1.63 9.01
CA PRO A 60 -1.87 2.95 9.60
C PRO A 60 -1.50 4.10 8.67
N ILE A 61 -2.15 5.23 8.86
CA ILE A 61 -1.92 6.43 8.04
C ILE A 61 -0.46 6.91 8.18
N ARG A 62 0.20 6.59 9.29
CA ARG A 62 1.61 6.93 9.45
C ARG A 62 2.47 6.17 8.45
N GLN A 63 2.12 4.93 8.18
CA GLN A 63 2.90 4.13 7.26
C GLN A 63 2.68 4.63 5.85
N LEU A 64 1.45 5.00 5.54
CA LEU A 64 1.15 5.56 4.22
C LEU A 64 1.93 6.84 3.97
N PHE A 65 2.14 7.64 5.00
CA PHE A 65 2.88 8.90 4.82
C PHE A 65 4.38 8.66 4.65
N SER A 66 4.85 7.49 5.07
CA SER A 66 6.26 7.11 4.90
C SER A 66 6.42 6.24 3.64
N SER A 67 5.29 5.85 3.07
CA SER A 67 5.24 4.92 1.94
C SER A 67 4.05 5.29 1.04
N PRO A 68 4.11 6.44 0.36
CA PRO A 68 2.95 6.92 -0.43
C PRO A 68 2.79 6.25 -1.79
N THR A 69 3.71 5.38 -2.17
CA THR A 69 3.65 4.67 -3.45
C THR A 69 3.20 3.22 -3.22
N PRO A 70 2.61 2.56 -4.24
CA PRO A 70 2.33 1.11 -4.06
C PRO A 70 3.53 0.26 -3.67
N ALA A 71 4.70 0.52 -4.26
CA ALA A 71 5.84 -0.29 -3.93
C ALA A 71 6.26 -0.10 -2.46
N GLY A 72 6.05 1.10 -1.96
CA GLY A 72 6.31 1.41 -0.56
C GLY A 72 5.40 0.64 0.39
N VAL A 73 4.14 0.54 0.07
CA VAL A 73 3.21 -0.19 0.93
C VAL A 73 3.54 -1.70 0.87
N ALA A 74 3.97 -2.18 -0.30
CA ALA A 74 4.31 -3.60 -0.43
C ALA A 74 5.51 -4.01 0.43
N ARG A 75 6.54 -3.16 0.51
CA ARG A 75 7.73 -3.48 1.32
C ARG A 75 7.38 -3.41 2.80
N ALA A 76 6.41 -2.56 3.14
CA ALA A 76 5.95 -2.47 4.51
C ALA A 76 5.20 -3.76 4.92
N LEU A 77 4.34 -4.25 4.05
CA LEU A 77 3.61 -5.50 4.31
C LEU A 77 4.58 -6.68 4.41
N ALA A 78 5.62 -6.67 3.59
CA ALA A 78 6.63 -7.71 3.63
C ALA A 78 7.31 -7.72 5.01
N ALA A 79 7.47 -6.55 5.63
CA ALA A 79 8.09 -6.50 6.95
C ALA A 79 7.12 -6.98 8.02
N LYS A 80 5.83 -6.74 7.82
CA LYS A 80 4.82 -7.21 8.77
C LYS A 80 4.74 -8.74 8.74
N SER A 81 4.91 -9.34 7.58
CA SER A 81 4.85 -10.80 7.44
C SER A 81 6.15 -11.46 7.89
N ALA A 82 7.19 -10.68 8.12
CA ALA A 82 8.48 -11.22 8.57
C ALA A 82 8.39 -11.57 10.06
N SER A 83 9.36 -12.36 10.51
CA SER A 83 9.42 -12.77 11.91
C SER A 83 9.72 -11.58 12.80
N TRP A 84 9.29 -11.69 14.05
CA TRP A 84 9.51 -10.68 15.11
C TRP A 84 8.74 -9.37 14.89
N SER A 85 7.78 -9.37 13.99
CA SER A 85 6.90 -8.22 13.82
C SER A 85 5.96 -8.18 15.03
N HIS A 86 5.53 -6.99 15.41
CA HIS A 86 4.68 -6.84 16.59
C HIS A 86 3.30 -7.48 16.30
N PRO A 87 2.75 -8.23 17.26
CA PRO A 87 1.45 -8.86 17.00
C PRO A 87 0.29 -7.87 17.04
N GLN A 88 -0.90 -8.36 16.72
CA GLN A 88 -2.13 -7.60 16.87
C GLN A 88 -3.13 -8.61 17.36
N PHE A 89 -4.31 -8.13 17.69
CA PHE A 89 -5.38 -8.96 18.14
C PHE A 89 -6.33 -9.24 17.01
N GLU A 90 -6.57 -10.53 16.75
CA GLU A 90 -7.55 -10.92 15.77
C GLU A 90 -8.92 -10.87 16.46
N LYS A 91 -9.98 -10.90 15.67
CA LYS A 91 -11.35 -10.78 16.19
C LYS A 91 -12.00 -12.14 16.38
N GLY A 1 17.00 -18.47 -9.66
CA GLY A 1 15.74 -18.14 -8.94
C GLY A 1 15.34 -16.71 -9.18
N ALA A 2 14.32 -16.23 -8.47
CA ALA A 2 13.94 -14.83 -8.58
C ALA A 2 15.04 -13.99 -7.94
N MET A 3 15.14 -12.73 -8.35
CA MET A 3 16.08 -11.80 -7.75
C MET A 3 15.37 -11.12 -6.59
N ALA A 4 16.12 -10.45 -5.72
CA ALA A 4 15.54 -9.70 -4.59
C ALA A 4 16.14 -8.29 -4.64
N LYS A 5 15.32 -7.28 -4.38
CA LYS A 5 15.76 -5.88 -4.45
C LYS A 5 14.83 -4.99 -3.61
N ALA A 6 13.84 -4.39 -4.24
CA ALA A 6 12.86 -3.54 -3.57
C ALA A 6 11.65 -3.30 -4.51
N PRO A 7 11.88 -2.82 -5.77
CA PRO A 7 10.72 -2.89 -6.69
C PRO A 7 10.49 -4.35 -7.12
N GLU A 8 9.49 -4.54 -7.95
CA GLU A 8 9.07 -5.84 -8.49
C GLU A 8 8.45 -6.72 -7.40
N SER A 9 8.05 -6.10 -6.29
CA SER A 9 7.38 -6.82 -5.23
C SER A 9 5.95 -7.14 -5.72
N ALA A 10 5.49 -8.36 -5.49
CA ALA A 10 4.19 -8.79 -6.02
C ALA A 10 3.01 -7.94 -5.55
N THR A 11 3.10 -7.36 -4.37
CA THR A 11 2.03 -6.53 -3.83
C THR A 11 1.84 -5.25 -4.65
N GLU A 12 2.88 -4.78 -5.33
CA GLU A 12 2.81 -3.55 -6.09
C GLU A 12 1.72 -3.56 -7.10
N LYS A 13 1.42 -4.75 -7.66
CA LYS A 13 0.35 -4.88 -8.66
C LYS A 13 -1.00 -4.55 -8.08
N VAL A 14 -1.20 -4.87 -6.80
CA VAL A 14 -2.51 -4.60 -6.19
C VAL A 14 -2.56 -3.12 -5.85
N LEU A 15 -1.44 -2.59 -5.40
CA LEU A 15 -1.38 -1.23 -4.90
C LEU A 15 -1.55 -0.22 -6.01
N CYS A 16 -0.87 -0.39 -7.14
CA CYS A 16 -1.05 0.49 -8.26
C CYS A 16 -2.48 0.45 -8.76
N ALA A 17 -3.13 -0.71 -8.78
CA ALA A 17 -4.52 -0.80 -9.15
C ALA A 17 -5.47 -0.05 -8.21
N LEU A 18 -5.22 -0.25 -6.94
CA LEU A 18 -6.03 0.36 -5.89
C LEU A 18 -5.90 1.87 -5.87
N TYR A 19 -4.75 2.39 -6.25
CA TYR A 19 -4.54 3.84 -6.37
C TYR A 19 -5.39 4.34 -7.53
N ALA A 20 -5.35 3.62 -8.65
CA ALA A 20 -6.07 4.04 -9.86
C ALA A 20 -7.59 4.06 -9.66
N GLU A 21 -8.11 3.14 -8.87
CA GLU A 21 -9.56 3.09 -8.61
C GLU A 21 -10.05 4.37 -7.97
N ILE A 22 -9.29 4.86 -7.02
CA ILE A 22 -9.69 6.01 -6.21
C ILE A 22 -9.41 7.31 -6.97
N LEU A 23 -8.32 7.34 -7.70
CA LEU A 23 -7.91 8.54 -8.44
C LEU A 23 -8.60 8.68 -9.80
N GLY A 24 -9.18 7.59 -10.29
CA GLY A 24 -9.89 7.63 -11.57
C GLY A 24 -8.95 7.76 -12.75
N VAL A 25 -7.75 7.19 -12.63
CA VAL A 25 -6.75 7.29 -13.70
C VAL A 25 -6.58 6.04 -14.52
N GLU A 26 -6.01 6.23 -15.70
CA GLU A 26 -5.70 5.16 -16.62
C GLU A 26 -4.49 4.35 -16.17
N ARG A 27 -3.60 4.99 -15.42
CA ARG A 27 -2.32 4.35 -15.04
C ARG A 27 -1.74 4.90 -13.75
N VAL A 28 -1.06 4.03 -13.02
CA VAL A 28 -0.27 4.40 -11.84
C VAL A 28 1.02 3.60 -11.90
N GLY A 29 2.14 4.28 -11.74
CA GLY A 29 3.43 3.61 -11.72
C GLY A 29 3.78 3.18 -10.31
N VAL A 30 4.86 2.43 -10.16
CA VAL A 30 5.30 2.00 -8.82
C VAL A 30 5.93 3.16 -8.05
N ASP A 31 6.22 4.22 -8.78
CA ASP A 31 6.92 5.39 -8.30
C ASP A 31 6.01 6.62 -8.19
N ASP A 32 4.76 6.48 -8.58
CA ASP A 32 3.78 7.58 -8.45
C ASP A 32 3.37 7.68 -7.00
N ALA A 33 3.57 8.84 -6.37
CA ALA A 33 3.09 9.01 -5.02
C ALA A 33 1.60 9.24 -5.11
N PHE A 34 0.87 8.91 -4.05
CA PHE A 34 -0.57 9.11 -4.02
C PHE A 34 -0.92 10.60 -4.27
N HIS A 35 -0.09 11.49 -3.77
CA HIS A 35 -0.29 12.93 -3.98
C HIS A 35 0.20 13.45 -5.34
N ASP A 36 1.07 12.71 -6.03
CA ASP A 36 1.58 13.16 -7.33
C ASP A 36 0.45 13.05 -8.34
N LEU A 37 -0.41 12.08 -8.08
CA LEU A 37 -1.61 11.84 -8.89
C LEU A 37 -2.70 12.88 -8.59
N GLY A 38 -2.41 13.82 -7.69
CA GLY A 38 -3.38 14.82 -7.29
C GLY A 38 -4.25 14.35 -6.13
N GLY A 39 -3.81 13.27 -5.49
CA GLY A 39 -4.53 12.70 -4.37
C GLY A 39 -4.44 13.54 -3.12
N SER A 40 -5.12 13.09 -2.08
CA SER A 40 -5.20 13.86 -0.84
C SER A 40 -5.17 12.97 0.38
N SER A 41 -4.98 13.51 1.56
CA SER A 41 -4.97 12.68 2.76
C SER A 41 -6.35 12.11 2.98
N ALA A 42 -7.34 12.88 2.58
CA ALA A 42 -8.75 12.50 2.70
C ALA A 42 -9.02 11.30 1.78
N LEU A 43 -8.45 11.30 0.58
CA LEU A 43 -8.65 10.19 -0.35
C LEU A 43 -7.79 9.00 0.09
N ALA A 44 -6.69 9.27 0.71
CA ALA A 44 -5.80 8.19 1.25
C ALA A 44 -6.51 7.37 2.36
N MET A 45 -7.41 8.00 3.09
CA MET A 45 -8.22 7.29 4.07
C MET A 45 -9.07 6.22 3.40
N ARG A 46 -9.50 6.46 2.16
CA ARG A 46 -10.29 5.49 1.42
C ARG A 46 -9.38 4.33 1.02
N LEU A 47 -8.15 4.65 0.66
CA LEU A 47 -7.17 3.65 0.25
C LEU A 47 -6.91 2.68 1.39
N ILE A 48 -6.85 3.18 2.62
CA ILE A 48 -6.58 2.31 3.76
C ILE A 48 -7.68 1.26 3.87
N ALA A 49 -8.93 1.71 3.78
CA ALA A 49 -10.06 0.82 3.91
C ALA A 49 -10.10 -0.21 2.81
N ARG A 50 -9.90 0.21 1.56
CA ARG A 50 -9.96 -0.74 0.42
C ARG A 50 -8.84 -1.75 0.49
N ILE A 51 -7.64 -1.33 0.84
CA ILE A 51 -6.53 -2.27 0.97
C ILE A 51 -6.86 -3.24 2.11
N ARG A 52 -7.41 -2.75 3.20
CA ARG A 52 -7.71 -3.65 4.32
C ARG A 52 -8.80 -4.64 3.93
N GLU A 53 -9.80 -4.16 3.22
CA GLU A 53 -10.91 -5.02 2.77
C GLU A 53 -10.43 -6.13 1.84
N GLU A 54 -9.59 -5.80 0.87
CA GLU A 54 -9.18 -6.75 -0.15
C GLU A 54 -7.98 -7.63 0.22
N LEU A 55 -7.02 -7.06 0.94
CA LEU A 55 -5.77 -7.76 1.27
C LEU A 55 -5.70 -8.19 2.73
N GLY A 56 -6.63 -7.74 3.55
CA GLY A 56 -6.66 -8.11 4.97
C GLY A 56 -5.60 -7.45 5.82
N VAL A 57 -5.02 -6.36 5.35
CA VAL A 57 -3.94 -5.68 6.11
C VAL A 57 -4.28 -4.25 6.52
N ASP A 58 -4.15 -3.97 7.80
CA ASP A 58 -4.38 -2.62 8.33
C ASP A 58 -3.14 -1.77 8.07
N LEU A 59 -3.27 -0.76 7.20
CA LEU A 59 -2.16 0.13 6.87
C LEU A 59 -2.36 1.50 7.53
N PRO A 60 -1.61 1.81 8.60
CA PRO A 60 -1.88 3.12 9.21
C PRO A 60 -1.41 4.29 8.36
N ILE A 61 -2.11 5.42 8.47
CA ILE A 61 -1.81 6.61 7.67
C ILE A 61 -0.37 7.11 7.85
N ARG A 62 0.22 6.90 9.03
CA ARG A 62 1.60 7.32 9.26
C ARG A 62 2.56 6.56 8.38
N GLN A 63 2.26 5.30 8.12
CA GLN A 63 3.11 4.46 7.30
C GLN A 63 2.94 4.83 5.83
N LEU A 64 1.73 5.21 5.46
CA LEU A 64 1.45 5.70 4.10
C LEU A 64 2.23 6.97 3.80
N PHE A 65 2.37 7.84 4.79
CA PHE A 65 3.13 9.07 4.59
C PHE A 65 4.63 8.80 4.56
N SER A 66 5.02 7.65 5.12
CA SER A 66 6.44 7.23 5.10
C SER A 66 6.74 6.44 3.84
N SER A 67 5.71 6.14 3.06
CA SER A 67 5.82 5.35 1.83
C SER A 67 4.65 5.67 0.91
N PRO A 68 4.63 6.86 0.27
CA PRO A 68 3.41 7.23 -0.47
C PRO A 68 3.26 6.56 -1.84
N THR A 69 4.32 5.90 -2.32
CA THR A 69 4.31 5.21 -3.62
C THR A 69 3.99 3.74 -3.42
N PRO A 70 3.42 3.06 -4.44
CA PRO A 70 3.15 1.63 -4.30
C PRO A 70 4.35 0.76 -3.96
N ALA A 71 5.50 1.04 -4.54
CA ALA A 71 6.68 0.25 -4.23
C ALA A 71 7.13 0.47 -2.78
N GLY A 72 6.78 1.60 -2.24
CA GLY A 72 7.08 1.90 -0.85
C GLY A 72 6.20 1.09 0.07
N VAL A 73 4.89 1.12 -0.18
CA VAL A 73 3.93 0.41 0.66
C VAL A 73 4.18 -1.10 0.61
N ALA A 74 4.53 -1.63 -0.55
CA ALA A 74 4.73 -3.07 -0.68
C ALA A 74 5.83 -3.60 0.25
N ARG A 75 6.98 -2.92 0.29
CA ARG A 75 8.06 -3.37 1.16
C ARG A 75 7.76 -3.04 2.62
N ALA A 76 7.00 -1.98 2.84
CA ALA A 76 6.58 -1.60 4.19
C ALA A 76 5.71 -2.70 4.82
N LEU A 77 4.84 -3.30 4.03
CA LEU A 77 3.99 -4.41 4.52
C LEU A 77 4.86 -5.61 4.89
N ALA A 78 5.85 -5.91 4.05
CA ALA A 78 6.73 -7.05 4.30
C ALA A 78 7.53 -6.86 5.59
N ALA A 79 7.97 -5.64 5.85
CA ALA A 79 8.73 -5.33 7.07
C ALA A 79 7.85 -5.56 8.30
N LYS A 80 6.60 -5.17 8.20
CA LYS A 80 5.65 -5.33 9.31
C LYS A 80 5.38 -6.80 9.59
N SER A 81 5.33 -7.60 8.54
CA SER A 81 5.02 -9.03 8.64
C SER A 81 6.03 -9.78 9.52
N ALA A 82 7.26 -9.29 9.56
CA ALA A 82 8.30 -9.91 10.39
C ALA A 82 8.01 -9.82 11.90
N SER A 83 7.02 -9.03 12.28
CA SER A 83 6.64 -8.88 13.69
C SER A 83 5.15 -9.13 13.88
N TRP A 84 4.52 -9.78 12.92
CA TRP A 84 3.09 -10.07 13.01
C TRP A 84 2.84 -11.16 14.07
N SER A 85 1.91 -10.89 14.98
CA SER A 85 1.58 -11.82 16.06
C SER A 85 0.45 -12.76 15.64
N HIS A 86 0.15 -13.75 16.46
CA HIS A 86 -0.96 -14.65 16.17
C HIS A 86 -2.28 -13.86 16.08
N PRO A 87 -3.26 -14.36 15.29
CA PRO A 87 -4.49 -13.57 15.12
C PRO A 87 -5.42 -13.58 16.37
N GLN A 88 -5.14 -14.44 17.36
CA GLN A 88 -5.92 -14.42 18.60
C GLN A 88 -5.39 -13.33 19.50
N PHE A 89 -6.11 -13.12 20.58
CA PHE A 89 -5.69 -12.21 21.63
C PHE A 89 -5.78 -12.97 22.94
N GLU A 90 -5.05 -12.52 23.95
CA GLU A 90 -5.08 -13.14 25.26
C GLU A 90 -5.44 -12.07 26.29
N LYS A 91 -5.75 -12.50 27.50
CA LYS A 91 -6.17 -11.59 28.58
C LYS A 91 -4.98 -11.00 29.31
N GLY A 1 0.94 5.42 -17.74
CA GLY A 1 1.35 4.25 -16.95
C GLY A 1 2.60 3.63 -17.50
N ALA A 2 3.24 2.71 -16.78
CA ALA A 2 4.46 2.07 -17.25
C ALA A 2 4.45 0.61 -16.77
N MET A 3 5.14 -0.26 -17.50
CA MET A 3 5.20 -1.69 -17.17
C MET A 3 6.53 -2.08 -16.54
N ALA A 4 7.41 -1.11 -16.32
CA ALA A 4 8.77 -1.37 -15.86
C ALA A 4 8.85 -2.09 -14.50
N LYS A 5 7.95 -1.78 -13.59
CA LYS A 5 7.94 -2.41 -12.27
C LYS A 5 6.79 -3.39 -12.16
N ALA A 6 7.08 -4.51 -11.52
CA ALA A 6 6.11 -5.55 -11.24
C ALA A 6 6.25 -5.82 -9.75
N PRO A 7 5.24 -6.42 -9.10
CA PRO A 7 5.45 -6.64 -7.66
C PRO A 7 6.49 -7.73 -7.40
N GLU A 8 7.23 -7.56 -6.31
CA GLU A 8 8.26 -8.51 -5.90
C GLU A 8 7.68 -9.35 -4.76
N SER A 9 6.98 -8.69 -3.85
CA SER A 9 6.25 -9.39 -2.79
C SER A 9 4.74 -9.41 -3.09
N ALA A 10 4.05 -10.45 -2.63
CA ALA A 10 2.63 -10.62 -2.93
C ALA A 10 1.71 -9.50 -2.43
N THR A 11 1.99 -8.93 -1.27
CA THR A 11 1.14 -7.89 -0.69
C THR A 11 1.23 -6.59 -1.52
N GLU A 12 2.36 -6.35 -2.17
CA GLU A 12 2.57 -5.13 -2.89
C GLU A 12 1.55 -4.99 -4.00
N LYS A 13 1.11 -6.12 -4.55
CA LYS A 13 0.10 -6.06 -5.61
C LYS A 13 -1.25 -5.58 -5.08
N VAL A 14 -1.57 -5.91 -3.83
CA VAL A 14 -2.89 -5.53 -3.26
C VAL A 14 -2.84 -4.02 -2.98
N LEU A 15 -1.72 -3.56 -2.49
CA LEU A 15 -1.54 -2.14 -2.16
C LEU A 15 -1.52 -1.33 -3.45
N CYS A 16 -0.90 -1.89 -4.47
CA CYS A 16 -0.87 -1.29 -5.78
C CYS A 16 -2.27 -1.11 -6.38
N ALA A 17 -3.12 -2.11 -6.18
CA ALA A 17 -4.51 -2.01 -6.64
C ALA A 17 -5.25 -0.93 -5.85
N LEU A 18 -5.01 -0.89 -4.54
CA LEU A 18 -5.65 0.06 -3.68
C LEU A 18 -5.28 1.50 -4.06
N TYR A 19 -4.07 1.71 -4.54
CA TYR A 19 -3.65 3.04 -4.99
C TYR A 19 -4.40 3.37 -6.28
N ALA A 20 -4.46 2.42 -7.21
CA ALA A 20 -5.11 2.64 -8.51
C ALA A 20 -6.60 2.96 -8.38
N GLU A 21 -7.27 2.30 -7.43
CA GLU A 21 -8.72 2.46 -7.28
C GLU A 21 -9.07 3.89 -6.90
N ILE A 22 -8.24 4.48 -6.07
CA ILE A 22 -8.47 5.82 -5.56
C ILE A 22 -8.02 6.85 -6.61
N LEU A 23 -6.96 6.54 -7.35
CA LEU A 23 -6.39 7.49 -8.30
C LEU A 23 -7.01 7.42 -9.70
N GLY A 24 -7.73 6.35 -10.00
CA GLY A 24 -8.42 6.24 -11.30
C GLY A 24 -7.52 5.98 -12.47
N VAL A 25 -6.42 5.27 -12.20
CA VAL A 25 -5.41 5.01 -13.25
C VAL A 25 -5.49 3.64 -13.87
N GLU A 26 -4.88 3.54 -15.00
CA GLU A 26 -4.73 2.33 -15.76
C GLU A 26 -3.77 1.33 -15.09
N ARG A 27 -2.79 1.84 -14.34
CA ARG A 27 -1.80 1.02 -13.68
C ARG A 27 -1.00 1.87 -12.71
N VAL A 28 -0.57 1.25 -11.62
CA VAL A 28 0.35 1.88 -10.67
C VAL A 28 1.55 0.91 -10.64
N GLY A 29 2.75 1.42 -10.49
CA GLY A 29 3.92 0.57 -10.29
C GLY A 29 4.14 0.48 -8.80
N VAL A 30 4.76 -0.57 -8.31
CA VAL A 30 4.95 -0.73 -6.86
C VAL A 30 5.95 0.26 -6.28
N ASP A 31 6.61 1.03 -7.13
CA ASP A 31 7.59 2.04 -6.69
C ASP A 31 7.06 3.45 -6.93
N ASP A 32 5.79 3.55 -7.30
CA ASP A 32 5.14 4.83 -7.57
C ASP A 32 4.74 5.41 -6.23
N ALA A 33 5.24 6.60 -5.93
CA ALA A 33 4.89 7.26 -4.71
C ALA A 33 3.46 7.77 -4.84
N PHE A 34 2.71 7.78 -3.75
CA PHE A 34 1.34 8.28 -3.78
C PHE A 34 1.26 9.72 -4.29
N HIS A 35 2.26 10.52 -3.99
CA HIS A 35 2.34 11.90 -4.49
C HIS A 35 2.76 11.99 -5.96
N ASP A 36 3.44 10.99 -6.50
CA ASP A 36 3.89 11.03 -7.90
C ASP A 36 2.67 10.84 -8.79
N LEU A 37 1.71 10.10 -8.27
CA LEU A 37 0.43 9.88 -8.94
C LEU A 37 -0.48 11.10 -8.81
N GLY A 38 -0.02 12.13 -8.09
CA GLY A 38 -0.83 13.31 -7.85
C GLY A 38 -1.84 13.15 -6.73
N GLY A 39 -1.63 12.13 -5.91
CA GLY A 39 -2.54 11.87 -4.80
C GLY A 39 -2.51 13.01 -3.81
N SER A 40 -3.69 13.42 -3.37
CA SER A 40 -3.84 14.54 -2.46
C SER A 40 -3.86 14.04 -1.03
N SER A 41 -3.60 14.92 -0.07
CA SER A 41 -3.66 14.56 1.34
C SER A 41 -5.04 13.97 1.70
N ALA A 42 -6.09 14.51 1.10
CA ALA A 42 -7.45 14.03 1.34
C ALA A 42 -7.60 12.57 0.87
N LEU A 43 -6.99 12.25 -0.26
CA LEU A 43 -7.05 10.91 -0.84
C LEU A 43 -6.27 9.93 0.04
N ALA A 44 -5.16 10.44 0.57
CA ALA A 44 -4.26 9.64 1.41
C ALA A 44 -5.03 9.15 2.66
N MET A 45 -5.89 10.00 3.19
CA MET A 45 -6.73 9.62 4.32
C MET A 45 -7.74 8.51 3.93
N ARG A 46 -8.20 8.52 2.69
CA ARG A 46 -9.14 7.48 2.24
C ARG A 46 -8.40 6.17 2.10
N LEU A 47 -7.16 6.23 1.67
CA LEU A 47 -6.33 5.04 1.53
C LEU A 47 -6.17 4.31 2.88
N ILE A 48 -6.09 5.06 3.97
CA ILE A 48 -5.92 4.45 5.28
C ILE A 48 -7.16 3.55 5.57
N ALA A 49 -8.33 4.11 5.31
CA ALA A 49 -9.56 3.40 5.57
C ALA A 49 -9.71 2.20 4.65
N ARG A 50 -9.44 2.40 3.36
CA ARG A 50 -9.63 1.34 2.37
C ARG A 50 -8.63 0.20 2.56
N ILE A 51 -7.41 0.52 2.98
CA ILE A 51 -6.45 -0.54 3.31
C ILE A 51 -6.99 -1.35 4.49
N ARG A 52 -7.56 -0.70 5.49
CA ARG A 52 -8.08 -1.42 6.65
C ARG A 52 -9.29 -2.27 6.27
N GLU A 53 -10.06 -1.81 5.30
CA GLU A 53 -11.21 -2.58 4.84
C GLU A 53 -10.83 -3.82 4.04
N GLU A 54 -9.86 -3.69 3.17
CA GLU A 54 -9.52 -4.78 2.23
C GLU A 54 -8.45 -5.75 2.72
N LEU A 55 -7.59 -5.27 3.59
CA LEU A 55 -6.48 -6.06 4.07
C LEU A 55 -6.64 -6.38 5.55
N GLY A 56 -7.49 -5.63 6.24
CA GLY A 56 -7.69 -5.82 7.67
C GLY A 56 -6.56 -5.30 8.55
N VAL A 57 -5.75 -4.37 8.00
CA VAL A 57 -4.57 -3.94 8.70
C VAL A 57 -4.59 -2.39 8.93
N ASP A 58 -4.28 -1.97 10.11
CA ASP A 58 -4.19 -0.51 10.47
C ASP A 58 -2.77 -0.05 10.21
N LEU A 59 -2.59 0.61 9.08
CA LEU A 59 -1.27 1.18 8.72
C LEU A 59 -1.40 2.72 8.84
N PRO A 60 -0.77 3.32 9.87
CA PRO A 60 -1.01 4.75 10.06
C PRO A 60 -0.34 5.66 9.03
N ILE A 61 -0.92 6.84 8.85
CA ILE A 61 -0.40 7.85 7.94
C ILE A 61 1.04 8.26 8.33
N ARG A 62 1.39 8.06 9.60
CA ARG A 62 2.75 8.34 10.07
C ARG A 62 3.77 7.51 9.31
N GLN A 63 3.48 6.23 9.11
CA GLN A 63 4.39 5.35 8.39
C GLN A 63 4.27 5.55 6.89
N LEU A 64 3.07 5.86 6.43
CA LEU A 64 2.84 6.06 4.99
C LEU A 64 3.65 7.24 4.45
N PHE A 65 3.87 8.27 5.26
CA PHE A 65 4.71 9.40 4.83
C PHE A 65 6.17 8.97 4.62
N SER A 66 6.61 7.98 5.38
CA SER A 66 7.98 7.46 5.26
C SER A 66 8.05 6.30 4.25
N SER A 67 6.89 5.86 3.79
CA SER A 67 6.79 4.75 2.86
C SER A 67 5.69 5.06 1.83
N PRO A 68 5.93 6.01 0.92
CA PRO A 68 4.86 6.45 0.02
C PRO A 68 4.53 5.49 -1.13
N THR A 69 5.40 4.52 -1.40
CA THR A 69 5.19 3.56 -2.49
C THR A 69 4.54 2.28 -1.98
N PRO A 70 3.76 1.56 -2.80
CA PRO A 70 3.22 0.28 -2.33
C PRO A 70 4.27 -0.70 -1.81
N ALA A 71 5.44 -0.76 -2.45
CA ALA A 71 6.48 -1.66 -2.01
C ALA A 71 7.03 -1.28 -0.63
N GLY A 72 7.02 0.01 -0.34
CA GLY A 72 7.44 0.48 0.99
C GLY A 72 6.38 0.16 2.03
N VAL A 73 5.11 0.35 1.70
CA VAL A 73 4.03 0.04 2.64
C VAL A 73 4.03 -1.45 2.98
N ALA A 74 4.28 -2.30 2.00
CA ALA A 74 4.26 -3.75 2.24
C ALA A 74 5.29 -4.18 3.28
N ARG A 75 6.52 -3.67 3.18
CA ARG A 75 7.58 -4.07 4.10
C ARG A 75 7.40 -3.42 5.46
N ALA A 76 6.85 -2.22 5.46
CA ALA A 76 6.48 -1.55 6.72
C ALA A 76 5.43 -2.38 7.47
N LEU A 77 4.45 -2.91 6.74
CA LEU A 77 3.38 -3.71 7.28
C LEU A 77 3.89 -5.10 7.70
N ALA A 78 4.87 -5.66 6.98
CA ALA A 78 5.39 -6.97 7.32
C ALA A 78 5.99 -7.00 8.72
N ALA A 79 6.41 -5.84 9.24
CA ALA A 79 6.90 -5.77 10.62
C ALA A 79 5.85 -6.15 11.66
N LYS A 80 4.58 -6.04 11.30
CA LYS A 80 3.48 -6.40 12.19
C LYS A 80 3.51 -7.88 12.53
N SER A 81 3.92 -8.70 11.57
CA SER A 81 3.96 -10.15 11.74
C SER A 81 5.20 -10.58 12.52
N ALA A 82 6.16 -9.67 12.64
CA ALA A 82 7.38 -9.92 13.42
C ALA A 82 7.15 -9.47 14.88
N SER A 83 5.90 -9.17 15.20
CA SER A 83 5.51 -8.73 16.53
C SER A 83 4.52 -9.74 17.07
N TRP A 84 3.94 -9.47 18.23
CA TRP A 84 3.03 -10.40 18.89
C TRP A 84 1.64 -10.47 18.24
N SER A 85 1.43 -9.69 17.19
CA SER A 85 0.16 -9.72 16.48
C SER A 85 0.05 -11.03 15.72
N HIS A 86 -1.13 -11.63 15.74
CA HIS A 86 -1.33 -12.90 15.06
C HIS A 86 -1.38 -12.68 13.54
N PRO A 87 -0.58 -13.45 12.78
CA PRO A 87 -0.67 -13.27 11.32
C PRO A 87 -1.92 -13.97 10.76
N GLN A 88 -2.20 -13.75 9.48
CA GLN A 88 -3.26 -14.48 8.82
C GLN A 88 -2.87 -15.92 8.62
N PHE A 89 -3.85 -16.73 8.29
CA PHE A 89 -3.63 -18.15 8.02
C PHE A 89 -3.14 -18.42 6.59
N GLU A 90 -2.96 -17.33 5.83
CA GLU A 90 -2.56 -17.38 4.40
C GLU A 90 -3.56 -18.21 3.59
N LYS A 91 -4.81 -18.13 4.03
CA LYS A 91 -5.95 -18.76 3.39
C LYS A 91 -6.93 -17.67 2.99
N GLY A 1 3.67 4.90 -22.42
CA GLY A 1 4.93 4.20 -22.01
C GLY A 1 4.63 3.02 -21.13
N ALA A 2 5.62 2.50 -20.42
CA ALA A 2 5.41 1.39 -19.50
C ALA A 2 6.53 1.51 -18.48
N MET A 3 6.33 0.98 -17.28
CA MET A 3 7.32 1.05 -16.23
C MET A 3 8.30 -0.12 -16.40
N ALA A 4 9.57 0.13 -16.11
CA ALA A 4 10.59 -0.90 -16.22
C ALA A 4 10.60 -1.77 -14.94
N LYS A 5 10.02 -1.24 -13.87
CA LYS A 5 9.97 -1.96 -12.59
C LYS A 5 8.71 -2.83 -12.52
N ALA A 6 8.81 -3.97 -11.84
CA ALA A 6 7.71 -4.89 -11.66
C ALA A 6 7.75 -5.25 -10.17
N PRO A 7 6.63 -5.72 -9.59
CA PRO A 7 6.70 -6.04 -8.16
C PRO A 7 7.57 -7.26 -7.87
N GLU A 8 8.16 -7.29 -6.69
CA GLU A 8 8.92 -8.44 -6.22
C GLU A 8 8.14 -9.15 -5.09
N SER A 9 7.28 -8.42 -4.41
CA SER A 9 6.45 -8.99 -3.34
C SER A 9 5.01 -9.18 -3.82
N ALA A 10 4.38 -10.26 -3.40
CA ALA A 10 3.00 -10.54 -3.77
C ALA A 10 2.02 -9.49 -3.24
N THR A 11 2.36 -8.84 -2.14
CA THR A 11 1.50 -7.82 -1.57
C THR A 11 1.50 -6.53 -2.38
N GLU A 12 2.60 -6.24 -3.07
CA GLU A 12 2.71 -4.97 -3.81
C GLU A 12 1.65 -4.87 -4.88
N LYS A 13 1.24 -6.03 -5.44
CA LYS A 13 0.22 -5.99 -6.47
C LYS A 13 -1.14 -5.57 -5.92
N VAL A 14 -1.41 -5.86 -4.65
CA VAL A 14 -2.70 -5.52 -4.06
C VAL A 14 -2.69 -4.03 -3.75
N LEU A 15 -1.54 -3.51 -3.34
CA LEU A 15 -1.40 -2.12 -2.95
C LEU A 15 -1.46 -1.28 -4.23
N CYS A 16 -0.80 -1.74 -5.29
CA CYS A 16 -0.87 -1.10 -6.57
C CYS A 16 -2.30 -0.97 -7.10
N ALA A 17 -3.09 -1.99 -6.82
CA ALA A 17 -4.48 -1.99 -7.27
C ALA A 17 -5.30 -0.99 -6.51
N LEU A 18 -5.08 -0.98 -5.23
CA LEU A 18 -5.77 -0.11 -4.34
C LEU A 18 -5.44 1.39 -4.62
N TYR A 19 -4.23 1.64 -5.03
CA TYR A 19 -3.79 2.98 -5.43
C TYR A 19 -4.57 3.35 -6.69
N ALA A 20 -4.62 2.45 -7.67
CA ALA A 20 -5.30 2.73 -8.93
C ALA A 20 -6.80 2.99 -8.77
N GLU A 21 -7.47 2.28 -7.88
CA GLU A 21 -8.92 2.47 -7.67
C GLU A 21 -9.22 3.88 -7.19
N ILE A 22 -8.42 4.33 -6.24
CA ILE A 22 -8.63 5.61 -5.58
C ILE A 22 -8.24 6.76 -6.52
N LEU A 23 -7.17 6.57 -7.27
CA LEU A 23 -6.67 7.62 -8.13
C LEU A 23 -7.36 7.67 -9.50
N GLY A 24 -8.02 6.58 -9.88
CA GLY A 24 -8.74 6.52 -11.15
C GLY A 24 -7.82 6.44 -12.35
N VAL A 25 -6.75 5.67 -12.22
CA VAL A 25 -5.74 5.56 -13.28
C VAL A 25 -5.70 4.21 -13.97
N GLU A 26 -5.17 4.23 -15.18
CA GLU A 26 -5.01 3.01 -15.98
C GLU A 26 -3.97 2.07 -15.41
N ARG A 27 -2.95 2.61 -14.73
CA ARG A 27 -1.88 1.78 -14.18
C ARG A 27 -1.10 2.53 -13.12
N VAL A 28 -0.52 1.80 -12.18
CA VAL A 28 0.33 2.36 -11.13
C VAL A 28 1.60 1.50 -11.16
N GLY A 29 2.76 2.13 -10.96
CA GLY A 29 4.01 1.40 -10.85
C GLY A 29 4.33 1.25 -9.38
N VAL A 30 5.18 0.29 -9.04
CA VAL A 30 5.52 0.05 -7.63
C VAL A 30 6.41 1.14 -7.04
N ASP A 31 6.88 2.03 -7.89
CA ASP A 31 7.72 3.14 -7.47
C ASP A 31 6.94 4.44 -7.41
N ASP A 32 5.70 4.39 -7.87
CA ASP A 32 4.86 5.59 -7.96
C ASP A 32 4.40 5.90 -6.55
N ALA A 33 4.74 7.07 -6.04
CA ALA A 33 4.29 7.46 -4.73
C ALA A 33 2.81 7.79 -4.82
N PHE A 34 2.07 7.58 -3.75
CA PHE A 34 0.64 7.90 -3.72
C PHE A 34 0.40 9.37 -4.08
N HIS A 35 1.30 10.25 -3.66
CA HIS A 35 1.18 11.67 -3.97
C HIS A 35 1.79 12.07 -5.33
N ASP A 36 2.64 11.22 -5.91
CA ASP A 36 3.23 11.49 -7.22
C ASP A 36 2.13 11.29 -8.26
N LEU A 37 1.21 10.39 -7.92
CA LEU A 37 0.01 10.15 -8.73
C LEU A 37 -1.04 11.26 -8.58
N GLY A 38 -0.76 12.24 -7.74
CA GLY A 38 -1.71 13.32 -7.48
C GLY A 38 -2.64 13.04 -6.31
N GLY A 39 -2.29 12.09 -5.47
CA GLY A 39 -3.11 11.76 -4.32
C GLY A 39 -3.21 12.90 -3.32
N SER A 40 -4.12 12.78 -2.37
CA SER A 40 -4.35 13.83 -1.38
C SER A 40 -4.38 13.26 0.03
N SER A 41 -4.27 14.12 1.03
CA SER A 41 -4.27 13.69 2.44
C SER A 41 -5.49 12.86 2.80
N ALA A 42 -6.67 13.34 2.45
CA ALA A 42 -7.91 12.62 2.75
C ALA A 42 -7.94 11.25 2.07
N LEU A 43 -7.41 11.20 0.86
CA LEU A 43 -7.37 9.98 0.08
C LEU A 43 -6.40 8.98 0.74
N ALA A 44 -5.29 9.47 1.26
CA ALA A 44 -4.29 8.63 1.92
C ALA A 44 -4.87 7.99 3.19
N MET A 45 -5.78 8.68 3.85
CA MET A 45 -6.42 8.14 5.05
C MET A 45 -7.42 7.04 4.67
N ARG A 46 -8.13 7.23 3.56
CA ARG A 46 -9.09 6.23 3.07
C ARG A 46 -8.38 5.02 2.50
N LEU A 47 -7.19 5.23 1.98
CA LEU A 47 -6.35 4.13 1.47
C LEU A 47 -6.12 3.11 2.56
N ILE A 48 -5.84 3.56 3.77
CA ILE A 48 -5.57 2.65 4.88
C ILE A 48 -6.80 1.78 5.18
N ALA A 49 -7.98 2.39 5.15
CA ALA A 49 -9.22 1.67 5.43
C ALA A 49 -9.51 0.60 4.36
N ARG A 50 -9.28 0.95 3.11
CA ARG A 50 -9.52 0.02 2.00
C ARG A 50 -8.61 -1.19 2.10
N ILE A 51 -7.34 -0.94 2.41
CA ILE A 51 -6.39 -2.04 2.58
C ILE A 51 -6.87 -2.96 3.70
N ARG A 52 -7.40 -2.40 4.77
CA ARG A 52 -7.91 -3.21 5.90
C ARG A 52 -9.08 -4.09 5.43
N GLU A 53 -10.00 -3.53 4.67
CA GLU A 53 -11.17 -4.30 4.21
C GLU A 53 -10.77 -5.47 3.34
N GLU A 54 -9.72 -5.31 2.55
CA GLU A 54 -9.30 -6.37 1.64
C GLU A 54 -8.31 -7.38 2.25
N LEU A 55 -7.34 -6.88 3.00
CA LEU A 55 -6.24 -7.70 3.51
C LEU A 55 -6.25 -7.89 5.06
N GLY A 56 -7.09 -7.15 5.76
CA GLY A 56 -7.20 -7.30 7.22
C GLY A 56 -6.08 -6.72 8.05
N VAL A 57 -5.32 -5.77 7.49
CA VAL A 57 -4.13 -5.25 8.19
C VAL A 57 -4.21 -3.72 8.34
N ASP A 58 -3.68 -3.22 9.43
CA ASP A 58 -3.69 -1.78 9.75
C ASP A 58 -2.27 -1.22 9.68
N LEU A 59 -2.17 0.08 9.39
CA LEU A 59 -0.89 0.75 9.27
C LEU A 59 -1.00 2.21 9.75
N PRO A 60 -0.11 2.66 10.65
CA PRO A 60 -0.28 4.06 11.04
C PRO A 60 0.17 5.02 9.94
N ILE A 61 -0.40 6.22 9.93
CA ILE A 61 -0.05 7.24 8.93
C ILE A 61 1.45 7.64 9.02
N ARG A 62 2.06 7.45 10.19
CA ARG A 62 3.48 7.73 10.36
C ARG A 62 4.32 6.83 9.47
N GLN A 63 3.89 5.60 9.30
CA GLN A 63 4.62 4.63 8.51
C GLN A 63 4.43 4.94 7.04
N LEU A 64 3.24 5.40 6.68
CA LEU A 64 2.94 5.77 5.30
C LEU A 64 3.85 6.91 4.81
N PHE A 65 4.21 7.82 5.71
CA PHE A 65 5.12 8.90 5.35
C PHE A 65 6.51 8.36 4.99
N SER A 66 6.92 7.26 5.58
CA SER A 66 8.19 6.63 5.26
C SER A 66 8.03 5.61 4.13
N SER A 67 6.79 5.34 3.76
CA SER A 67 6.44 4.27 2.82
C SER A 67 5.41 4.77 1.80
N PRO A 68 5.76 5.78 0.97
CA PRO A 68 4.74 6.39 0.11
C PRO A 68 4.38 5.61 -1.17
N THR A 69 5.18 4.62 -1.54
CA THR A 69 4.95 3.83 -2.74
C THR A 69 4.34 2.47 -2.36
N PRO A 70 3.73 1.72 -3.32
CA PRO A 70 3.28 0.36 -2.91
C PRO A 70 4.39 -0.51 -2.33
N ALA A 71 5.58 -0.45 -2.91
CA ALA A 71 6.66 -1.24 -2.42
C ALA A 71 7.02 -0.87 -0.97
N GLY A 72 6.93 0.42 -0.68
CA GLY A 72 7.14 0.90 0.68
C GLY A 72 6.12 0.34 1.66
N VAL A 73 4.86 0.37 1.31
CA VAL A 73 3.83 -0.14 2.22
C VAL A 73 4.00 -1.66 2.37
N ALA A 74 4.43 -2.34 1.31
CA ALA A 74 4.63 -3.79 1.39
C ALA A 74 5.76 -4.20 2.33
N ARG A 75 6.90 -3.50 2.29
CA ARG A 75 8.01 -3.83 3.21
C ARG A 75 7.60 -3.53 4.64
N ALA A 76 6.75 -2.54 4.84
CA ALA A 76 6.24 -2.23 6.17
C ALA A 76 5.30 -3.36 6.66
N LEU A 77 4.45 -3.86 5.77
CA LEU A 77 3.53 -4.96 6.07
C LEU A 77 4.35 -6.21 6.38
N ALA A 78 5.41 -6.45 5.63
CA ALA A 78 6.26 -7.59 5.88
C ALA A 78 6.86 -7.50 7.29
N ALA A 79 7.27 -6.31 7.71
CA ALA A 79 7.83 -6.12 9.03
C ALA A 79 6.80 -6.38 10.12
N LYS A 80 5.57 -5.95 9.87
CA LYS A 80 4.46 -6.20 10.78
C LYS A 80 4.20 -7.69 10.92
N SER A 81 4.30 -8.39 9.80
CA SER A 81 4.04 -9.83 9.76
C SER A 81 5.17 -10.66 10.37
N ALA A 82 6.36 -10.08 10.46
CA ALA A 82 7.53 -10.76 11.02
C ALA A 82 7.64 -10.54 12.54
N SER A 83 6.64 -9.90 13.10
CA SER A 83 6.63 -9.64 14.54
C SER A 83 6.17 -10.88 15.30
N TRP A 84 6.61 -10.99 16.55
CA TRP A 84 6.21 -12.11 17.41
C TRP A 84 4.71 -12.13 17.64
N SER A 85 4.10 -10.96 17.61
CA SER A 85 2.65 -10.85 17.65
C SER A 85 2.15 -11.11 16.24
N HIS A 86 1.60 -12.30 16.02
CA HIS A 86 1.08 -12.68 14.72
C HIS A 86 -0.02 -11.69 14.30
N PRO A 87 -0.19 -11.46 12.99
CA PRO A 87 -1.32 -10.62 12.60
C PRO A 87 -2.62 -11.35 12.89
N GLN A 88 -3.73 -10.63 12.80
CA GLN A 88 -5.03 -11.24 13.05
C GLN A 88 -5.29 -12.37 12.08
N PHE A 89 -6.02 -13.34 12.55
CA PHE A 89 -6.55 -14.42 11.76
C PHE A 89 -7.88 -13.97 11.21
N GLU A 90 -8.51 -13.09 11.95
CA GLU A 90 -9.73 -12.40 11.53
C GLU A 90 -9.31 -11.28 10.58
N LYS A 91 -10.26 -10.51 10.04
CA LYS A 91 -9.91 -9.35 9.20
C LYS A 91 -10.85 -8.18 9.44
N GLY A 1 18.32 -11.76 -3.49
CA GLY A 1 17.29 -12.59 -4.15
C GLY A 1 17.81 -13.16 -5.45
N ALA A 2 17.03 -13.99 -6.13
CA ALA A 2 17.46 -14.56 -7.41
C ALA A 2 17.59 -13.44 -8.47
N MET A 3 16.79 -12.41 -8.30
CA MET A 3 16.81 -11.24 -9.17
C MET A 3 16.73 -10.03 -8.26
N ALA A 4 16.90 -8.84 -8.83
CA ALA A 4 16.72 -7.60 -8.09
C ALA A 4 15.23 -7.47 -7.77
N LYS A 5 14.90 -6.63 -6.79
CA LYS A 5 13.51 -6.44 -6.39
C LYS A 5 12.63 -5.87 -7.50
N ALA A 6 13.18 -4.88 -8.21
CA ALA A 6 12.49 -4.17 -9.30
C ALA A 6 11.27 -3.35 -8.79
N PRO A 7 10.85 -2.31 -9.54
CA PRO A 7 9.68 -1.53 -9.10
C PRO A 7 8.35 -2.28 -9.32
N GLU A 8 8.43 -3.29 -10.16
CA GLU A 8 7.28 -4.11 -10.56
C GLU A 8 7.07 -5.36 -9.69
N SER A 9 7.23 -5.25 -8.38
CA SER A 9 7.03 -6.44 -7.54
C SER A 9 5.55 -6.80 -7.54
N ALA A 10 5.24 -8.08 -7.29
CA ALA A 10 3.88 -8.55 -7.40
C ALA A 10 2.83 -7.81 -6.56
N THR A 11 3.09 -7.53 -5.30
CA THR A 11 2.13 -6.78 -4.50
C THR A 11 2.10 -5.31 -4.92
N GLU A 12 3.21 -4.78 -5.35
CA GLU A 12 3.28 -3.38 -5.68
C GLU A 12 2.38 -3.02 -6.82
N LYS A 13 2.20 -3.96 -7.73
CA LYS A 13 1.28 -3.71 -8.85
C LYS A 13 -0.14 -3.64 -8.42
N VAL A 14 -0.54 -4.34 -7.36
CA VAL A 14 -1.93 -4.40 -6.97
C VAL A 14 -2.20 -3.05 -6.35
N LEU A 15 -1.25 -2.48 -5.62
CA LEU A 15 -1.42 -1.22 -4.95
C LEU A 15 -1.50 -0.10 -5.97
N CYS A 16 -0.68 -0.17 -7.00
CA CYS A 16 -0.75 0.85 -8.03
C CYS A 16 -2.11 0.85 -8.71
N ALA A 17 -2.72 -0.33 -8.82
CA ALA A 17 -4.05 -0.37 -9.42
C ALA A 17 -5.12 0.27 -8.57
N LEU A 18 -5.03 -0.14 -7.37
CA LEU A 18 -5.88 0.13 -6.38
C LEU A 18 -5.83 1.70 -5.98
N TYR A 19 -4.65 2.32 -6.19
CA TYR A 19 -4.49 3.77 -6.06
C TYR A 19 -5.26 4.41 -7.20
N ALA A 20 -5.07 3.90 -8.42
CA ALA A 20 -5.76 4.48 -9.58
C ALA A 20 -7.28 4.36 -9.50
N GLU A 21 -7.78 3.25 -8.96
CA GLU A 21 -9.24 3.06 -8.79
C GLU A 21 -9.83 4.15 -7.91
N ILE A 22 -9.10 4.49 -6.87
CA ILE A 22 -9.59 5.43 -5.87
C ILE A 22 -9.38 6.88 -6.31
N LEU A 23 -8.24 7.15 -6.95
CA LEU A 23 -7.88 8.52 -7.34
C LEU A 23 -8.50 8.91 -8.68
N GLY A 24 -8.84 7.92 -9.51
CA GLY A 24 -9.42 8.21 -10.81
C GLY A 24 -8.40 8.62 -11.85
N VAL A 25 -7.17 8.11 -11.76
CA VAL A 25 -6.10 8.48 -12.69
C VAL A 25 -5.84 7.47 -13.79
N GLU A 26 -5.16 7.95 -14.81
CA GLU A 26 -4.70 7.13 -15.92
C GLU A 26 -3.49 6.26 -15.53
N ARG A 27 -2.69 6.73 -14.57
CA ARG A 27 -1.45 6.03 -14.23
C ARG A 27 -0.98 6.34 -12.82
N VAL A 28 -0.45 5.33 -12.14
CA VAL A 28 0.21 5.49 -10.84
C VAL A 28 1.58 4.82 -10.96
N GLY A 29 2.62 5.53 -10.55
CA GLY A 29 3.96 4.98 -10.53
C GLY A 29 4.18 4.37 -9.16
N VAL A 30 5.10 3.44 -9.04
CA VAL A 30 5.26 2.69 -7.79
C VAL A 30 5.79 3.55 -6.62
N ASP A 31 6.36 4.71 -6.93
CA ASP A 31 6.83 5.64 -5.88
C ASP A 31 6.01 6.93 -5.85
N ASP A 32 4.85 6.90 -6.47
CA ASP A 32 3.91 8.05 -6.44
C ASP A 32 3.25 7.99 -5.09
N ALA A 33 3.40 9.04 -4.31
CA ALA A 33 2.81 9.06 -3.00
C ALA A 33 1.31 9.22 -3.16
N PHE A 34 0.54 8.59 -2.29
CA PHE A 34 -0.92 8.71 -2.31
C PHE A 34 -1.30 10.19 -2.19
N HIS A 35 -0.48 10.93 -1.46
CA HIS A 35 -0.68 12.37 -1.28
C HIS A 35 -0.27 13.21 -2.50
N ASP A 36 0.70 12.76 -3.29
CA ASP A 36 1.16 13.54 -4.45
C ASP A 36 0.07 13.52 -5.51
N LEU A 37 -0.66 12.41 -5.52
CA LEU A 37 -1.81 12.24 -6.40
C LEU A 37 -3.03 13.06 -5.94
N GLY A 38 -2.89 13.76 -4.82
CA GLY A 38 -4.00 14.54 -4.27
C GLY A 38 -4.91 13.72 -3.37
N GLY A 39 -4.47 12.54 -3.00
CA GLY A 39 -5.27 11.67 -2.14
C GLY A 39 -5.50 12.25 -0.76
N SER A 40 -6.71 12.08 -0.26
CA SER A 40 -7.10 12.63 1.04
C SER A 40 -7.29 11.49 2.03
N SER A 41 -7.38 11.81 3.31
CA SER A 41 -7.54 10.81 4.35
C SER A 41 -8.75 9.89 4.16
N ALA A 42 -9.85 10.44 3.65
CA ALA A 42 -11.05 9.64 3.39
C ALA A 42 -10.76 8.58 2.31
N LEU A 43 -10.02 8.96 1.28
CA LEU A 43 -9.69 8.01 0.21
C LEU A 43 -8.69 6.99 0.73
N ALA A 44 -7.81 7.43 1.62
CA ALA A 44 -6.83 6.53 2.22
C ALA A 44 -7.50 5.44 3.06
N MET A 45 -8.61 5.76 3.73
CA MET A 45 -9.36 4.77 4.46
C MET A 45 -10.04 3.80 3.50
N ARG A 46 -10.47 4.27 2.34
CA ARG A 46 -11.07 3.39 1.33
C ARG A 46 -9.99 2.46 0.78
N LEU A 47 -8.76 2.93 0.72
CA LEU A 47 -7.64 2.12 0.26
C LEU A 47 -7.46 0.91 1.16
N ILE A 48 -7.59 1.10 2.47
CA ILE A 48 -7.43 -0.02 3.41
C ILE A 48 -8.51 -1.05 3.13
N ALA A 49 -9.74 -0.59 2.97
CA ALA A 49 -10.86 -1.48 2.71
C ALA A 49 -10.67 -2.29 1.46
N ARG A 50 -10.31 -1.61 0.37
CA ARG A 50 -10.17 -2.25 -0.94
C ARG A 50 -9.03 -3.23 -0.97
N ILE A 51 -7.91 -2.89 -0.35
CA ILE A 51 -6.77 -3.83 -0.30
C ILE A 51 -7.22 -5.06 0.48
N ARG A 52 -7.98 -4.88 1.55
CA ARG A 52 -8.43 -6.04 2.32
C ARG A 52 -9.42 -6.89 1.55
N GLU A 53 -10.26 -6.26 0.74
CA GLU A 53 -11.23 -7.00 -0.06
C GLU A 53 -10.54 -7.83 -1.14
N GLU A 54 -9.54 -7.24 -1.79
CA GLU A 54 -8.88 -7.88 -2.91
C GLU A 54 -7.76 -8.86 -2.52
N LEU A 55 -6.97 -8.47 -1.53
CA LEU A 55 -5.78 -9.26 -1.16
C LEU A 55 -5.94 -9.97 0.19
N GLY A 56 -6.96 -9.64 0.95
CA GLY A 56 -7.18 -10.27 2.24
C GLY A 56 -6.23 -9.81 3.33
N VAL A 57 -5.58 -8.66 3.13
CA VAL A 57 -4.59 -8.15 4.08
C VAL A 57 -5.03 -6.83 4.71
N ASP A 58 -4.83 -6.70 6.01
CA ASP A 58 -5.14 -5.47 6.70
C ASP A 58 -3.89 -4.60 6.76
N LEU A 59 -4.08 -3.29 6.75
CA LEU A 59 -3.00 -2.32 6.83
C LEU A 59 -3.47 -1.15 7.69
N PRO A 60 -2.94 -1.01 8.91
CA PRO A 60 -3.44 0.15 9.65
C PRO A 60 -2.97 1.46 9.03
N ILE A 61 -3.80 2.49 9.15
CA ILE A 61 -3.49 3.81 8.58
C ILE A 61 -2.17 4.36 9.14
N ARG A 62 -1.78 3.86 10.31
CA ARG A 62 -0.52 4.24 10.94
C ARG A 62 0.67 3.88 10.06
N GLN A 63 0.60 2.72 9.42
CA GLN A 63 1.69 2.27 8.57
C GLN A 63 1.64 2.95 7.22
N LEU A 64 0.45 3.36 6.79
CA LEU A 64 0.31 4.07 5.52
C LEU A 64 0.99 5.43 5.57
N PHE A 65 0.98 6.09 6.73
CA PHE A 65 1.71 7.35 6.87
C PHE A 65 3.21 7.15 6.65
N SER A 66 3.71 6.00 7.08
CA SER A 66 5.13 5.65 6.95
C SER A 66 5.44 5.05 5.57
N SER A 67 4.39 4.83 4.79
CA SER A 67 4.53 4.21 3.47
C SER A 67 3.46 4.75 2.53
N PRO A 68 3.56 6.03 2.13
CA PRO A 68 2.50 6.59 1.29
C PRO A 68 2.55 6.13 -0.18
N THR A 69 3.68 5.59 -0.62
CA THR A 69 3.80 5.13 -2.00
C THR A 69 3.47 3.65 -2.06
N PRO A 70 2.98 3.15 -3.22
CA PRO A 70 2.80 1.69 -3.32
C PRO A 70 3.97 0.88 -2.89
N ALA A 71 5.14 1.27 -3.33
CA ALA A 71 6.28 0.43 -3.17
C ALA A 71 6.62 0.32 -1.68
N GLY A 72 6.20 1.34 -0.92
CA GLY A 72 6.36 1.34 0.52
C GLY A 72 5.37 0.42 1.23
N VAL A 73 4.10 0.46 0.86
CA VAL A 73 3.13 -0.40 1.55
C VAL A 73 3.42 -1.88 1.28
N ALA A 74 3.91 -2.20 0.10
CA ALA A 74 4.25 -3.58 -0.21
C ALA A 74 5.42 -4.13 0.60
N ARG A 75 6.43 -3.31 0.85
CA ARG A 75 7.57 -3.79 1.64
C ARG A 75 7.13 -3.88 3.10
N ALA A 76 6.22 -3.01 3.51
CA ALA A 76 5.64 -3.08 4.85
C ALA A 76 4.80 -4.36 5.03
N LEU A 77 4.07 -4.77 3.99
CA LEU A 77 3.28 -6.02 4.03
C LEU A 77 4.24 -7.20 4.29
N ALA A 78 5.34 -7.22 3.54
CA ALA A 78 6.32 -8.29 3.67
C ALA A 78 6.98 -8.27 5.07
N ALA A 79 7.23 -7.08 5.60
CA ALA A 79 7.85 -6.94 6.90
C ALA A 79 6.96 -7.52 8.00
N LYS A 80 5.66 -7.26 7.92
CA LYS A 80 4.75 -7.82 8.93
C LYS A 80 4.66 -9.34 8.76
N SER A 81 4.67 -9.81 7.53
CA SER A 81 4.57 -11.24 7.26
C SER A 81 5.77 -12.01 7.82
N ALA A 82 6.88 -11.32 8.01
CA ALA A 82 8.11 -11.93 8.52
C ALA A 82 8.11 -12.10 10.05
N SER A 83 7.07 -11.65 10.74
CA SER A 83 7.05 -11.72 12.21
C SER A 83 5.67 -11.98 12.79
N TRP A 84 5.65 -12.70 13.89
CA TRP A 84 4.42 -12.96 14.63
C TRP A 84 4.01 -11.69 15.39
N SER A 85 4.99 -10.83 15.65
CA SER A 85 4.76 -9.62 16.42
C SER A 85 4.12 -8.56 15.54
N HIS A 86 3.09 -7.91 16.06
CA HIS A 86 2.43 -6.81 15.37
C HIS A 86 3.10 -5.49 15.76
N PRO A 87 3.09 -4.49 14.84
CA PRO A 87 3.79 -3.23 15.16
C PRO A 87 3.01 -2.28 16.07
N GLN A 88 1.78 -2.65 16.43
CA GLN A 88 0.94 -1.85 17.27
C GLN A 88 0.94 -2.41 18.68
N PHE A 89 0.58 -1.56 19.64
CA PHE A 89 0.31 -2.02 21.00
C PHE A 89 -1.15 -2.38 21.08
N GLU A 90 -1.96 -1.72 20.27
CA GLU A 90 -3.40 -1.97 20.22
C GLU A 90 -3.68 -3.24 19.42
N LYS A 91 -4.87 -3.80 19.63
CA LYS A 91 -5.31 -4.99 18.94
C LYS A 91 -6.80 -4.79 18.72
N GLY A 1 5.03 -8.26 -13.91
CA GLY A 1 4.91 -9.12 -15.11
C GLY A 1 5.49 -10.48 -14.86
N ALA A 2 5.59 -11.31 -15.89
CA ALA A 2 6.15 -12.66 -15.73
C ALA A 2 7.69 -12.63 -15.76
N MET A 3 8.24 -11.91 -16.74
CA MET A 3 9.70 -11.88 -16.94
C MET A 3 10.41 -10.94 -15.98
N ALA A 4 9.69 -9.97 -15.45
CA ALA A 4 10.25 -9.01 -14.51
C ALA A 4 9.13 -8.56 -13.58
N LYS A 5 9.49 -8.22 -12.36
CA LYS A 5 8.53 -7.81 -11.34
C LYS A 5 9.07 -6.57 -10.64
N ALA A 6 8.23 -5.57 -10.47
CA ALA A 6 8.57 -4.39 -9.70
C ALA A 6 8.30 -4.59 -8.19
N PRO A 7 7.11 -5.14 -7.80
CA PRO A 7 6.98 -5.27 -6.35
C PRO A 7 7.80 -6.39 -5.73
N GLU A 8 8.15 -6.21 -4.45
CA GLU A 8 8.88 -7.23 -3.69
C GLU A 8 7.88 -8.04 -2.86
N SER A 9 7.18 -7.36 -1.97
CA SER A 9 6.20 -8.02 -1.11
C SER A 9 4.89 -8.18 -1.88
N ALA A 10 4.17 -9.26 -1.62
CA ALA A 10 2.93 -9.55 -2.35
C ALA A 10 1.88 -8.46 -2.14
N THR A 11 1.77 -7.96 -0.93
CA THR A 11 0.77 -6.95 -0.59
C THR A 11 0.88 -5.67 -1.42
N GLU A 12 2.06 -5.37 -1.94
CA GLU A 12 2.29 -4.16 -2.71
C GLU A 12 1.34 -4.10 -3.90
N LYS A 13 0.97 -5.28 -4.42
CA LYS A 13 0.04 -5.33 -5.58
C LYS A 13 -1.32 -4.78 -5.24
N VAL A 14 -1.81 -4.95 -4.02
CA VAL A 14 -3.17 -4.56 -3.69
C VAL A 14 -3.14 -3.04 -3.55
N LEU A 15 -2.06 -2.51 -3.04
CA LEU A 15 -1.93 -1.08 -2.77
C LEU A 15 -1.82 -0.31 -4.07
N CYS A 16 -1.05 -0.85 -5.02
CA CYS A 16 -0.96 -0.20 -6.29
C CYS A 16 -2.34 -0.12 -6.96
N ALA A 17 -3.13 -1.15 -6.77
CA ALA A 17 -4.45 -1.13 -7.38
C ALA A 17 -5.38 -0.12 -6.76
N LEU A 18 -5.29 -0.10 -5.47
CA LEU A 18 -6.06 0.76 -4.65
C LEU A 18 -5.73 2.25 -4.92
N TYR A 19 -4.46 2.55 -5.20
CA TYR A 19 -4.03 3.90 -5.60
C TYR A 19 -4.66 4.25 -6.95
N ALA A 20 -4.54 3.33 -7.91
CA ALA A 20 -5.05 3.58 -9.26
C ALA A 20 -6.57 3.77 -9.28
N GLU A 21 -7.29 3.02 -8.47
CA GLU A 21 -8.75 3.14 -8.42
C GLU A 21 -9.18 4.51 -7.90
N ILE A 22 -8.43 5.05 -6.95
CA ILE A 22 -8.78 6.35 -6.34
C ILE A 22 -8.38 7.51 -7.24
N LEU A 23 -7.20 7.44 -7.85
CA LEU A 23 -6.74 8.53 -8.72
C LEU A 23 -7.32 8.44 -10.12
N GLY A 24 -7.81 7.28 -10.50
CA GLY A 24 -8.34 7.09 -11.84
C GLY A 24 -7.30 6.95 -12.92
N VAL A 25 -6.17 6.35 -12.57
CA VAL A 25 -5.03 6.25 -13.50
C VAL A 25 -4.90 4.88 -14.10
N GLU A 26 -4.12 4.84 -15.16
CA GLU A 26 -3.85 3.63 -15.93
C GLU A 26 -2.68 2.85 -15.29
N ARG A 27 -1.87 3.53 -14.49
CA ARG A 27 -0.65 2.93 -13.93
C ARG A 27 -0.25 3.58 -12.64
N VAL A 28 0.18 2.76 -11.70
CA VAL A 28 0.83 3.21 -10.49
C VAL A 28 2.08 2.35 -10.35
N GLY A 29 3.23 3.00 -10.23
CA GLY A 29 4.48 2.30 -10.01
C GLY A 29 4.55 1.91 -8.55
N VAL A 30 5.39 0.96 -8.21
CA VAL A 30 5.48 0.52 -6.83
C VAL A 30 6.24 1.58 -6.00
N ASP A 31 6.84 2.49 -6.74
CA ASP A 31 7.67 3.55 -6.24
C ASP A 31 7.02 4.93 -6.44
N ASP A 32 5.80 4.93 -6.95
CA ASP A 32 5.04 6.16 -7.15
C ASP A 32 4.52 6.59 -5.80
N ALA A 33 4.82 7.81 -5.41
CA ALA A 33 4.29 8.29 -4.17
C ALA A 33 2.84 8.68 -4.41
N PHE A 34 1.98 8.50 -3.42
CA PHE A 34 0.57 8.85 -3.56
C PHE A 34 0.42 10.32 -3.97
N HIS A 35 1.31 11.17 -3.47
CA HIS A 35 1.29 12.58 -3.79
C HIS A 35 1.83 12.92 -5.19
N ASP A 36 2.64 12.03 -5.76
CA ASP A 36 3.24 12.27 -7.08
C ASP A 36 2.15 12.06 -8.14
N LEU A 37 1.19 11.23 -7.79
CA LEU A 37 0.01 10.97 -8.62
C LEU A 37 -1.02 12.12 -8.52
N GLY A 38 -0.64 13.20 -7.83
CA GLY A 38 -1.55 14.31 -7.63
C GLY A 38 -2.41 14.12 -6.38
N GLY A 39 -2.11 13.09 -5.63
CA GLY A 39 -2.90 12.75 -4.44
C GLY A 39 -2.69 13.73 -3.30
N SER A 40 -3.65 13.75 -2.38
CA SER A 40 -3.64 14.71 -1.28
C SER A 40 -3.81 13.97 0.00
N SER A 41 -3.61 14.66 1.11
CA SER A 41 -3.90 14.10 2.44
C SER A 41 -5.42 13.79 2.53
N ALA A 42 -6.22 14.58 1.82
CA ALA A 42 -7.66 14.34 1.80
C ALA A 42 -8.02 12.99 1.13
N LEU A 43 -7.43 12.73 -0.03
CA LEU A 43 -7.64 11.49 -0.74
C LEU A 43 -6.94 10.35 0.01
N ALA A 44 -5.85 10.67 0.72
CA ALA A 44 -5.08 9.65 1.46
C ALA A 44 -5.92 9.13 2.62
N MET A 45 -6.76 9.95 3.23
CA MET A 45 -7.65 9.46 4.29
C MET A 45 -8.64 8.48 3.67
N ARG A 46 -9.08 8.73 2.43
CA ARG A 46 -10.02 7.81 1.76
C ARG A 46 -9.31 6.51 1.42
N LEU A 47 -8.02 6.60 1.12
CA LEU A 47 -7.20 5.43 0.85
C LEU A 47 -7.17 4.50 2.05
N ILE A 48 -7.05 5.03 3.25
CA ILE A 48 -7.00 4.20 4.45
C ILE A 48 -8.28 3.40 4.58
N ALA A 49 -9.40 4.08 4.39
CA ALA A 49 -10.71 3.46 4.48
C ALA A 49 -10.90 2.39 3.41
N ARG A 50 -10.47 2.70 2.19
CA ARG A 50 -10.64 1.77 1.06
C ARG A 50 -9.76 0.55 1.21
N ILE A 51 -8.53 0.73 1.72
CA ILE A 51 -7.67 -0.42 2.01
C ILE A 51 -8.36 -1.29 3.05
N ARG A 52 -9.00 -0.71 4.04
CA ARG A 52 -9.65 -1.51 5.08
C ARG A 52 -10.92 -2.24 4.59
N GLU A 53 -11.64 -1.70 3.62
CA GLU A 53 -12.80 -2.40 3.08
C GLU A 53 -12.32 -3.70 2.42
N GLU A 54 -11.22 -3.62 1.68
CA GLU A 54 -10.74 -4.75 0.90
C GLU A 54 -9.85 -5.73 1.69
N LEU A 55 -9.01 -5.21 2.57
CA LEU A 55 -8.02 -6.01 3.28
C LEU A 55 -8.26 -6.11 4.79
N GLY A 56 -9.08 -5.24 5.33
CA GLY A 56 -9.37 -5.23 6.78
C GLY A 56 -8.18 -4.79 7.65
N VAL A 57 -7.26 -4.00 7.12
CA VAL A 57 -6.06 -3.59 7.84
C VAL A 57 -6.10 -2.03 7.94
N ASP A 58 -5.41 -1.50 8.95
CA ASP A 58 -5.37 -0.05 9.25
C ASP A 58 -3.91 0.41 9.34
N LEU A 59 -3.68 1.62 8.88
CA LEU A 59 -2.40 2.29 8.96
C LEU A 59 -2.68 3.76 9.20
N PRO A 60 -2.13 4.35 10.28
CA PRO A 60 -2.50 5.76 10.51
C PRO A 60 -1.87 6.70 9.49
N ILE A 61 -2.56 7.80 9.23
CA ILE A 61 -2.10 8.81 8.25
C ILE A 61 -0.69 9.34 8.54
N ARG A 62 -0.29 9.37 9.81
CA ARG A 62 1.05 9.83 10.17
C ARG A 62 2.13 8.91 9.66
N GLN A 63 1.84 7.62 9.54
CA GLN A 63 2.81 6.67 9.03
C GLN A 63 2.83 6.78 7.51
N LEU A 64 1.66 7.02 6.92
CA LEU A 64 1.53 7.17 5.47
C LEU A 64 2.38 8.32 4.93
N PHE A 65 2.57 9.37 5.72
CA PHE A 65 3.44 10.48 5.30
C PHE A 65 4.90 10.05 5.16
N SER A 66 5.30 9.06 5.94
CA SER A 66 6.66 8.51 5.87
C SER A 66 6.74 7.36 4.85
N SER A 67 5.59 6.84 4.45
CA SER A 67 5.48 5.74 3.51
C SER A 67 4.49 6.12 2.38
N PRO A 68 4.80 7.15 1.58
CA PRO A 68 3.77 7.53 0.61
C PRO A 68 3.66 6.58 -0.59
N THR A 69 4.66 5.74 -0.80
CA THR A 69 4.66 4.79 -1.91
C THR A 69 3.96 3.49 -1.43
N PRO A 70 3.41 2.71 -2.36
CA PRO A 70 2.81 1.43 -1.95
C PRO A 70 3.82 0.43 -1.36
N ALA A 71 5.03 0.39 -1.89
CA ALA A 71 6.07 -0.45 -1.30
C ALA A 71 6.37 -0.08 0.16
N GLY A 72 6.34 1.22 0.46
CA GLY A 72 6.52 1.70 1.82
C GLY A 72 5.40 1.25 2.74
N VAL A 73 4.17 1.36 2.27
CA VAL A 73 3.02 0.97 3.10
C VAL A 73 3.05 -0.54 3.39
N ALA A 74 3.37 -1.36 2.39
CA ALA A 74 3.40 -2.80 2.57
C ALA A 74 4.42 -3.28 3.60
N ARG A 75 5.63 -2.76 3.52
CA ARG A 75 6.69 -3.17 4.45
C ARG A 75 6.43 -2.63 5.86
N ALA A 76 5.76 -1.50 5.95
CA ALA A 76 5.30 -0.95 7.23
C ALA A 76 4.21 -1.85 7.82
N LEU A 77 3.27 -2.29 6.98
CA LEU A 77 2.17 -3.16 7.43
C LEU A 77 2.72 -4.53 7.86
N ALA A 78 3.70 -5.06 7.16
CA ALA A 78 4.30 -6.32 7.53
C ALA A 78 4.94 -6.23 8.91
N ALA A 79 5.54 -5.09 9.23
CA ALA A 79 6.14 -4.90 10.54
C ALA A 79 5.09 -4.85 11.65
N LYS A 80 3.87 -4.46 11.30
CA LYS A 80 2.76 -4.39 12.24
C LYS A 80 1.99 -5.72 12.35
N SER A 81 2.20 -6.61 11.39
CA SER A 81 1.53 -7.89 11.39
C SER A 81 2.13 -8.79 12.47
N ALA A 82 3.38 -8.51 12.83
CA ALA A 82 4.04 -9.23 13.92
C ALA A 82 3.36 -8.90 15.24
N SER A 83 3.21 -9.89 16.10
CA SER A 83 2.55 -9.73 17.40
C SER A 83 3.33 -10.54 18.41
N TRP A 84 2.95 -10.49 19.67
CA TRP A 84 3.58 -11.31 20.71
C TRP A 84 3.14 -12.77 20.57
N SER A 85 2.07 -12.97 19.82
CA SER A 85 1.58 -14.31 19.52
C SER A 85 2.57 -15.00 18.62
N HIS A 86 2.64 -16.32 18.67
CA HIS A 86 3.55 -17.06 17.81
C HIS A 86 3.13 -16.83 16.34
N PRO A 87 4.11 -16.87 15.42
CA PRO A 87 3.70 -16.69 14.02
C PRO A 87 3.10 -17.97 13.45
N GLN A 88 2.59 -17.85 12.24
CA GLN A 88 2.11 -19.01 11.49
C GLN A 88 2.80 -18.92 10.14
N PHE A 89 2.77 -20.00 9.37
CA PHE A 89 3.43 -20.02 8.08
C PHE A 89 2.54 -19.36 7.04
N GLU A 90 3.15 -18.85 5.97
CA GLU A 90 2.42 -18.12 4.93
C GLU A 90 2.72 -18.83 3.61
N LYS A 91 2.00 -18.48 2.55
CA LYS A 91 2.09 -19.16 1.25
C LYS A 91 2.87 -18.32 0.24
N GLY A 1 6.95 6.48 -17.39
CA GLY A 1 8.36 6.58 -16.91
C GLY A 1 9.33 5.97 -17.88
N ALA A 2 10.63 6.13 -17.64
CA ALA A 2 11.66 5.58 -18.53
C ALA A 2 11.92 4.07 -18.30
N MET A 3 11.43 3.55 -17.18
CA MET A 3 11.66 2.17 -16.77
C MET A 3 10.33 1.54 -16.41
N ALA A 4 10.31 0.22 -16.27
CA ALA A 4 9.14 -0.51 -15.81
C ALA A 4 9.63 -1.40 -14.67
N LYS A 5 8.74 -1.68 -13.72
CA LYS A 5 9.06 -2.50 -12.54
C LYS A 5 7.90 -3.45 -12.29
N ALA A 6 8.13 -4.50 -11.53
CA ALA A 6 7.11 -5.51 -11.23
C ALA A 6 7.10 -5.66 -9.71
N PRO A 7 6.00 -6.17 -9.12
CA PRO A 7 6.01 -6.29 -7.66
C PRO A 7 7.02 -7.32 -7.20
N GLU A 8 7.82 -6.95 -6.19
CA GLU A 8 8.83 -7.87 -5.67
C GLU A 8 8.15 -8.84 -4.72
N SER A 9 7.39 -8.29 -3.78
CA SER A 9 6.61 -9.07 -2.83
C SER A 9 5.14 -9.14 -3.25
N ALA A 10 4.44 -10.17 -2.78
CA ALA A 10 3.05 -10.37 -3.13
C ALA A 10 2.14 -9.22 -2.67
N THR A 11 2.49 -8.59 -1.57
CA THR A 11 1.68 -7.52 -1.01
C THR A 11 1.68 -6.29 -1.89
N GLU A 12 2.72 -6.07 -2.69
CA GLU A 12 2.77 -4.89 -3.55
C GLU A 12 1.62 -4.89 -4.55
N LYS A 13 1.19 -6.08 -4.97
CA LYS A 13 0.08 -6.17 -5.90
C LYS A 13 -1.24 -5.77 -5.27
N VAL A 14 -1.37 -5.99 -3.95
CA VAL A 14 -2.63 -5.63 -3.28
C VAL A 14 -2.63 -4.13 -3.06
N LEU A 15 -1.46 -3.57 -2.79
CA LEU A 15 -1.36 -2.15 -2.51
C LEU A 15 -1.62 -1.35 -3.80
N CYS A 16 -1.02 -1.81 -4.90
CA CYS A 16 -1.35 -1.33 -6.20
C CYS A 16 -2.86 -1.32 -6.49
N ALA A 17 -3.59 -2.37 -6.10
CA ALA A 17 -5.02 -2.43 -6.37
C ALA A 17 -5.81 -1.39 -5.59
N LEU A 18 -5.45 -1.30 -4.34
CA LEU A 18 -6.07 -0.37 -3.39
C LEU A 18 -5.81 1.06 -3.78
N TYR A 19 -4.66 1.32 -4.33
CA TYR A 19 -4.34 2.65 -4.86
C TYR A 19 -5.26 2.93 -6.05
N ALA A 20 -5.38 1.97 -6.95
CA ALA A 20 -6.16 2.13 -8.19
C ALA A 20 -7.65 2.35 -7.93
N GLU A 21 -8.21 1.70 -6.91
CA GLU A 21 -9.63 1.87 -6.57
C GLU A 21 -9.94 3.30 -6.20
N ILE A 22 -9.03 3.91 -5.46
CA ILE A 22 -9.27 5.24 -4.94
C ILE A 22 -8.98 6.27 -6.04
N LEU A 23 -7.91 6.06 -6.79
CA LEU A 23 -7.48 7.02 -7.81
C LEU A 23 -8.27 6.89 -9.11
N GLY A 24 -8.96 5.80 -9.32
CA GLY A 24 -9.78 5.64 -10.51
C GLY A 24 -8.97 5.40 -11.77
N VAL A 25 -7.81 4.75 -11.63
CA VAL A 25 -6.93 4.53 -12.77
C VAL A 25 -7.01 3.10 -13.29
N GLU A 26 -6.58 2.95 -14.53
CA GLU A 26 -6.52 1.66 -15.17
C GLU A 26 -5.44 0.79 -14.52
N ARG A 27 -4.35 1.41 -14.08
CA ARG A 27 -3.23 0.68 -13.49
C ARG A 27 -2.35 1.58 -12.63
N VAL A 28 -1.70 0.97 -11.65
CA VAL A 28 -0.75 1.65 -10.78
C VAL A 28 0.53 0.83 -10.85
N GLY A 29 1.66 1.49 -11.05
CA GLY A 29 2.94 0.84 -11.00
C GLY A 29 3.36 0.77 -9.55
N VAL A 30 4.14 -0.22 -9.15
CA VAL A 30 4.57 -0.36 -7.75
C VAL A 30 5.57 0.70 -7.34
N ASP A 31 5.97 1.51 -8.30
CA ASP A 31 6.92 2.62 -8.10
C ASP A 31 6.19 3.98 -8.17
N ASP A 32 4.90 3.94 -8.43
CA ASP A 32 4.13 5.18 -8.61
C ASP A 32 3.77 5.74 -7.24
N ALA A 33 4.23 6.94 -6.98
CA ALA A 33 3.96 7.55 -5.69
C ALA A 33 2.50 8.01 -5.62
N PHE A 34 1.92 8.00 -4.44
CA PHE A 34 0.54 8.48 -4.25
C PHE A 34 0.43 9.95 -4.70
N HIS A 35 1.55 10.66 -4.61
CA HIS A 35 1.62 12.04 -5.08
C HIS A 35 1.66 12.13 -6.61
N ASP A 36 2.42 11.25 -7.26
CA ASP A 36 2.59 11.25 -8.72
C ASP A 36 1.27 10.91 -9.39
N LEU A 37 0.50 10.07 -8.70
CA LEU A 37 -0.84 9.70 -9.14
C LEU A 37 -1.88 10.83 -8.93
N GLY A 38 -1.48 11.92 -8.28
CA GLY A 38 -2.39 13.03 -8.06
C GLY A 38 -3.34 12.86 -6.88
N GLY A 39 -2.94 12.07 -5.89
CA GLY A 39 -3.76 11.87 -4.71
C GLY A 39 -3.70 13.03 -3.73
N SER A 40 -4.55 13.00 -2.72
CA SER A 40 -4.58 14.07 -1.71
C SER A 40 -4.50 13.45 -0.33
N SER A 41 -4.15 14.24 0.67
CA SER A 41 -3.99 13.74 2.05
C SER A 41 -5.26 13.06 2.58
N ALA A 42 -6.42 13.59 2.19
CA ALA A 42 -7.69 13.01 2.59
C ALA A 42 -7.82 11.59 2.01
N LEU A 43 -7.45 11.43 0.76
CA LEU A 43 -7.50 10.14 0.07
C LEU A 43 -6.46 9.19 0.69
N ALA A 44 -5.30 9.71 1.05
CA ALA A 44 -4.26 8.93 1.71
C ALA A 44 -4.74 8.35 3.05
N MET A 45 -5.55 9.09 3.79
CA MET A 45 -6.12 8.60 5.05
C MET A 45 -7.18 7.53 4.77
N ARG A 46 -7.89 7.66 3.66
CA ARG A 46 -8.89 6.66 3.26
C ARG A 46 -8.19 5.37 2.82
N LEU A 47 -7.02 5.54 2.21
CA LEU A 47 -6.20 4.42 1.74
C LEU A 47 -5.87 3.50 2.92
N ILE A 48 -5.55 4.08 4.06
CA ILE A 48 -5.15 3.29 5.22
C ILE A 48 -6.33 2.40 5.64
N ALA A 49 -7.51 2.98 5.68
CA ALA A 49 -8.72 2.25 6.07
C ALA A 49 -9.05 1.10 5.11
N ARG A 50 -8.87 1.31 3.81
CA ARG A 50 -9.15 0.27 2.81
C ARG A 50 -8.19 -0.88 3.00
N ILE A 51 -6.91 -0.59 3.19
CA ILE A 51 -5.91 -1.65 3.40
C ILE A 51 -6.27 -2.42 4.68
N ARG A 52 -6.71 -1.71 5.71
CA ARG A 52 -7.09 -2.38 6.95
C ARG A 52 -8.28 -3.31 6.75
N GLU A 53 -9.26 -2.92 5.96
CA GLU A 53 -10.43 -3.78 5.74
C GLU A 53 -10.11 -5.03 4.91
N GLU A 54 -9.27 -4.87 3.89
CA GLU A 54 -8.98 -5.97 2.99
C GLU A 54 -7.92 -6.94 3.53
N LEU A 55 -6.84 -6.41 4.09
CA LEU A 55 -5.71 -7.23 4.53
C LEU A 55 -5.59 -7.36 6.06
N GLY A 56 -6.29 -6.52 6.80
CA GLY A 56 -6.24 -6.60 8.26
C GLY A 56 -4.97 -6.03 8.89
N VAL A 57 -4.27 -5.14 8.17
CA VAL A 57 -3.02 -4.55 8.67
C VAL A 57 -3.18 -3.02 8.71
N ASP A 58 -2.52 -2.37 9.64
CA ASP A 58 -2.65 -0.93 9.86
C ASP A 58 -1.27 -0.27 9.79
N LEU A 59 -1.24 0.97 9.34
CA LEU A 59 0.01 1.71 9.17
C LEU A 59 -0.25 3.20 9.44
N PRO A 60 0.57 3.86 10.29
CA PRO A 60 0.28 5.29 10.44
C PRO A 60 0.63 6.10 9.20
N ILE A 61 -0.08 7.21 9.01
CA ILE A 61 0.14 8.13 7.87
C ILE A 61 1.59 8.66 7.84
N ARG A 62 2.25 8.66 8.99
CA ARG A 62 3.63 9.10 9.07
C ARG A 62 4.58 8.19 8.32
N GLN A 63 4.32 6.88 8.33
CA GLN A 63 5.15 5.96 7.60
C GLN A 63 4.82 6.02 6.11
N LEU A 64 3.57 6.31 5.80
CA LEU A 64 3.14 6.39 4.41
C LEU A 64 3.84 7.54 3.71
N PHE A 65 4.06 8.64 4.42
CA PHE A 65 4.75 9.77 3.81
C PHE A 65 6.25 9.50 3.60
N SER A 66 6.78 8.52 4.33
CA SER A 66 8.17 8.09 4.15
C SER A 66 8.25 6.94 3.13
N SER A 67 7.12 6.51 2.63
CA SER A 67 7.04 5.38 1.69
C SER A 67 5.78 5.51 0.82
N PRO A 68 5.73 6.51 -0.08
CA PRO A 68 4.49 6.76 -0.84
C PRO A 68 4.16 5.81 -1.99
N THR A 69 5.11 4.95 -2.36
CA THR A 69 4.89 4.01 -3.44
C THR A 69 4.42 2.69 -2.87
N PRO A 70 3.65 1.87 -3.63
CA PRO A 70 3.30 0.56 -3.08
C PRO A 70 4.47 -0.27 -2.59
N ALA A 71 5.58 -0.27 -3.34
CA ALA A 71 6.67 -1.06 -2.97
C ALA A 71 7.31 -0.58 -1.64
N GLY A 72 7.19 0.73 -1.43
CA GLY A 72 7.68 1.33 -0.21
C GLY A 72 6.85 0.94 0.99
N VAL A 73 5.53 0.91 0.83
CA VAL A 73 4.64 0.54 1.94
C VAL A 73 4.83 -0.93 2.29
N ALA A 74 5.02 -1.77 1.27
CA ALA A 74 5.12 -3.22 1.47
C ALA A 74 6.27 -3.62 2.41
N ARG A 75 7.44 -3.02 2.27
CA ARG A 75 8.58 -3.38 3.12
C ARG A 75 8.37 -2.99 4.58
N ALA A 76 7.62 -1.91 4.79
CA ALA A 76 7.30 -1.50 6.16
C ALA A 76 6.27 -2.48 6.75
N LEU A 77 5.26 -2.81 5.95
CA LEU A 77 4.19 -3.72 6.34
C LEU A 77 4.75 -5.12 6.63
N ALA A 78 5.79 -5.49 5.89
CA ALA A 78 6.45 -6.77 6.04
C ALA A 78 6.97 -7.00 7.47
N ALA A 79 7.18 -5.94 8.24
CA ALA A 79 7.62 -6.12 9.63
C ALA A 79 6.56 -6.91 10.43
N LYS A 80 5.28 -6.69 10.13
CA LYS A 80 4.21 -7.43 10.77
C LYS A 80 4.09 -8.82 10.14
N SER A 81 4.42 -8.93 8.88
CA SER A 81 4.37 -10.25 8.21
C SER A 81 5.38 -11.22 8.87
N ALA A 82 6.57 -10.71 9.16
CA ALA A 82 7.64 -11.51 9.76
C ALA A 82 7.38 -11.80 11.24
N SER A 83 6.70 -10.89 11.89
CA SER A 83 6.42 -11.03 13.31
C SER A 83 5.22 -11.93 13.51
N TRP A 84 5.25 -12.79 14.51
CA TRP A 84 4.10 -13.64 14.83
C TRP A 84 2.91 -12.78 15.16
N SER A 85 1.71 -13.23 14.78
CA SER A 85 0.48 -12.50 15.04
C SER A 85 -0.20 -13.04 16.30
N HIS A 86 -0.99 -12.18 16.96
CA HIS A 86 -1.84 -12.61 18.06
C HIS A 86 -2.96 -13.41 17.38
N PRO A 87 -3.53 -14.42 18.07
CA PRO A 87 -4.52 -15.19 17.33
C PRO A 87 -5.79 -14.42 17.00
N GLN A 88 -6.30 -14.69 15.82
CA GLN A 88 -7.54 -14.11 15.33
C GLN A 88 -8.04 -15.09 14.28
N PHE A 89 -9.22 -14.83 13.72
CA PHE A 89 -9.78 -15.71 12.73
C PHE A 89 -9.12 -15.50 11.37
N GLU A 90 -9.21 -16.48 10.47
CA GLU A 90 -8.63 -16.37 9.14
C GLU A 90 -9.42 -15.32 8.36
N LYS A 91 -8.73 -14.55 7.53
CA LYS A 91 -9.32 -13.43 6.83
C LYS A 91 -10.19 -13.86 5.66
N GLY A 1 9.22 8.05 -15.18
CA GLY A 1 8.59 6.88 -14.51
C GLY A 1 9.39 6.45 -13.30
N ALA A 2 8.79 5.65 -12.41
CA ALA A 2 9.47 5.23 -11.19
C ALA A 2 10.71 4.37 -11.50
N MET A 3 11.73 4.49 -10.66
CA MET A 3 12.99 3.76 -10.86
C MET A 3 12.93 2.33 -10.33
N ALA A 4 11.91 2.04 -9.55
CA ALA A 4 11.74 0.71 -8.98
C ALA A 4 11.55 -0.32 -10.10
N LYS A 5 12.12 -1.50 -9.94
CA LYS A 5 12.03 -2.54 -10.98
C LYS A 5 10.75 -3.33 -10.82
N ALA A 6 10.52 -3.81 -9.61
CA ALA A 6 9.39 -4.67 -9.30
C ALA A 6 9.28 -4.62 -7.77
N PRO A 7 8.13 -4.99 -7.20
CA PRO A 7 8.03 -5.00 -5.73
C PRO A 7 8.78 -6.18 -5.13
N GLU A 8 8.95 -6.17 -3.81
CA GLU A 8 9.63 -7.25 -3.10
C GLU A 8 8.62 -8.32 -2.71
N SER A 9 7.58 -7.94 -1.98
CA SER A 9 6.56 -8.89 -1.51
C SER A 9 5.39 -9.00 -2.48
N ALA A 10 4.70 -10.13 -2.42
CA ALA A 10 3.55 -10.37 -3.29
C ALA A 10 2.40 -9.39 -3.05
N THR A 11 2.16 -9.02 -1.79
CA THR A 11 1.02 -8.13 -1.48
C THR A 11 1.26 -6.71 -1.97
N GLU A 12 2.52 -6.31 -2.03
CA GLU A 12 2.85 -4.95 -2.44
C GLU A 12 2.35 -4.69 -3.86
N LYS A 13 2.34 -5.73 -4.69
CA LYS A 13 1.87 -5.54 -6.07
C LYS A 13 0.38 -5.26 -6.13
N VAL A 14 -0.39 -5.82 -5.21
CA VAL A 14 -1.83 -5.61 -5.22
C VAL A 14 -2.09 -4.20 -4.74
N LEU A 15 -1.29 -3.74 -3.79
CA LEU A 15 -1.45 -2.41 -3.22
C LEU A 15 -1.06 -1.33 -4.24
N CYS A 16 0.06 -1.51 -4.92
CA CYS A 16 0.45 -0.59 -5.97
C CYS A 16 -0.64 -0.49 -7.04
N ALA A 17 -1.28 -1.61 -7.35
CA ALA A 17 -2.37 -1.53 -8.33
C ALA A 17 -3.58 -0.82 -7.81
N LEU A 18 -3.88 -1.09 -6.57
CA LEU A 18 -5.02 -0.48 -5.90
C LEU A 18 -4.84 1.05 -5.82
N TYR A 19 -3.61 1.50 -5.66
CA TYR A 19 -3.31 2.92 -5.63
C TYR A 19 -3.51 3.47 -7.04
N ALA A 20 -2.96 2.78 -8.05
CA ALA A 20 -2.99 3.27 -9.43
C ALA A 20 -4.40 3.43 -9.99
N GLU A 21 -5.30 2.50 -9.67
CA GLU A 21 -6.68 2.56 -10.18
C GLU A 21 -7.37 3.83 -9.71
N ILE A 22 -7.08 4.25 -8.49
CA ILE A 22 -7.72 5.42 -7.90
C ILE A 22 -7.02 6.72 -8.32
N LEU A 23 -5.70 6.66 -8.43
CA LEU A 23 -4.92 7.86 -8.77
C LEU A 23 -4.89 8.12 -10.27
N GLY A 24 -5.27 7.13 -11.06
CA GLY A 24 -5.28 7.29 -12.52
C GLY A 24 -3.90 7.35 -13.12
N VAL A 25 -2.96 6.59 -12.56
CA VAL A 25 -1.56 6.66 -13.00
C VAL A 25 -1.10 5.41 -13.76
N GLU A 26 -0.04 5.63 -14.51
CA GLU A 26 0.62 4.58 -15.28
C GLU A 26 1.29 3.56 -14.38
N ARG A 27 1.74 3.98 -13.21
CA ARG A 27 2.55 3.13 -12.33
C ARG A 27 2.64 3.76 -10.95
N VAL A 28 2.78 2.92 -9.93
CA VAL A 28 3.02 3.36 -8.56
C VAL A 28 4.24 2.59 -8.09
N GLY A 29 5.19 3.29 -7.48
CA GLY A 29 6.37 2.65 -6.92
C GLY A 29 6.04 2.20 -5.52
N VAL A 30 6.78 1.22 -5.02
CA VAL A 30 6.48 0.67 -3.70
C VAL A 30 6.73 1.63 -2.54
N ASP A 31 7.53 2.66 -2.80
CA ASP A 31 7.85 3.68 -1.79
C ASP A 31 7.19 5.02 -2.11
N ASP A 32 6.33 5.05 -3.10
CA ASP A 32 5.59 6.29 -3.41
C ASP A 32 4.44 6.37 -2.44
N ALA A 33 4.40 7.43 -1.64
CA ALA A 33 3.33 7.58 -0.69
C ALA A 33 2.05 7.91 -1.44
N PHE A 34 0.90 7.59 -0.85
CA PHE A 34 -0.39 7.97 -1.41
C PHE A 34 -0.45 9.50 -1.59
N HIS A 35 0.27 10.19 -0.72
CA HIS A 35 0.35 11.65 -0.77
C HIS A 35 1.25 12.18 -1.88
N ASP A 36 2.33 11.47 -2.19
CA ASP A 36 3.30 11.89 -3.20
C ASP A 36 2.66 11.85 -4.58
N LEU A 37 1.72 10.92 -4.71
CA LEU A 37 0.96 10.75 -5.95
C LEU A 37 -0.12 11.82 -6.11
N GLY A 38 -0.26 12.69 -5.12
CA GLY A 38 -1.27 13.74 -5.16
C GLY A 38 -2.62 13.28 -4.66
N GLY A 39 -2.63 12.19 -3.90
CA GLY A 39 -3.88 11.69 -3.35
C GLY A 39 -4.47 12.59 -2.27
N SER A 40 -5.76 12.43 -2.04
CA SER A 40 -6.47 13.23 -1.05
C SER A 40 -7.04 12.34 0.05
N SER A 41 -7.40 12.92 1.19
CA SER A 41 -7.99 12.15 2.28
C SER A 41 -9.28 11.47 1.88
N ALA A 42 -10.07 12.12 1.04
CA ALA A 42 -11.32 11.54 0.57
C ALA A 42 -11.04 10.30 -0.31
N LEU A 43 -9.95 10.34 -1.07
CA LEU A 43 -9.58 9.21 -1.94
C LEU A 43 -9.03 8.07 -1.10
N ALA A 44 -8.39 8.40 0.01
CA ALA A 44 -7.86 7.36 0.90
C ALA A 44 -9.00 6.48 1.43
N MET A 45 -10.12 7.11 1.73
CA MET A 45 -11.31 6.38 2.19
C MET A 45 -11.81 5.39 1.12
N ARG A 46 -11.65 5.74 -0.14
CA ARG A 46 -12.07 4.87 -1.25
C ARG A 46 -11.11 3.69 -1.34
N LEU A 47 -9.83 3.96 -1.11
CA LEU A 47 -8.80 2.92 -1.14
C LEU A 47 -9.11 1.83 -0.13
N ILE A 48 -9.52 2.21 1.07
CA ILE A 48 -9.84 1.24 2.12
C ILE A 48 -11.02 0.37 1.68
N ALA A 49 -12.04 0.99 1.09
CA ALA A 49 -13.20 0.26 0.65
C ALA A 49 -12.84 -0.81 -0.39
N ARG A 50 -12.03 -0.42 -1.38
CA ARG A 50 -11.64 -1.33 -2.44
C ARG A 50 -10.70 -2.43 -1.90
N ILE A 51 -9.83 -2.05 -0.97
CA ILE A 51 -8.95 -3.02 -0.31
C ILE A 51 -9.82 -4.08 0.40
N ARG A 52 -10.91 -3.67 1.03
CA ARG A 52 -11.77 -4.63 1.74
C ARG A 52 -12.40 -5.61 0.77
N GLU A 53 -12.66 -5.18 -0.44
CA GLU A 53 -13.24 -6.08 -1.45
C GLU A 53 -12.21 -7.06 -2.01
N GLU A 54 -11.06 -6.56 -2.38
CA GLU A 54 -10.03 -7.37 -3.05
C GLU A 54 -9.12 -8.18 -2.12
N LEU A 55 -8.86 -7.66 -0.94
CA LEU A 55 -7.96 -8.30 0.01
C LEU A 55 -8.68 -8.86 1.26
N GLY A 56 -9.92 -8.42 1.47
CA GLY A 56 -10.72 -8.96 2.58
C GLY A 56 -10.28 -8.49 3.95
N VAL A 57 -9.69 -7.30 4.04
CA VAL A 57 -9.15 -6.79 5.30
C VAL A 57 -9.65 -5.37 5.56
N ASP A 58 -9.99 -5.09 6.80
CA ASP A 58 -10.48 -3.79 7.24
C ASP A 58 -9.33 -2.93 7.79
N LEU A 59 -8.61 -2.27 6.91
CA LEU A 59 -7.47 -1.44 7.32
C LEU A 59 -7.96 -0.09 7.88
N PRO A 60 -7.58 0.27 9.13
CA PRO A 60 -8.02 1.59 9.60
C PRO A 60 -7.25 2.75 8.96
N ILE A 61 -7.91 3.89 8.87
CA ILE A 61 -7.32 5.10 8.27
C ILE A 61 -6.02 5.50 8.99
N ARG A 62 -5.99 5.30 10.31
CA ARG A 62 -4.80 5.67 11.09
C ARG A 62 -3.56 4.89 10.73
N GLN A 63 -3.71 3.65 10.29
CA GLN A 63 -2.55 2.86 9.89
C GLN A 63 -2.02 3.33 8.55
N LEU A 64 -2.92 3.80 7.70
CA LEU A 64 -2.52 4.33 6.39
C LEU A 64 -1.65 5.56 6.54
N PHE A 65 -1.91 6.37 7.55
CA PHE A 65 -1.08 7.55 7.80
C PHE A 65 0.28 7.19 8.43
N SER A 66 0.36 6.02 9.06
CA SER A 66 1.63 5.57 9.64
C SER A 66 2.44 4.79 8.61
N SER A 67 1.78 4.46 7.51
CA SER A 67 2.39 3.66 6.44
C SER A 67 1.76 4.02 5.09
N PRO A 68 2.06 5.22 4.56
CA PRO A 68 1.36 5.66 3.34
C PRO A 68 1.83 5.02 2.05
N THR A 69 2.97 4.35 2.07
CA THR A 69 3.51 3.70 0.88
C THR A 69 2.98 2.28 0.77
N PRO A 70 2.81 1.72 -0.47
CA PRO A 70 2.34 0.33 -0.52
C PRO A 70 3.17 -0.64 0.27
N ALA A 71 4.47 -0.49 0.26
CA ALA A 71 5.32 -1.41 0.97
C ALA A 71 5.04 -1.43 2.45
N GLY A 72 4.71 -0.28 2.99
CA GLY A 72 4.40 -0.19 4.43
C GLY A 72 3.07 -0.81 4.77
N VAL A 73 2.08 -0.63 3.92
CA VAL A 73 0.74 -1.19 4.17
C VAL A 73 0.80 -2.73 4.14
N ALA A 74 1.68 -3.28 3.32
CA ALA A 74 1.76 -4.73 3.17
C ALA A 74 2.04 -5.48 4.48
N ARG A 75 2.87 -4.93 5.36
CA ARG A 75 3.18 -5.64 6.60
C ARG A 75 2.01 -5.63 7.59
N ALA A 76 1.13 -4.65 7.44
CA ALA A 76 -0.06 -4.58 8.30
C ALA A 76 -1.02 -5.71 7.92
N LEU A 77 -1.11 -5.97 6.62
CA LEU A 77 -2.01 -7.01 6.09
C LEU A 77 -1.51 -8.41 6.45
N ALA A 78 -0.21 -8.51 6.72
CA ALA A 78 0.43 -9.78 7.07
C ALA A 78 -0.23 -10.45 8.30
N ALA A 79 -0.86 -9.66 9.17
CA ALA A 79 -1.54 -10.21 10.34
C ALA A 79 -2.68 -11.17 9.90
N LYS A 80 -3.37 -10.85 8.81
CA LYS A 80 -4.45 -11.70 8.28
C LYS A 80 -3.87 -12.99 7.71
N SER A 81 -2.63 -12.92 7.24
CA SER A 81 -1.95 -14.06 6.65
C SER A 81 -1.30 -14.95 7.71
N ALA A 82 -1.28 -14.48 8.95
CA ALA A 82 -0.66 -15.16 10.10
C ALA A 82 0.83 -15.48 9.88
N SER A 83 1.51 -14.62 9.12
CA SER A 83 2.93 -14.79 8.87
C SER A 83 3.74 -14.07 9.96
N TRP A 84 5.02 -14.39 10.06
CA TRP A 84 5.88 -13.72 11.04
C TRP A 84 6.26 -12.32 10.56
N SER A 85 6.76 -11.49 11.47
CA SER A 85 7.22 -10.15 11.11
C SER A 85 8.60 -10.23 10.46
N HIS A 86 8.85 -9.41 9.46
CA HIS A 86 10.17 -9.35 8.83
C HIS A 86 11.18 -8.83 9.85
N PRO A 87 12.47 -9.21 9.71
CA PRO A 87 13.41 -8.68 10.70
C PRO A 87 13.68 -7.17 10.47
N GLN A 88 14.04 -6.47 11.54
CA GLN A 88 14.39 -5.06 11.49
C GLN A 88 15.37 -4.80 12.62
N PHE A 89 16.18 -3.76 12.47
CA PHE A 89 17.18 -3.41 13.46
C PHE A 89 16.70 -2.31 14.39
N GLU A 90 15.82 -1.48 13.86
CA GLU A 90 15.28 -0.35 14.59
C GLU A 90 13.75 -0.51 14.61
N LYS A 91 13.08 0.15 15.54
CA LYS A 91 11.64 -0.01 15.76
C LYS A 91 10.84 1.02 14.97
N GLY A 1 22.76 7.14 -12.22
CA GLY A 1 21.71 6.46 -13.01
C GLY A 1 21.13 5.28 -12.26
N ALA A 2 20.12 4.64 -12.80
CA ALA A 2 19.50 3.48 -12.18
C ALA A 2 19.04 2.60 -13.32
N MET A 3 18.58 1.40 -13.02
CA MET A 3 18.11 0.48 -14.06
C MET A 3 16.72 0.93 -14.51
N ALA A 4 16.35 0.56 -15.73
CA ALA A 4 15.06 0.96 -16.33
C ALA A 4 13.84 0.47 -15.53
N LYS A 5 14.00 -0.60 -14.76
CA LYS A 5 12.91 -1.09 -13.92
C LYS A 5 13.50 -1.65 -12.63
N ALA A 6 12.84 -1.36 -11.51
CA ALA A 6 13.21 -1.90 -10.19
C ALA A 6 12.04 -2.66 -9.50
N PRO A 7 10.78 -2.14 -9.53
CA PRO A 7 9.75 -2.96 -8.87
C PRO A 7 9.40 -4.22 -9.64
N GLU A 8 8.92 -5.23 -8.93
CA GLU A 8 8.63 -6.57 -9.50
C GLU A 8 7.87 -7.54 -8.55
N SER A 9 7.76 -7.17 -7.28
CA SER A 9 7.19 -8.09 -6.30
C SER A 9 5.67 -8.28 -6.44
N ALA A 10 5.21 -9.47 -6.09
CA ALA A 10 3.80 -9.83 -6.26
C ALA A 10 2.81 -8.93 -5.49
N THR A 11 3.15 -8.53 -4.27
CA THR A 11 2.23 -7.70 -3.48
C THR A 11 2.16 -6.27 -4.01
N GLU A 12 3.25 -5.81 -4.60
CA GLU A 12 3.29 -4.43 -5.11
C GLU A 12 2.23 -4.23 -6.14
N LYS A 13 1.91 -5.29 -6.91
CA LYS A 13 0.92 -5.17 -7.96
C LYS A 13 -0.49 -4.97 -7.38
N VAL A 14 -0.76 -5.54 -6.21
CA VAL A 14 -2.11 -5.47 -5.68
C VAL A 14 -2.31 -4.05 -5.18
N LEU A 15 -1.25 -3.48 -4.62
CA LEU A 15 -1.32 -2.15 -4.04
C LEU A 15 -1.44 -1.12 -5.14
N CYS A 16 -0.65 -1.27 -6.19
CA CYS A 16 -0.81 -0.45 -7.35
C CYS A 16 -2.24 -0.44 -7.90
N ALA A 17 -2.88 -1.59 -7.99
CA ALA A 17 -4.24 -1.62 -8.48
C ALA A 17 -5.24 -0.92 -7.57
N LEU A 18 -5.01 -1.17 -6.30
CA LEU A 18 -5.81 -0.61 -5.23
C LEU A 18 -5.74 0.90 -5.21
N TYR A 19 -4.58 1.46 -5.54
CA TYR A 19 -4.42 2.90 -5.63
C TYR A 19 -5.16 3.42 -6.87
N ALA A 20 -4.97 2.75 -8.00
CA ALA A 20 -5.55 3.18 -9.28
C ALA A 20 -7.06 3.21 -9.26
N GLU A 21 -7.71 2.24 -8.63
CA GLU A 21 -9.17 2.20 -8.60
C GLU A 21 -9.75 3.40 -7.87
N ILE A 22 -9.09 3.79 -6.78
CA ILE A 22 -9.60 4.87 -5.93
C ILE A 22 -9.28 6.23 -6.56
N LEU A 23 -8.14 6.32 -7.26
CA LEU A 23 -7.75 7.57 -7.89
C LEU A 23 -8.34 7.76 -9.28
N GLY A 24 -8.84 6.68 -9.86
CA GLY A 24 -9.46 6.77 -11.19
C GLY A 24 -8.46 6.95 -12.32
N VAL A 25 -7.28 6.36 -12.17
CA VAL A 25 -6.20 6.56 -13.15
C VAL A 25 -5.95 5.31 -14.01
N GLU A 26 -5.33 5.53 -15.12
CA GLU A 26 -4.97 4.49 -16.06
C GLU A 26 -3.75 3.70 -15.59
N ARG A 27 -2.93 4.30 -14.73
CA ARG A 27 -1.69 3.67 -14.28
C ARG A 27 -1.19 4.34 -13.02
N VAL A 28 -0.69 3.52 -12.11
CA VAL A 28 0.00 4.00 -10.91
C VAL A 28 1.39 3.38 -10.94
N GLY A 29 2.42 4.21 -10.78
CA GLY A 29 3.77 3.69 -10.69
C GLY A 29 3.92 3.13 -9.30
N VAL A 30 4.77 2.14 -9.15
CA VAL A 30 4.96 1.49 -7.85
C VAL A 30 5.71 2.42 -6.87
N ASP A 31 6.21 3.51 -7.42
CA ASP A 31 6.93 4.54 -6.64
C ASP A 31 6.10 5.81 -6.52
N ASP A 32 4.87 5.76 -6.98
CA ASP A 32 3.99 6.93 -6.91
C ASP A 32 3.40 6.94 -5.52
N ALA A 33 3.64 8.01 -4.78
CA ALA A 33 3.08 8.10 -3.44
C ALA A 33 1.57 8.33 -3.58
N PHE A 34 0.80 7.82 -2.63
CA PHE A 34 -0.64 8.08 -2.61
C PHE A 34 -0.88 9.60 -2.52
N HIS A 35 0.07 10.32 -1.93
CA HIS A 35 0.01 11.77 -1.83
C HIS A 35 0.39 12.44 -3.17
N ASP A 36 1.29 11.83 -3.92
CA ASP A 36 1.75 12.38 -5.21
C ASP A 36 0.63 12.26 -6.24
N LEU A 37 -0.18 11.23 -6.08
CA LEU A 37 -1.34 11.01 -6.93
C LEU A 37 -2.48 11.98 -6.60
N GLY A 38 -2.28 12.83 -5.61
CA GLY A 38 -3.31 13.78 -5.22
C GLY A 38 -4.38 13.16 -4.34
N GLY A 39 -4.04 12.06 -3.67
CA GLY A 39 -4.99 11.40 -2.79
C GLY A 39 -5.35 12.25 -1.60
N SER A 40 -6.59 12.10 -1.15
CA SER A 40 -7.12 12.84 0.02
C SER A 40 -7.13 12.01 1.24
N SER A 41 -7.49 12.61 2.36
CA SER A 41 -7.58 11.86 3.61
C SER A 41 -8.71 10.85 3.59
N ALA A 42 -9.85 11.23 3.02
CA ALA A 42 -10.98 10.33 2.92
C ALA A 42 -10.64 9.15 2.00
N LEU A 43 -9.97 9.44 0.90
CA LEU A 43 -9.58 8.42 -0.09
C LEU A 43 -8.50 7.51 0.53
N ALA A 44 -7.59 8.09 1.33
CA ALA A 44 -6.66 7.24 2.05
C ALA A 44 -7.34 6.31 3.09
N MET A 45 -8.31 6.76 3.85
CA MET A 45 -9.03 5.89 4.80
C MET A 45 -9.72 4.73 4.05
N ARG A 46 -10.29 5.03 2.87
CA ARG A 46 -10.92 3.98 2.05
C ARG A 46 -9.86 3.01 1.56
N LEU A 47 -8.68 3.52 1.21
CA LEU A 47 -7.56 2.70 0.75
C LEU A 47 -7.18 1.66 1.80
N ILE A 48 -7.10 2.05 3.08
CA ILE A 48 -6.76 1.10 4.15
C ILE A 48 -7.84 0.01 4.23
N ALA A 49 -9.10 0.44 4.18
CA ALA A 49 -10.23 -0.48 4.29
C ALA A 49 -10.28 -1.47 3.12
N ARG A 50 -10.01 -1.00 1.91
CA ARG A 50 -10.10 -1.85 0.71
C ARG A 50 -8.95 -2.85 0.65
N ILE A 51 -7.78 -2.46 1.13
CA ILE A 51 -6.66 -3.43 1.25
C ILE A 51 -7.08 -4.50 2.26
N ARG A 52 -7.78 -4.11 3.32
CA ARG A 52 -8.27 -5.10 4.30
C ARG A 52 -9.33 -6.05 3.74
N GLU A 53 -10.11 -5.59 2.79
CA GLU A 53 -11.10 -6.46 2.15
C GLU A 53 -10.39 -7.51 1.30
N GLU A 54 -9.50 -7.06 0.43
CA GLU A 54 -8.83 -7.94 -0.54
C GLU A 54 -7.70 -8.81 0.03
N LEU A 55 -6.88 -8.24 0.91
CA LEU A 55 -5.69 -8.93 1.41
C LEU A 55 -5.81 -9.29 2.92
N GLY A 56 -6.88 -8.83 3.57
CA GLY A 56 -7.14 -9.18 4.96
C GLY A 56 -6.29 -8.43 5.99
N VAL A 57 -5.60 -7.37 5.56
CA VAL A 57 -4.64 -6.68 6.41
C VAL A 57 -4.77 -5.19 6.36
N ASP A 58 -4.45 -4.56 7.48
CA ASP A 58 -4.59 -3.14 7.66
C ASP A 58 -3.24 -2.53 7.98
N LEU A 59 -3.13 -1.21 7.85
CA LEU A 59 -1.94 -0.48 8.28
C LEU A 59 -2.44 0.74 9.03
N PRO A 60 -1.77 1.14 10.13
CA PRO A 60 -2.21 2.42 10.69
C PRO A 60 -1.81 3.57 9.77
N ILE A 61 -2.54 4.68 9.83
CA ILE A 61 -2.26 5.84 8.96
C ILE A 61 -0.83 6.36 9.14
N ARG A 62 -0.26 6.18 10.33
CA ARG A 62 1.13 6.60 10.58
C ARG A 62 2.13 5.79 9.74
N GLN A 63 1.82 4.53 9.48
CA GLN A 63 2.69 3.68 8.68
C GLN A 63 2.57 4.07 7.24
N LEU A 64 1.35 4.38 6.80
CA LEU A 64 1.12 4.81 5.42
C LEU A 64 1.88 6.09 5.13
N PHE A 65 1.99 6.97 6.10
CA PHE A 65 2.74 8.21 5.93
C PHE A 65 4.26 7.99 5.92
N SER A 66 4.69 6.87 6.49
CA SER A 66 6.11 6.49 6.51
C SER A 66 6.49 5.66 5.28
N SER A 67 5.46 5.18 4.58
CA SER A 67 5.62 4.36 3.37
C SER A 67 4.45 4.60 2.43
N PRO A 68 4.37 5.79 1.79
CA PRO A 68 3.20 6.17 0.99
C PRO A 68 3.12 5.56 -0.43
N THR A 69 4.19 4.91 -0.88
CA THR A 69 4.23 4.31 -2.21
C THR A 69 3.83 2.86 -2.11
N PRO A 70 3.27 2.28 -3.21
CA PRO A 70 3.03 0.82 -3.12
C PRO A 70 4.21 -0.01 -2.70
N ALA A 71 5.38 0.28 -3.23
CA ALA A 71 6.49 -0.52 -2.94
C ALA A 71 6.85 -0.46 -1.43
N GLY A 72 6.62 0.73 -0.86
CA GLY A 72 6.86 0.93 0.56
C GLY A 72 5.88 0.18 1.43
N VAL A 73 4.61 0.19 1.01
CA VAL A 73 3.58 -0.52 1.75
C VAL A 73 3.82 -2.02 1.67
N ALA A 74 4.31 -2.51 0.53
CA ALA A 74 4.55 -3.94 0.37
C ALA A 74 5.54 -4.46 1.40
N ARG A 75 6.66 -3.77 1.61
CA ARG A 75 7.64 -4.22 2.61
C ARG A 75 7.10 -4.08 4.03
N ALA A 76 6.22 -3.12 4.24
CA ALA A 76 5.59 -2.94 5.55
C ALA A 76 4.65 -4.12 5.84
N LEU A 77 3.95 -4.60 4.84
CA LEU A 77 3.09 -5.76 5.00
C LEU A 77 3.90 -7.02 5.24
N ALA A 78 5.05 -7.13 4.58
CA ALA A 78 5.92 -8.30 4.72
C ALA A 78 6.37 -8.47 6.18
N ALA A 79 6.51 -7.38 6.92
CA ALA A 79 6.92 -7.45 8.32
C ALA A 79 5.88 -8.19 9.17
N LYS A 80 4.61 -8.09 8.79
CA LYS A 80 3.54 -8.80 9.50
C LYS A 80 3.66 -10.30 9.25
N SER A 81 4.10 -10.66 8.04
CA SER A 81 4.23 -12.06 7.66
C SER A 81 5.45 -12.72 8.29
N ALA A 82 6.40 -11.89 8.71
CA ALA A 82 7.61 -12.39 9.36
C ALA A 82 7.33 -12.66 10.85
N SER A 83 6.22 -12.16 11.34
CA SER A 83 5.86 -12.34 12.75
C SER A 83 5.17 -13.67 12.94
N TRP A 84 5.57 -14.40 13.97
CA TRP A 84 4.91 -15.67 14.32
C TRP A 84 3.50 -15.39 14.84
N SER A 85 3.33 -14.30 15.58
CA SER A 85 2.02 -13.93 16.09
C SER A 85 1.31 -13.11 15.02
N HIS A 86 0.02 -13.38 14.83
CA HIS A 86 -0.76 -12.61 13.86
C HIS A 86 -0.83 -11.14 14.30
N PRO A 87 -0.92 -10.20 13.34
CA PRO A 87 -0.97 -8.80 13.76
C PRO A 87 -2.31 -8.40 14.41
N GLN A 88 -2.28 -7.38 15.26
CA GLN A 88 -3.47 -6.89 15.95
C GLN A 88 -3.41 -5.38 16.07
N PHE A 89 -4.50 -4.83 16.55
CA PHE A 89 -4.60 -3.42 16.88
C PHE A 89 -4.10 -3.18 18.28
N GLU A 90 -4.28 -4.17 19.13
CA GLU A 90 -3.89 -4.12 20.53
C GLU A 90 -2.36 -4.21 20.64
N LYS A 91 -1.81 -3.62 21.69
CA LYS A 91 -0.37 -3.56 21.90
C LYS A 91 -0.14 -3.23 23.37
N GLY A 1 11.64 -2.20 -25.47
CA GLY A 1 11.32 -2.93 -24.22
C GLY A 1 10.24 -2.23 -23.46
N ALA A 2 10.16 -2.42 -22.14
CA ALA A 2 9.21 -1.69 -21.32
C ALA A 2 9.77 -0.28 -21.17
N MET A 3 8.89 0.68 -20.87
CA MET A 3 9.32 2.07 -20.72
C MET A 3 9.82 2.38 -19.31
N ALA A 4 9.65 1.44 -18.40
CA ALA A 4 10.05 1.61 -17.01
C ALA A 4 10.36 0.22 -16.45
N LYS A 5 11.01 0.18 -15.29
CA LYS A 5 11.36 -1.10 -14.67
C LYS A 5 10.12 -1.83 -14.13
N ALA A 6 10.27 -3.12 -13.92
CA ALA A 6 9.26 -3.92 -13.28
C ALA A 6 9.30 -3.67 -11.76
N PRO A 7 8.21 -4.01 -11.03
CA PRO A 7 8.31 -3.90 -9.57
C PRO A 7 9.31 -4.91 -9.01
N GLU A 8 9.74 -4.73 -7.77
CA GLU A 8 10.68 -5.67 -7.15
C GLU A 8 9.90 -6.83 -6.55
N SER A 9 9.04 -6.55 -5.59
CA SER A 9 8.18 -7.59 -5.01
C SER A 9 6.92 -7.69 -5.88
N ALA A 10 6.45 -8.90 -6.12
CA ALA A 10 5.26 -9.11 -6.94
C ALA A 10 4.03 -8.41 -6.37
N THR A 11 3.97 -8.27 -5.05
CA THR A 11 2.86 -7.61 -4.38
C THR A 11 2.77 -6.11 -4.74
N GLU A 12 3.88 -5.48 -5.09
CA GLU A 12 3.85 -4.04 -5.40
C GLU A 12 2.89 -3.73 -6.54
N LYS A 13 2.75 -4.67 -7.50
CA LYS A 13 1.86 -4.44 -8.62
C LYS A 13 0.41 -4.43 -8.19
N VAL A 14 0.05 -5.16 -7.14
CA VAL A 14 -1.33 -5.21 -6.69
C VAL A 14 -1.59 -3.94 -5.88
N LEU A 15 -0.60 -3.48 -5.16
CA LEU A 15 -0.74 -2.30 -4.31
C LEU A 15 -0.87 -1.06 -5.21
N CYS A 16 -0.11 -0.99 -6.30
CA CYS A 16 -0.28 0.06 -7.28
C CYS A 16 -1.68 0.08 -7.89
N ALA A 17 -2.24 -1.09 -8.11
CA ALA A 17 -3.58 -1.11 -8.70
C ALA A 17 -4.56 -0.48 -7.75
N LEU A 18 -4.41 -0.86 -6.53
CA LEU A 18 -5.24 -0.39 -5.47
C LEU A 18 -5.10 1.15 -5.24
N TYR A 19 -3.90 1.66 -5.40
CA TYR A 19 -3.64 3.10 -5.31
C TYR A 19 -4.37 3.77 -6.47
N ALA A 20 -4.19 3.26 -7.68
CA ALA A 20 -4.75 3.89 -8.87
C ALA A 20 -6.29 3.94 -8.88
N GLU A 21 -6.94 2.88 -8.43
CA GLU A 21 -8.42 2.83 -8.44
C GLU A 21 -9.01 3.88 -7.53
N ILE A 22 -8.38 4.07 -6.38
CA ILE A 22 -8.91 4.96 -5.35
C ILE A 22 -8.62 6.41 -5.74
N LEU A 23 -7.48 6.65 -6.34
CA LEU A 23 -7.10 8.00 -6.72
C LEU A 23 -7.69 8.43 -8.05
N GLY A 24 -8.03 7.45 -8.89
CA GLY A 24 -8.61 7.74 -10.20
C GLY A 24 -7.58 8.11 -11.27
N VAL A 25 -6.40 7.49 -11.18
CA VAL A 25 -5.32 7.78 -12.13
C VAL A 25 -5.20 6.62 -13.13
N GLU A 26 -4.70 6.91 -14.31
CA GLU A 26 -4.52 5.88 -15.35
C GLU A 26 -3.29 5.00 -15.14
N ARG A 27 -2.31 5.51 -14.39
CA ARG A 27 -1.04 4.83 -14.21
C ARG A 27 -0.41 5.39 -12.95
N VAL A 28 0.31 4.56 -12.22
CA VAL A 28 0.95 4.99 -10.98
C VAL A 28 2.24 4.17 -10.88
N GLY A 29 3.28 4.76 -10.28
CA GLY A 29 4.53 4.07 -10.10
C GLY A 29 4.65 3.53 -8.69
N VAL A 30 5.66 2.70 -8.47
CA VAL A 30 5.86 2.09 -7.13
C VAL A 30 6.49 3.07 -6.13
N ASP A 31 6.90 4.23 -6.61
CA ASP A 31 7.56 5.24 -5.78
C ASP A 31 6.62 6.44 -5.57
N ASP A 32 5.43 6.34 -6.12
CA ASP A 32 4.47 7.45 -6.06
C ASP A 32 3.85 7.42 -4.67
N ALA A 33 4.13 8.46 -3.89
CA ALA A 33 3.61 8.53 -2.54
C ALA A 33 2.12 8.82 -2.62
N PHE A 34 1.36 8.23 -1.72
CA PHE A 34 -0.09 8.41 -1.69
C PHE A 34 -0.49 9.89 -1.63
N HIS A 35 0.33 10.72 -1.01
CA HIS A 35 0.05 12.16 -0.95
C HIS A 35 0.48 12.93 -2.20
N ASP A 36 1.42 12.42 -2.97
CA ASP A 36 1.88 13.14 -4.18
C ASP A 36 0.75 13.09 -5.19
N LEU A 37 0.03 11.98 -5.13
CA LEU A 37 -1.13 11.75 -5.98
C LEU A 37 -2.35 12.57 -5.53
N GLY A 38 -2.21 13.36 -4.48
CA GLY A 38 -3.33 14.15 -3.97
C GLY A 38 -4.21 13.37 -3.00
N GLY A 39 -3.71 12.25 -2.50
CA GLY A 39 -4.50 11.45 -1.58
C GLY A 39 -4.72 12.10 -0.23
N SER A 40 -5.82 11.69 0.42
CA SER A 40 -6.19 12.23 1.73
C SER A 40 -6.18 11.14 2.79
N SER A 41 -6.15 11.53 4.05
CA SER A 41 -6.12 10.56 5.16
C SER A 41 -7.33 9.63 5.13
N ALA A 42 -8.49 10.15 4.75
CA ALA A 42 -9.69 9.34 4.67
C ALA A 42 -9.55 8.29 3.56
N LEU A 43 -8.93 8.68 2.45
CA LEU A 43 -8.70 7.77 1.34
C LEU A 43 -7.69 6.71 1.75
N ALA A 44 -6.73 7.07 2.60
CA ALA A 44 -5.75 6.11 3.09
C ALA A 44 -6.45 5.02 3.93
N MET A 45 -7.41 5.40 4.76
CA MET A 45 -8.17 4.41 5.55
C MET A 45 -8.98 3.51 4.62
N ARG A 46 -9.50 4.08 3.53
CA ARG A 46 -10.25 3.29 2.53
C ARG A 46 -9.30 2.32 1.82
N LEU A 47 -8.07 2.76 1.59
CA LEU A 47 -7.05 1.92 0.96
C LEU A 47 -6.82 0.68 1.78
N ILE A 48 -6.73 0.81 3.09
CA ILE A 48 -6.46 -0.34 3.96
C ILE A 48 -7.60 -1.35 3.86
N ALA A 49 -8.83 -0.85 3.85
CA ALA A 49 -9.99 -1.72 3.73
C ALA A 49 -10.02 -2.46 2.39
N ARG A 50 -9.69 -1.75 1.31
CA ARG A 50 -9.70 -2.35 -0.04
C ARG A 50 -8.58 -3.37 -0.14
N ILE A 51 -7.43 -3.07 0.46
CA ILE A 51 -6.32 -4.00 0.54
C ILE A 51 -6.79 -5.28 1.24
N ARG A 52 -7.59 -5.15 2.29
CA ARG A 52 -8.07 -6.33 2.99
C ARG A 52 -8.94 -7.20 2.08
N GLU A 53 -9.82 -6.61 1.31
CA GLU A 53 -10.66 -7.42 0.41
C GLU A 53 -9.83 -8.17 -0.63
N GLU A 54 -8.88 -7.49 -1.24
CA GLU A 54 -8.16 -8.06 -2.37
C GLU A 54 -6.93 -8.90 -2.01
N LEU A 55 -6.29 -8.59 -0.90
CA LEU A 55 -5.06 -9.28 -0.48
C LEU A 55 -5.26 -10.11 0.76
N GLY A 56 -6.36 -9.91 1.48
CA GLY A 56 -6.60 -10.66 2.71
C GLY A 56 -5.71 -10.25 3.88
N VAL A 57 -5.16 -9.03 3.83
CA VAL A 57 -4.25 -8.54 4.87
C VAL A 57 -4.61 -7.15 5.37
N ASP A 58 -4.09 -6.82 6.55
CA ASP A 58 -4.37 -5.55 7.18
C ASP A 58 -3.07 -4.85 7.59
N LEU A 59 -3.08 -3.53 7.67
CA LEU A 59 -1.89 -2.76 8.04
C LEU A 59 -2.34 -1.51 8.83
N PRO A 60 -1.70 -1.22 9.97
CA PRO A 60 -2.15 -0.01 10.66
C PRO A 60 -1.82 1.27 9.90
N ILE A 61 -2.60 2.31 10.14
CA ILE A 61 -2.43 3.61 9.46
C ILE A 61 -1.04 4.15 9.77
N ARG A 62 -0.56 3.81 10.96
CA ARG A 62 0.76 4.26 11.40
C ARG A 62 1.89 3.78 10.49
N GLN A 63 1.78 2.57 9.96
CA GLN A 63 2.83 2.03 9.10
C GLN A 63 2.75 2.66 7.73
N LEU A 64 1.56 3.08 7.34
CA LEU A 64 1.37 3.73 6.04
C LEU A 64 2.08 5.09 5.99
N PHE A 65 2.19 5.78 7.12
CA PHE A 65 2.93 7.04 7.14
C PHE A 65 4.42 6.83 6.85
N SER A 66 4.95 5.70 7.28
CA SER A 66 6.37 5.36 7.07
C SER A 66 6.59 4.71 5.72
N SER A 67 5.50 4.25 5.12
CA SER A 67 5.52 3.60 3.81
C SER A 67 4.44 4.18 2.92
N PRO A 68 4.56 5.47 2.51
CA PRO A 68 3.51 6.06 1.70
C PRO A 68 3.49 5.63 0.23
N THR A 69 4.51 4.92 -0.20
CA THR A 69 4.60 4.42 -1.58
C THR A 69 4.22 2.93 -1.60
N PRO A 70 3.70 2.40 -2.74
CA PRO A 70 3.41 0.96 -2.78
C PRO A 70 4.58 0.02 -2.42
N ALA A 71 5.79 0.36 -2.85
CA ALA A 71 6.88 -0.49 -2.54
C ALA A 71 7.17 -0.58 -1.02
N GLY A 72 6.90 0.51 -0.32
CA GLY A 72 7.05 0.51 1.13
C GLY A 72 5.99 -0.33 1.81
N VAL A 73 4.78 -0.37 1.25
CA VAL A 73 3.71 -1.17 1.86
C VAL A 73 3.99 -2.67 1.68
N ALA A 74 4.58 -3.03 0.55
CA ALA A 74 4.87 -4.43 0.28
C ALA A 74 5.80 -5.05 1.33
N ARG A 75 6.87 -4.35 1.71
CA ARG A 75 7.79 -4.88 2.72
C ARG A 75 7.16 -4.88 4.10
N ALA A 76 6.24 -3.95 4.33
CA ALA A 76 5.57 -3.82 5.62
C ALA A 76 4.63 -5.00 5.90
N LEU A 77 4.04 -5.58 4.87
CA LEU A 77 3.14 -6.74 5.02
C LEU A 77 3.87 -7.94 5.62
N ALA A 78 5.16 -8.03 5.37
CA ALA A 78 5.99 -9.12 5.89
C ALA A 78 6.19 -9.07 7.41
N ALA A 79 5.92 -7.92 8.03
CA ALA A 79 6.18 -7.76 9.47
C ALA A 79 5.45 -8.80 10.33
N LYS A 80 4.21 -9.13 9.98
CA LYS A 80 3.45 -10.12 10.76
C LYS A 80 4.00 -11.55 10.64
N SER A 81 4.84 -11.78 9.65
CA SER A 81 5.47 -13.09 9.46
C SER A 81 6.73 -13.18 10.31
N ALA A 82 7.43 -12.06 10.43
CA ALA A 82 8.64 -12.00 11.25
C ALA A 82 8.26 -11.96 12.73
N SER A 83 7.14 -11.32 13.04
CA SER A 83 6.64 -11.19 14.41
C SER A 83 5.20 -11.68 14.45
N TRP A 84 5.04 -12.93 14.91
CA TRP A 84 3.73 -13.56 15.01
C TRP A 84 2.85 -12.91 16.08
N SER A 85 3.48 -12.17 17.00
CA SER A 85 2.75 -11.53 18.09
C SER A 85 1.95 -10.39 17.51
N HIS A 86 0.66 -10.37 17.83
CA HIS A 86 -0.25 -9.36 17.30
C HIS A 86 -0.08 -8.02 18.02
N PRO A 87 -0.24 -6.89 17.31
CA PRO A 87 -0.09 -5.60 17.98
C PRO A 87 -1.28 -5.26 18.87
N GLN A 88 -1.11 -4.30 19.76
CA GLN A 88 -2.18 -3.83 20.63
C GLN A 88 -3.29 -3.10 19.85
N PHE A 89 -2.91 -2.52 18.73
CA PHE A 89 -3.84 -1.79 17.89
C PHE A 89 -3.50 -2.05 16.42
N GLU A 90 -4.50 -2.47 15.66
CA GLU A 90 -4.37 -2.69 14.22
C GLU A 90 -4.68 -1.39 13.48
N LYS A 91 -5.04 -0.40 14.27
CA LYS A 91 -5.42 0.91 13.75
C LYS A 91 -4.23 1.87 13.68
N GLY A 1 6.86 5.45 -12.64
CA GLY A 1 7.72 5.98 -13.71
C GLY A 1 7.39 5.39 -15.05
N ALA A 2 7.96 5.90 -16.12
CA ALA A 2 7.68 5.40 -17.48
C ALA A 2 8.15 3.94 -17.68
N MET A 3 9.27 3.59 -17.05
CA MET A 3 9.79 2.22 -17.11
C MET A 3 9.35 1.49 -15.86
N ALA A 4 9.04 0.21 -15.97
CA ALA A 4 8.66 -0.62 -14.84
C ALA A 4 9.12 -2.05 -15.17
N LYS A 5 9.13 -2.92 -14.16
CA LYS A 5 9.47 -4.35 -14.34
C LYS A 5 8.22 -5.16 -13.98
N ALA A 6 8.13 -5.59 -12.73
CA ALA A 6 7.01 -6.38 -12.22
C ALA A 6 7.13 -6.26 -10.72
N PRO A 7 6.02 -6.42 -9.98
CA PRO A 7 6.15 -6.39 -8.52
C PRO A 7 6.83 -7.65 -8.00
N GLU A 8 7.41 -7.57 -6.80
CA GLU A 8 8.12 -8.71 -6.20
C GLU A 8 7.25 -9.37 -5.13
N SER A 9 6.97 -8.64 -4.06
CA SER A 9 6.15 -9.18 -2.97
C SER A 9 4.69 -9.20 -3.40
N ALA A 10 3.94 -10.19 -2.94
CA ALA A 10 2.53 -10.31 -3.28
C ALA A 10 1.72 -9.08 -2.81
N THR A 11 2.17 -8.45 -1.74
CA THR A 11 1.48 -7.29 -1.19
C THR A 11 1.58 -6.07 -2.12
N GLU A 12 2.63 -6.01 -2.93
CA GLU A 12 2.81 -4.85 -3.80
C GLU A 12 1.65 -4.75 -4.78
N LYS A 13 1.17 -5.90 -5.25
CA LYS A 13 0.07 -5.92 -6.20
C LYS A 13 -1.21 -5.39 -5.57
N VAL A 14 -1.38 -5.61 -4.27
CA VAL A 14 -2.62 -5.19 -3.61
C VAL A 14 -2.56 -3.68 -3.36
N LEU A 15 -1.37 -3.18 -3.02
CA LEU A 15 -1.21 -1.78 -2.74
C LEU A 15 -1.41 -0.94 -3.98
N CYS A 16 -0.85 -1.39 -5.10
CA CYS A 16 -1.05 -0.71 -6.34
C CYS A 16 -2.54 -0.70 -6.70
N ALA A 17 -3.26 -1.77 -6.41
CA ALA A 17 -4.68 -1.81 -6.72
C ALA A 17 -5.48 -0.81 -5.90
N LEU A 18 -5.17 -0.75 -4.63
CA LEU A 18 -5.82 0.15 -3.71
C LEU A 18 -5.55 1.61 -4.05
N TYR A 19 -4.37 1.90 -4.56
CA TYR A 19 -4.07 3.25 -5.02
C TYR A 19 -4.92 3.55 -6.27
N ALA A 20 -4.98 2.59 -7.19
CA ALA A 20 -5.69 2.78 -8.46
C ALA A 20 -7.20 2.96 -8.27
N GLU A 21 -7.79 2.29 -7.29
CA GLU A 21 -9.23 2.44 -7.01
C GLU A 21 -9.60 3.88 -6.71
N ILE A 22 -8.74 4.51 -5.94
CA ILE A 22 -9.02 5.84 -5.42
C ILE A 22 -8.66 6.87 -6.48
N LEU A 23 -7.54 6.67 -7.15
CA LEU A 23 -7.03 7.61 -8.14
C LEU A 23 -7.72 7.49 -9.50
N GLY A 24 -8.41 6.40 -9.75
CA GLY A 24 -9.12 6.23 -11.00
C GLY A 24 -8.20 6.00 -12.18
N VAL A 25 -7.06 5.33 -11.96
CA VAL A 25 -6.11 5.09 -13.04
C VAL A 25 -6.06 3.66 -13.52
N GLU A 26 -5.53 3.52 -14.72
CA GLU A 26 -5.38 2.26 -15.40
C GLU A 26 -4.33 1.40 -14.70
N ARG A 27 -3.31 2.04 -14.14
CA ARG A 27 -2.21 1.29 -13.54
C ARG A 27 -1.41 2.16 -12.56
N VAL A 28 -0.90 1.53 -11.52
CA VAL A 28 0.00 2.17 -10.57
C VAL A 28 1.22 1.28 -10.52
N GLY A 29 2.40 1.86 -10.61
CA GLY A 29 3.65 1.13 -10.51
C GLY A 29 4.11 1.12 -9.06
N VAL A 30 5.00 0.22 -8.71
CA VAL A 30 5.45 0.10 -7.32
C VAL A 30 6.35 1.25 -6.87
N ASP A 31 6.76 2.08 -7.81
CA ASP A 31 7.56 3.27 -7.51
C ASP A 31 6.74 4.55 -7.73
N ASP A 32 5.46 4.39 -8.00
CA ASP A 32 4.59 5.56 -8.20
C ASP A 32 4.13 6.05 -6.84
N ALA A 33 4.52 7.25 -6.49
CA ALA A 33 4.17 7.81 -5.20
C ALA A 33 2.70 8.23 -5.24
N PHE A 34 2.02 8.15 -4.11
CA PHE A 34 0.61 8.55 -4.02
C PHE A 34 0.45 10.01 -4.45
N HIS A 35 1.48 10.82 -4.20
CA HIS A 35 1.45 12.22 -4.59
C HIS A 35 1.85 12.42 -6.08
N ASP A 36 2.64 11.52 -6.63
CA ASP A 36 3.06 11.61 -8.05
C ASP A 36 1.84 11.36 -8.92
N LEU A 37 0.97 10.52 -8.39
CA LEU A 37 -0.33 10.22 -8.99
C LEU A 37 -1.34 11.36 -8.82
N GLY A 38 -0.96 12.42 -8.10
CA GLY A 38 -1.85 13.55 -7.87
C GLY A 38 -2.85 13.36 -6.73
N GLY A 39 -2.52 12.46 -5.80
CA GLY A 39 -3.39 12.18 -4.68
C GLY A 39 -3.47 13.31 -3.67
N SER A 40 -4.53 13.34 -2.88
CA SER A 40 -4.74 14.39 -1.88
C SER A 40 -4.87 13.83 -0.47
N SER A 41 -4.83 14.71 0.54
CA SER A 41 -4.95 14.30 1.95
C SER A 41 -6.20 13.45 2.22
N ALA A 42 -7.35 13.89 1.72
CA ALA A 42 -8.60 13.15 1.92
C ALA A 42 -8.52 11.76 1.27
N LEU A 43 -7.90 11.69 0.09
CA LEU A 43 -7.75 10.45 -0.65
C LEU A 43 -6.81 9.51 0.13
N ALA A 44 -5.74 10.07 0.70
CA ALA A 44 -4.81 9.29 1.50
C ALA A 44 -5.45 8.73 2.78
N MET A 45 -6.36 9.46 3.40
CA MET A 45 -7.09 8.94 4.57
C MET A 45 -8.08 7.84 4.14
N ARG A 46 -8.65 7.97 2.94
CA ARG A 46 -9.52 6.91 2.41
C ARG A 46 -8.69 5.67 2.14
N LEU A 47 -7.45 5.89 1.70
CA LEU A 47 -6.53 4.78 1.43
C LEU A 47 -6.32 3.96 2.69
N ILE A 48 -6.16 4.63 3.83
CA ILE A 48 -5.89 3.91 5.09
C ILE A 48 -7.08 3.02 5.41
N ALA A 49 -8.28 3.55 5.27
CA ALA A 49 -9.48 2.76 5.56
C ALA A 49 -9.60 1.53 4.66
N ARG A 50 -9.33 1.70 3.36
CA ARG A 50 -9.41 0.58 2.41
C ARG A 50 -8.33 -0.44 2.73
N ILE A 51 -7.15 0.01 3.05
CA ILE A 51 -6.07 -0.92 3.44
C ILE A 51 -6.46 -1.68 4.70
N ARG A 52 -7.07 -1.02 5.67
CA ARG A 52 -7.47 -1.70 6.89
C ARG A 52 -8.52 -2.74 6.54
N GLU A 53 -9.38 -2.46 5.56
CA GLU A 53 -10.39 -3.41 5.17
C GLU A 53 -9.89 -4.64 4.41
N GLU A 54 -9.06 -4.41 3.41
CA GLU A 54 -8.61 -5.49 2.55
C GLU A 54 -7.44 -6.28 3.13
N LEU A 55 -6.49 -5.57 3.73
CA LEU A 55 -5.27 -6.20 4.26
C LEU A 55 -5.39 -6.48 5.76
N GLY A 56 -6.26 -5.75 6.45
CA GLY A 56 -6.45 -5.98 7.88
C GLY A 56 -5.38 -5.34 8.75
N VAL A 57 -4.76 -4.26 8.30
CA VAL A 57 -3.69 -3.62 9.07
C VAL A 57 -3.93 -2.11 9.17
N ASP A 58 -3.77 -1.58 10.36
CA ASP A 58 -3.92 -0.13 10.62
C ASP A 58 -2.59 0.57 10.31
N LEU A 59 -2.40 0.89 9.04
CA LEU A 59 -1.19 1.59 8.61
C LEU A 59 -1.24 3.07 9.00
N PRO A 60 -0.28 3.55 9.81
CA PRO A 60 -0.43 4.98 10.15
C PRO A 60 -0.03 5.92 9.00
N ILE A 61 -0.67 7.07 8.95
CA ILE A 61 -0.38 8.11 7.95
C ILE A 61 1.09 8.58 8.01
N ARG A 62 1.72 8.37 9.17
CA ARG A 62 3.13 8.73 9.33
C ARG A 62 4.00 7.88 8.42
N GLN A 63 3.72 6.59 8.35
CA GLN A 63 4.51 5.70 7.54
C GLN A 63 4.24 5.94 6.06
N LEU A 64 2.99 6.29 5.75
CA LEU A 64 2.62 6.62 4.39
C LEU A 64 3.38 7.83 3.89
N PHE A 65 3.59 8.81 4.77
CA PHE A 65 4.34 10.00 4.38
C PHE A 65 5.85 9.75 4.30
N SER A 66 6.33 8.72 4.99
CA SER A 66 7.74 8.36 4.90
C SER A 66 7.99 7.42 3.70
N SER A 67 6.94 6.77 3.24
CA SER A 67 7.00 5.79 2.17
C SER A 67 5.77 5.92 1.27
N PRO A 68 5.74 6.93 0.40
CA PRO A 68 4.54 7.12 -0.42
C PRO A 68 4.43 6.17 -1.62
N THR A 69 5.43 5.32 -1.82
CA THR A 69 5.40 4.36 -2.93
C THR A 69 5.03 2.97 -2.40
N PRO A 70 4.27 2.18 -3.18
CA PRO A 70 3.88 0.85 -2.71
C PRO A 70 4.95 -0.07 -2.19
N ALA A 71 6.09 -0.15 -2.86
CA ALA A 71 7.03 -1.20 -2.52
C ALA A 71 7.58 -0.94 -1.11
N GLY A 72 7.67 0.33 -0.75
CA GLY A 72 8.20 0.69 0.56
C GLY A 72 7.22 0.36 1.65
N VAL A 73 5.94 0.51 1.36
CA VAL A 73 4.89 0.13 2.32
C VAL A 73 4.90 -1.39 2.48
N ALA A 74 5.06 -2.10 1.38
CA ALA A 74 5.02 -3.57 1.40
C ALA A 74 6.09 -4.17 2.30
N ARG A 75 7.30 -3.66 2.25
CA ARG A 75 8.39 -4.19 3.09
C ARG A 75 8.19 -3.83 4.56
N ALA A 76 7.48 -2.74 4.81
CA ALA A 76 7.15 -2.37 6.18
C ALA A 76 6.12 -3.36 6.74
N LEU A 77 5.14 -3.73 5.92
CA LEU A 77 4.09 -4.67 6.30
C LEU A 77 4.64 -6.09 6.48
N ALA A 78 5.77 -6.37 5.86
CA ALA A 78 6.44 -7.68 5.97
C ALA A 78 6.83 -7.98 7.42
N ALA A 79 6.85 -6.96 8.28
CA ALA A 79 7.13 -7.12 9.71
C ALA A 79 6.14 -8.06 10.39
N LYS A 80 5.00 -8.32 9.74
CA LYS A 80 4.01 -9.29 10.21
C LYS A 80 4.65 -10.66 10.45
N SER A 81 5.64 -11.03 9.63
CA SER A 81 6.31 -12.34 9.78
C SER A 81 7.17 -12.43 11.05
N ALA A 82 7.68 -11.30 11.53
CA ALA A 82 8.53 -11.28 12.71
C ALA A 82 7.73 -10.90 13.96
N SER A 83 6.50 -10.47 13.76
CA SER A 83 5.63 -10.03 14.86
C SER A 83 4.95 -11.25 15.46
N TRP A 84 4.51 -11.12 16.70
CA TRP A 84 3.82 -12.21 17.38
C TRP A 84 2.41 -12.36 16.82
N SER A 85 2.05 -13.58 16.40
CA SER A 85 0.73 -13.86 15.89
C SER A 85 -0.29 -13.98 17.02
N HIS A 86 -1.36 -13.21 16.90
CA HIS A 86 -2.48 -13.30 17.84
C HIS A 86 -3.13 -14.68 17.70
N PRO A 87 -3.82 -15.17 18.75
CA PRO A 87 -4.48 -16.48 18.65
C PRO A 87 -5.75 -16.49 17.77
N GLN A 88 -5.55 -16.36 16.47
CA GLN A 88 -6.60 -16.41 15.48
C GLN A 88 -5.85 -16.82 14.22
N PHE A 89 -6.57 -17.22 13.20
CA PHE A 89 -5.99 -17.51 11.93
C PHE A 89 -5.31 -16.27 11.38
N GLU A 90 -4.07 -16.44 10.91
CA GLU A 90 -3.31 -15.32 10.36
C GLU A 90 -3.66 -15.12 8.90
N LYS A 91 -3.29 -13.96 8.35
CA LYS A 91 -3.47 -13.66 6.93
C LYS A 91 -2.38 -14.36 6.14
N GLY A 1 18.23 7.27 -1.47
CA GLY A 1 17.16 6.31 -1.14
C GLY A 1 17.39 4.97 -1.78
N ALA A 2 16.70 3.92 -1.32
CA ALA A 2 16.85 2.55 -1.81
C ALA A 2 15.55 1.74 -1.56
N MET A 3 15.43 0.58 -2.18
CA MET A 3 14.23 -0.23 -2.12
C MET A 3 14.67 -1.60 -1.70
N ALA A 4 13.95 -2.20 -0.76
CA ALA A 4 14.34 -3.54 -0.29
C ALA A 4 14.07 -4.64 -1.32
N LYS A 5 13.15 -4.43 -2.25
CA LYS A 5 12.83 -5.45 -3.26
C LYS A 5 12.85 -4.82 -4.67
N ALA A 6 13.14 -5.64 -5.64
CA ALA A 6 12.91 -5.30 -7.04
C ALA A 6 11.41 -5.11 -7.29
N PRO A 7 11.04 -4.33 -8.30
CA PRO A 7 9.62 -4.05 -8.58
C PRO A 7 8.91 -5.22 -9.29
N GLU A 8 7.62 -5.04 -9.54
CA GLU A 8 6.79 -6.03 -10.27
C GLU A 8 6.69 -7.33 -9.48
N SER A 9 6.73 -7.18 -8.15
CA SER A 9 6.49 -8.33 -7.28
C SER A 9 4.99 -8.68 -7.29
N ALA A 10 4.62 -9.87 -6.84
CA ALA A 10 3.22 -10.27 -6.78
C ALA A 10 2.27 -9.33 -6.03
N THR A 11 2.62 -8.95 -4.82
CA THR A 11 1.70 -8.13 -4.02
C THR A 11 1.53 -6.73 -4.56
N GLU A 12 2.49 -6.22 -5.30
CA GLU A 12 2.39 -4.85 -5.90
C GLU A 12 1.24 -4.74 -6.86
N LYS A 13 0.87 -5.86 -7.49
CA LYS A 13 -0.23 -5.82 -8.44
C LYS A 13 -1.57 -5.50 -7.74
N VAL A 14 -1.74 -5.99 -6.53
CA VAL A 14 -2.99 -5.77 -5.82
C VAL A 14 -3.07 -4.33 -5.32
N LEU A 15 -1.94 -3.77 -4.93
CA LEU A 15 -1.88 -2.40 -4.42
C LEU A 15 -2.00 -1.39 -5.55
N CYS A 16 -1.39 -1.71 -6.68
CA CYS A 16 -1.58 -0.92 -7.90
C CYS A 16 -3.05 -0.86 -8.28
N ALA A 17 -3.80 -1.95 -8.09
CA ALA A 17 -5.20 -1.95 -8.46
C ALA A 17 -6.03 -1.11 -7.51
N LEU A 18 -5.72 -1.28 -6.26
CA LEU A 18 -6.42 -0.59 -5.23
C LEU A 18 -6.27 0.91 -5.37
N TYR A 19 -5.05 1.35 -5.69
CA TYR A 19 -4.81 2.76 -5.98
C TYR A 19 -5.65 3.26 -7.19
N ALA A 20 -5.69 2.48 -8.27
CA ALA A 20 -6.43 2.89 -9.48
C ALA A 20 -7.94 3.03 -9.21
N GLU A 21 -8.48 2.10 -8.43
CA GLU A 21 -9.92 2.10 -8.10
C GLU A 21 -10.34 3.43 -7.44
N ILE A 22 -9.55 3.87 -6.46
CA ILE A 22 -9.86 5.05 -5.66
C ILE A 22 -9.54 6.35 -6.42
N LEU A 23 -8.40 6.38 -7.13
CA LEU A 23 -7.98 7.54 -7.86
C LEU A 23 -8.75 7.67 -9.15
N GLY A 24 -9.40 6.63 -9.62
CA GLY A 24 -10.20 6.68 -10.86
C GLY A 24 -9.40 6.90 -12.11
N VAL A 25 -8.26 6.23 -12.22
CA VAL A 25 -7.33 6.45 -13.36
C VAL A 25 -7.29 5.20 -14.21
N GLU A 26 -6.74 5.38 -15.41
CA GLU A 26 -6.58 4.32 -16.35
C GLU A 26 -5.52 3.34 -15.95
N ARG A 27 -4.47 3.83 -15.29
CA ARG A 27 -3.44 2.94 -14.76
C ARG A 27 -2.61 3.69 -13.73
N VAL A 28 -1.91 2.96 -12.88
CA VAL A 28 -1.02 3.49 -11.85
C VAL A 28 0.36 2.79 -11.98
N GLY A 29 1.48 3.49 -11.77
CA GLY A 29 2.75 2.79 -11.75
C GLY A 29 3.03 2.28 -10.37
N VAL A 30 3.80 1.20 -10.26
CA VAL A 30 4.07 0.61 -8.92
C VAL A 30 5.05 1.50 -8.16
N ASP A 31 5.61 2.51 -8.86
CA ASP A 31 6.58 3.41 -8.24
C ASP A 31 6.02 4.83 -8.16
N ASP A 32 4.71 4.97 -8.41
CA ASP A 32 4.07 6.26 -8.38
C ASP A 32 3.46 6.43 -7.03
N ALA A 33 3.71 7.54 -6.37
CA ALA A 33 3.17 7.76 -5.07
C ALA A 33 1.67 8.13 -5.12
N PHE A 34 0.97 7.76 -4.06
CA PHE A 34 -0.45 8.04 -3.88
C PHE A 34 -0.66 9.57 -3.90
N HIS A 35 0.35 10.24 -3.37
CA HIS A 35 0.39 11.70 -3.41
C HIS A 35 0.67 12.28 -4.78
N ASP A 36 1.49 11.66 -5.63
CA ASP A 36 1.76 12.22 -7.00
C ASP A 36 0.55 12.04 -7.87
N LEU A 37 -0.24 11.00 -7.55
CA LEU A 37 -1.49 10.76 -8.21
C LEU A 37 -2.60 11.73 -7.77
N GLY A 38 -2.30 12.64 -6.87
CA GLY A 38 -3.29 13.60 -6.38
C GLY A 38 -4.24 13.06 -5.34
N GLY A 39 -3.78 12.07 -4.61
CA GLY A 39 -4.56 11.53 -3.53
C GLY A 39 -4.73 12.50 -2.36
N SER A 40 -5.52 12.12 -1.36
CA SER A 40 -5.74 12.99 -0.19
C SER A 40 -5.71 12.12 1.08
N SER A 41 -5.62 12.71 2.25
CA SER A 41 -5.54 11.90 3.45
C SER A 41 -6.82 11.06 3.67
N ALA A 42 -7.99 11.55 3.31
CA ALA A 42 -9.25 10.84 3.50
C ALA A 42 -9.25 9.60 2.61
N LEU A 43 -8.74 9.79 1.40
CA LEU A 43 -8.66 8.72 0.38
C LEU A 43 -7.69 7.65 0.85
N ALA A 44 -6.66 8.10 1.54
CA ALA A 44 -5.63 7.22 2.06
C ALA A 44 -6.22 6.34 3.13
N MET A 45 -7.08 6.88 3.95
CA MET A 45 -7.73 6.06 4.98
C MET A 45 -8.62 5.01 4.35
N ARG A 46 -9.29 5.38 3.24
CA ARG A 46 -10.15 4.42 2.53
C ARG A 46 -9.30 3.32 1.89
N LEU A 47 -8.11 3.66 1.41
CA LEU A 47 -7.17 2.66 0.86
C LEU A 47 -6.81 1.60 1.88
N ILE A 48 -6.49 2.05 3.11
CA ILE A 48 -6.12 1.09 4.18
C ILE A 48 -7.33 0.19 4.43
N ALA A 49 -8.51 0.81 4.53
CA ALA A 49 -9.75 0.08 4.76
C ALA A 49 -9.98 -1.04 3.70
N ARG A 50 -9.83 -0.68 2.43
CA ARG A 50 -10.06 -1.65 1.35
C ARG A 50 -8.95 -2.69 1.28
N ILE A 51 -7.72 -2.33 1.64
CA ILE A 51 -6.61 -3.31 1.70
C ILE A 51 -6.93 -4.35 2.79
N ARG A 52 -7.53 -3.92 3.90
CA ARG A 52 -7.89 -4.84 5.00
C ARG A 52 -9.01 -5.79 4.57
N GLU A 53 -9.89 -5.30 3.70
CA GLU A 53 -11.03 -6.11 3.22
C GLU A 53 -10.50 -7.21 2.29
N GLU A 54 -9.70 -6.81 1.29
CA GLU A 54 -9.16 -7.75 0.28
C GLU A 54 -7.98 -8.63 0.74
N LEU A 55 -7.02 -8.07 1.46
CA LEU A 55 -5.78 -8.83 1.80
C LEU A 55 -5.68 -9.20 3.29
N GLY A 56 -6.43 -8.48 4.16
CA GLY A 56 -6.41 -8.77 5.59
C GLY A 56 -5.31 -8.20 6.43
N VAL A 57 -4.65 -7.16 5.99
CA VAL A 57 -3.53 -6.52 6.76
C VAL A 57 -3.78 -5.08 7.10
N ASP A 58 -3.43 -4.70 8.32
CA ASP A 58 -3.72 -3.33 8.85
C ASP A 58 -2.44 -2.54 8.92
N LEU A 59 -2.24 -1.68 7.91
CA LEU A 59 -1.00 -0.91 7.78
C LEU A 59 -1.30 0.48 8.29
N PRO A 60 -0.49 1.02 9.21
CA PRO A 60 -0.91 2.34 9.73
C PRO A 60 -0.67 3.50 8.75
N ILE A 61 -1.30 4.66 9.00
CA ILE A 61 -1.07 5.86 8.15
C ILE A 61 0.39 6.21 8.06
N ARG A 62 1.08 6.13 9.17
CA ARG A 62 2.51 6.53 9.18
C ARG A 62 3.34 5.74 8.20
N GLN A 63 3.10 4.43 8.04
CA GLN A 63 3.87 3.68 7.08
C GLN A 63 3.46 3.98 5.68
N LEU A 64 2.24 4.44 5.46
CA LEU A 64 1.81 4.79 4.14
C LEU A 64 2.43 6.10 3.69
N PHE A 65 2.68 6.96 4.67
CA PHE A 65 3.25 8.27 4.34
C PHE A 65 4.72 8.13 3.99
N SER A 66 5.34 7.11 4.57
CA SER A 66 6.76 6.83 4.28
C SER A 66 6.91 5.95 3.04
N SER A 67 5.84 5.18 2.74
CA SER A 67 5.80 4.26 1.61
C SER A 67 4.62 4.57 0.77
N PRO A 68 4.62 5.76 0.09
CA PRO A 68 3.39 6.11 -0.60
C PRO A 68 3.21 5.41 -1.95
N THR A 69 4.20 4.67 -2.40
CA THR A 69 4.14 3.99 -3.72
C THR A 69 3.63 2.54 -3.50
N PRO A 70 2.86 1.94 -4.48
CA PRO A 70 2.52 0.53 -4.21
C PRO A 70 3.72 -0.37 -3.85
N ALA A 71 4.90 -0.17 -4.46
CA ALA A 71 6.03 -1.10 -4.25
C ALA A 71 6.54 -0.85 -2.82
N GLY A 72 6.41 0.37 -2.35
CA GLY A 72 6.79 0.75 -1.01
C GLY A 72 5.92 0.07 -0.01
N VAL A 73 4.64 0.03 -0.25
CA VAL A 73 3.75 -0.70 0.69
C VAL A 73 4.12 -2.19 0.67
N ALA A 74 4.33 -2.75 -0.53
CA ALA A 74 4.60 -4.18 -0.66
C ALA A 74 5.83 -4.62 0.15
N ARG A 75 6.90 -3.85 0.05
CA ARG A 75 8.13 -4.13 0.80
C ARG A 75 7.91 -3.91 2.29
N ALA A 76 7.06 -2.99 2.70
CA ALA A 76 6.78 -2.81 4.12
C ALA A 76 6.01 -4.04 4.66
N LEU A 77 5.11 -4.59 3.86
CA LEU A 77 4.36 -5.81 4.24
C LEU A 77 5.33 -6.95 4.46
N ALA A 78 6.31 -7.06 3.55
CA ALA A 78 7.31 -8.10 3.68
C ALA A 78 8.13 -7.91 4.96
N ALA A 79 8.41 -6.67 5.34
CA ALA A 79 9.15 -6.40 6.57
C ALA A 79 8.30 -6.85 7.79
N LYS A 80 7.01 -6.60 7.74
CA LYS A 80 6.12 -7.04 8.83
C LYS A 80 6.01 -8.53 8.92
N SER A 81 5.93 -9.18 7.76
CA SER A 81 5.85 -10.62 7.77
C SER A 81 7.15 -11.25 8.28
N ALA A 82 8.27 -10.56 8.16
CA ALA A 82 9.53 -11.12 8.66
C ALA A 82 9.64 -10.86 10.15
N SER A 83 8.75 -10.09 10.74
CA SER A 83 8.82 -9.81 12.20
C SER A 83 8.39 -11.04 12.97
N TRP A 84 8.94 -11.27 14.15
CA TRP A 84 8.56 -12.47 14.92
C TRP A 84 7.26 -12.26 15.67
N SER A 85 7.03 -11.02 16.12
CA SER A 85 5.79 -10.69 16.86
C SER A 85 4.63 -10.84 15.90
N HIS A 86 3.52 -11.28 16.41
CA HIS A 86 2.36 -11.52 15.60
C HIS A 86 1.84 -10.16 15.06
N PRO A 87 1.16 -10.17 13.91
CA PRO A 87 0.62 -8.87 13.47
C PRO A 87 -0.62 -8.43 14.29
N GLN A 88 -0.91 -7.12 14.32
CA GLN A 88 -2.07 -6.59 15.05
C GLN A 88 -3.04 -5.93 14.07
N PHE A 89 -4.29 -5.71 14.49
CA PHE A 89 -5.28 -5.01 13.65
C PHE A 89 -6.31 -4.43 14.60
N GLU A 90 -7.11 -3.50 14.09
CA GLU A 90 -8.30 -3.00 14.77
C GLU A 90 -9.51 -3.42 13.97
N LYS A 91 -10.65 -3.52 14.65
CA LYS A 91 -11.90 -3.91 14.00
C LYS A 91 -12.84 -2.72 13.84
N GLY A 1 20.58 -2.52 -13.63
CA GLY A 1 19.33 -1.91 -13.14
C GLY A 1 19.63 -0.83 -12.13
N ALA A 2 18.61 -0.20 -11.54
CA ALA A 2 18.81 0.87 -10.56
C ALA A 2 19.20 0.35 -9.15
N MET A 3 19.40 -0.95 -9.04
CA MET A 3 19.84 -1.70 -7.83
C MET A 3 18.87 -1.72 -6.62
N ALA A 4 18.06 -0.68 -6.46
CA ALA A 4 17.04 -0.66 -5.44
C ALA A 4 16.03 -1.78 -5.75
N LYS A 5 15.33 -2.25 -4.74
CA LYS A 5 14.30 -3.30 -4.93
C LYS A 5 13.06 -2.89 -4.18
N ALA A 6 11.96 -3.47 -4.56
CA ALA A 6 10.66 -3.18 -3.98
C ALA A 6 9.84 -4.51 -4.02
N PRO A 7 8.81 -4.65 -3.15
CA PRO A 7 8.08 -5.93 -3.07
C PRO A 7 7.25 -6.37 -4.29
N GLU A 8 6.93 -7.66 -4.29
CA GLU A 8 6.06 -8.27 -5.30
C GLU A 8 5.13 -9.24 -4.55
N SER A 9 4.73 -8.84 -3.33
CA SER A 9 3.95 -9.71 -2.44
C SER A 9 2.48 -9.84 -2.92
N ALA A 10 1.80 -10.89 -2.47
CA ALA A 10 0.42 -11.14 -2.87
C ALA A 10 -0.53 -9.99 -2.56
N THR A 11 -0.39 -9.32 -1.43
CA THR A 11 -1.27 -8.18 -1.12
C THR A 11 -0.91 -6.94 -1.93
N GLU A 12 0.33 -6.83 -2.37
CA GLU A 12 0.75 -5.62 -3.08
C GLU A 12 -0.02 -5.47 -4.40
N LYS A 13 -0.39 -6.59 -5.00
CA LYS A 13 -1.08 -6.58 -6.27
C LYS A 13 -2.47 -5.91 -6.13
N VAL A 14 -3.06 -6.01 -4.96
CA VAL A 14 -4.40 -5.47 -4.76
C VAL A 14 -4.26 -3.98 -4.51
N LEU A 15 -3.18 -3.59 -3.87
CA LEU A 15 -2.98 -2.22 -3.47
C LEU A 15 -2.63 -1.42 -4.68
N CYS A 16 -1.68 -1.92 -5.47
CA CYS A 16 -1.44 -1.26 -6.72
C CYS A 16 -2.72 -1.12 -7.55
N ALA A 17 -3.63 -2.07 -7.47
CA ALA A 17 -4.79 -2.01 -8.33
C ALA A 17 -5.68 -0.86 -8.01
N LEU A 18 -5.96 -0.81 -6.76
CA LEU A 18 -6.73 0.22 -6.15
C LEU A 18 -6.12 1.62 -6.30
N TYR A 19 -4.80 1.69 -6.12
CA TYR A 19 -4.08 2.95 -6.29
C TYR A 19 -4.28 3.43 -7.74
N ALA A 20 -4.05 2.54 -8.70
CA ALA A 20 -4.12 2.92 -10.11
C ALA A 20 -5.55 3.24 -10.57
N GLU A 21 -6.54 2.47 -10.14
CA GLU A 21 -7.90 2.68 -10.58
C GLU A 21 -8.45 4.01 -10.09
N ILE A 22 -8.06 4.41 -8.90
CA ILE A 22 -8.56 5.66 -8.31
C ILE A 22 -7.85 6.86 -8.97
N LEU A 23 -6.53 6.75 -9.17
CA LEU A 23 -5.76 7.87 -9.66
C LEU A 23 -5.70 7.98 -11.19
N GLY A 24 -6.12 6.93 -11.88
CA GLY A 24 -6.22 6.98 -13.32
C GLY A 24 -4.87 6.89 -14.03
N VAL A 25 -3.91 6.24 -13.41
CA VAL A 25 -2.55 6.22 -13.95
C VAL A 25 -2.38 4.98 -14.86
N GLU A 26 -1.46 5.06 -15.81
CA GLU A 26 -1.20 3.95 -16.72
C GLU A 26 -0.58 2.78 -15.98
N ARG A 27 0.21 3.09 -14.96
CA ARG A 27 0.91 2.10 -14.20
C ARG A 27 1.27 2.72 -12.87
N VAL A 28 1.34 1.91 -11.82
CA VAL A 28 1.81 2.34 -10.51
C VAL A 28 2.74 1.23 -10.02
N GLY A 29 3.77 1.62 -9.29
CA GLY A 29 4.69 0.69 -8.66
C GLY A 29 4.50 0.58 -7.17
N VAL A 30 5.21 -0.34 -6.54
CA VAL A 30 5.15 -0.53 -5.08
C VAL A 30 5.88 0.60 -4.33
N ASP A 31 6.65 1.39 -5.09
CA ASP A 31 7.46 2.48 -4.55
C ASP A 31 6.79 3.81 -4.77
N ASP A 32 5.75 3.84 -5.58
CA ASP A 32 5.05 5.07 -5.90
C ASP A 32 4.21 5.53 -4.73
N ALA A 33 4.46 6.73 -4.27
CA ALA A 33 3.74 7.30 -3.14
C ALA A 33 2.47 8.00 -3.65
N PHE A 34 1.41 7.99 -2.84
CA PHE A 34 0.16 8.69 -3.17
C PHE A 34 0.40 10.18 -3.47
N HIS A 35 1.47 10.74 -2.91
CA HIS A 35 1.86 12.13 -3.17
C HIS A 35 2.52 12.33 -4.53
N ASP A 36 3.25 11.33 -5.01
CA ASP A 36 3.95 11.46 -6.29
C ASP A 36 2.92 11.34 -7.41
N LEU A 37 1.95 10.47 -7.18
CA LEU A 37 0.85 10.25 -8.11
C LEU A 37 -0.17 11.41 -8.11
N GLY A 38 0.12 12.46 -7.36
CA GLY A 38 -0.73 13.65 -7.35
C GLY A 38 -2.04 13.55 -6.56
N GLY A 39 -2.12 12.58 -5.66
CA GLY A 39 -3.31 12.37 -4.87
C GLY A 39 -3.57 13.43 -3.82
N SER A 40 -4.83 13.50 -3.40
CA SER A 40 -5.27 14.49 -2.40
C SER A 40 -5.91 13.74 -1.21
N SER A 41 -6.13 14.44 -0.10
CA SER A 41 -6.70 13.81 1.08
C SER A 41 -8.07 13.17 0.80
N ALA A 42 -8.88 13.79 -0.04
CA ALA A 42 -10.17 13.21 -0.39
C ALA A 42 -10.02 11.83 -1.10
N LEU A 43 -9.05 11.72 -2.00
CA LEU A 43 -8.83 10.46 -2.71
C LEU A 43 -8.26 9.43 -1.74
N ALA A 44 -7.44 9.88 -0.79
CA ALA A 44 -6.88 8.97 0.22
C ALA A 44 -8.00 8.38 1.10
N MET A 45 -8.99 9.17 1.43
CA MET A 45 -10.15 8.67 2.16
C MET A 45 -10.96 7.69 1.30
N ARG A 46 -10.99 7.88 -0.01
CA ARG A 46 -11.71 6.93 -0.89
C ARG A 46 -10.96 5.63 -0.98
N LEU A 47 -9.62 5.69 -0.93
CA LEU A 47 -8.78 4.50 -0.93
C LEU A 47 -9.12 3.62 0.26
N ILE A 48 -9.33 4.22 1.42
CA ILE A 48 -9.66 3.46 2.64
C ILE A 48 -10.97 2.71 2.41
N ALA A 49 -11.96 3.41 1.88
CA ALA A 49 -13.27 2.82 1.63
C ALA A 49 -13.23 1.67 0.62
N ARG A 50 -12.47 1.83 -0.44
CA ARG A 50 -12.39 0.80 -1.49
C ARG A 50 -11.65 -0.41 -0.98
N ILE A 51 -10.58 -0.22 -0.23
CA ILE A 51 -9.88 -1.33 0.40
C ILE A 51 -10.86 -2.06 1.34
N ARG A 52 -11.70 -1.33 2.05
CA ARG A 52 -12.64 -1.98 2.96
C ARG A 52 -13.67 -2.86 2.24
N GLU A 53 -14.06 -2.47 1.05
CA GLU A 53 -15.02 -3.27 0.27
C GLU A 53 -14.35 -4.49 -0.36
N GLU A 54 -13.17 -4.33 -0.94
CA GLU A 54 -12.51 -5.41 -1.65
C GLU A 54 -11.80 -6.41 -0.73
N LEU A 55 -11.20 -5.89 0.34
CA LEU A 55 -10.37 -6.72 1.23
C LEU A 55 -10.95 -6.91 2.64
N GLY A 56 -11.98 -6.16 2.98
CA GLY A 56 -12.61 -6.32 4.30
C GLY A 56 -11.86 -5.78 5.49
N VAL A 57 -10.92 -4.84 5.25
CA VAL A 57 -10.11 -4.30 6.33
C VAL A 57 -10.15 -2.79 6.34
N ASP A 58 -10.29 -2.24 7.54
CA ASP A 58 -10.35 -0.80 7.74
C ASP A 58 -8.96 -0.26 8.11
N LEU A 59 -8.40 0.56 7.24
CA LEU A 59 -7.10 1.16 7.49
C LEU A 59 -7.24 2.60 8.01
N PRO A 60 -6.68 2.90 9.18
CA PRO A 60 -6.86 4.31 9.57
C PRO A 60 -5.98 5.25 8.76
N ILE A 61 -6.49 6.48 8.52
CA ILE A 61 -5.78 7.51 7.76
C ILE A 61 -4.42 7.83 8.37
N ARG A 62 -4.26 7.63 9.67
CA ARG A 62 -2.96 7.87 10.35
C ARG A 62 -1.88 6.94 9.82
N GLN A 63 -2.23 5.70 9.49
CA GLN A 63 -1.20 4.78 9.01
C GLN A 63 -0.88 5.07 7.56
N LEU A 64 -1.83 5.63 6.83
CA LEU A 64 -1.61 6.00 5.42
C LEU A 64 -0.52 7.07 5.27
N PHE A 65 -0.44 7.99 6.23
CA PHE A 65 0.60 9.02 6.20
C PHE A 65 2.00 8.45 6.34
N SER A 66 2.13 7.38 7.11
CA SER A 66 3.41 6.72 7.31
C SER A 66 3.64 5.61 6.27
N SER A 67 2.58 5.27 5.57
CA SER A 67 2.58 4.24 4.54
C SER A 67 2.05 4.79 3.21
N PRO A 68 2.73 5.79 2.63
CA PRO A 68 2.13 6.42 1.45
C PRO A 68 2.26 5.60 0.17
N THR A 69 3.09 4.57 0.21
CA THR A 69 3.31 3.67 -0.93
C THR A 69 2.62 2.36 -0.67
N PRO A 70 2.24 1.61 -1.73
CA PRO A 70 1.57 0.32 -1.43
C PRO A 70 2.39 -0.61 -0.54
N ALA A 71 3.71 -0.57 -0.70
CA ALA A 71 4.56 -1.44 0.03
C ALA A 71 4.49 -1.19 1.55
N GLY A 72 4.12 0.02 1.88
CA GLY A 72 3.99 0.40 3.27
C GLY A 72 2.67 -0.09 3.79
N VAL A 73 1.65 0.00 2.95
CA VAL A 73 0.32 -0.44 3.36
C VAL A 73 0.29 -1.96 3.52
N ALA A 74 0.92 -2.72 2.63
CA ALA A 74 0.88 -4.20 2.70
C ALA A 74 1.46 -4.72 4.01
N ARG A 75 2.61 -4.20 4.39
CA ARG A 75 3.25 -4.64 5.64
C ARG A 75 2.43 -4.20 6.84
N ALA A 76 1.76 -3.05 6.74
CA ALA A 76 0.90 -2.57 7.81
C ALA A 76 -0.34 -3.46 7.96
N LEU A 77 -0.85 -3.96 6.86
CA LEU A 77 -2.04 -4.82 6.89
C LEU A 77 -1.69 -6.17 7.53
N ALA A 78 -0.56 -6.73 7.14
CA ALA A 78 -0.13 -8.01 7.70
C ALA A 78 0.11 -7.86 9.21
N ALA A 79 0.68 -6.74 9.59
CA ALA A 79 0.95 -6.46 11.00
C ALA A 79 -0.35 -6.26 11.79
N LYS A 80 -1.42 -5.81 11.12
CA LYS A 80 -2.70 -5.55 11.79
C LYS A 80 -3.47 -6.85 12.04
N SER A 81 -3.28 -7.85 11.18
CA SER A 81 -4.02 -9.11 11.33
C SER A 81 -3.24 -10.10 12.20
N ALA A 82 -1.93 -9.94 12.31
CA ALA A 82 -1.12 -10.84 13.12
C ALA A 82 -1.13 -10.41 14.59
N SER A 83 -1.11 -11.38 15.49
CA SER A 83 -1.08 -11.10 16.93
C SER A 83 0.34 -10.90 17.42
N TRP A 84 1.32 -11.29 16.60
CA TRP A 84 2.73 -11.21 16.97
C TRP A 84 3.55 -10.66 15.79
N SER A 85 4.74 -10.18 16.09
CA SER A 85 5.64 -9.65 15.07
C SER A 85 6.22 -10.82 14.25
N HIS A 86 6.74 -10.54 13.06
CA HIS A 86 7.33 -11.58 12.24
C HIS A 86 8.71 -11.91 12.84
N PRO A 87 9.25 -13.12 12.58
CA PRO A 87 10.58 -13.39 13.12
C PRO A 87 11.66 -12.58 12.37
N GLN A 88 12.80 -12.42 13.01
CA GLN A 88 13.93 -11.69 12.41
C GLN A 88 14.56 -12.62 11.36
N PHE A 89 15.38 -12.06 10.50
CA PHE A 89 16.13 -12.86 9.52
C PHE A 89 17.07 -13.79 10.28
N GLU A 90 17.20 -14.99 9.73
CA GLU A 90 18.08 -16.02 10.25
C GLU A 90 19.54 -15.76 9.91
N LYS A 91 20.43 -16.45 10.59
CA LYS A 91 21.87 -16.33 10.34
C LYS A 91 22.48 -17.59 10.90
N GLY A 1 11.18 3.89 -23.74
CA GLY A 1 11.31 2.68 -22.95
C GLY A 1 9.95 2.26 -22.36
N ALA A 2 9.90 1.08 -21.70
CA ALA A 2 8.66 0.53 -21.17
C ALA A 2 8.19 1.22 -19.90
N MET A 3 9.16 1.78 -19.15
CA MET A 3 8.89 2.59 -17.93
C MET A 3 8.20 1.75 -16.88
N ALA A 4 8.87 0.66 -16.48
CA ALA A 4 8.33 -0.29 -15.52
C ALA A 4 9.47 -0.76 -14.66
N LYS A 5 9.20 -1.10 -13.42
CA LYS A 5 10.21 -1.65 -12.54
C LYS A 5 9.88 -3.03 -11.95
N ALA A 6 8.58 -3.41 -12.02
CA ALA A 6 8.02 -4.68 -11.48
C ALA A 6 8.08 -4.90 -9.94
N PRO A 7 7.05 -5.64 -9.40
CA PRO A 7 7.11 -5.88 -7.95
C PRO A 7 8.10 -6.94 -7.53
N GLU A 8 8.48 -6.97 -6.27
CA GLU A 8 9.33 -8.03 -5.73
C GLU A 8 8.55 -8.95 -4.77
N SER A 9 7.85 -8.33 -3.80
CA SER A 9 6.99 -9.09 -2.91
C SER A 9 5.61 -9.22 -3.52
N ALA A 10 4.93 -10.32 -3.25
CA ALA A 10 3.54 -10.49 -3.67
C ALA A 10 2.67 -9.38 -3.11
N THR A 11 2.98 -8.94 -1.92
CA THR A 11 2.17 -7.94 -1.25
C THR A 11 2.18 -6.58 -1.93
N GLU A 12 3.21 -6.27 -2.69
CA GLU A 12 3.27 -4.96 -3.43
C GLU A 12 2.17 -4.85 -4.47
N LYS A 13 1.72 -6.02 -4.96
CA LYS A 13 0.66 -6.01 -5.96
C LYS A 13 -0.69 -5.61 -5.37
N VAL A 14 -0.92 -5.93 -4.11
CA VAL A 14 -2.21 -5.59 -3.49
C VAL A 14 -2.28 -4.12 -3.17
N LEU A 15 -1.14 -3.50 -2.87
CA LEU A 15 -1.07 -2.07 -2.58
C LEU A 15 -1.14 -1.27 -3.88
N CYS A 16 -0.47 -1.79 -4.91
CA CYS A 16 -0.66 -1.22 -6.26
C CYS A 16 -2.12 -1.22 -6.70
N ALA A 17 -2.88 -2.26 -6.34
CA ALA A 17 -4.27 -2.33 -6.75
C ALA A 17 -5.14 -1.35 -6.00
N LEU A 18 -4.92 -1.28 -4.71
CA LEU A 18 -5.70 -0.41 -3.85
C LEU A 18 -5.47 1.05 -4.21
N TYR A 19 -4.20 1.39 -4.48
CA TYR A 19 -3.86 2.73 -4.95
C TYR A 19 -4.62 3.08 -6.25
N ALA A 20 -4.63 2.14 -7.20
CA ALA A 20 -5.27 2.38 -8.49
C ALA A 20 -6.79 2.63 -8.38
N GLU A 21 -7.45 1.85 -7.54
CA GLU A 21 -8.90 1.95 -7.33
C GLU A 21 -9.31 3.38 -6.88
N ILE A 22 -8.59 3.88 -5.87
CA ILE A 22 -8.96 5.15 -5.23
C ILE A 22 -8.60 6.35 -6.10
N LEU A 23 -7.48 6.29 -6.83
CA LEU A 23 -7.10 7.38 -7.69
C LEU A 23 -7.75 7.24 -9.05
N GLY A 24 -8.37 6.13 -9.34
CA GLY A 24 -9.10 5.94 -10.61
C GLY A 24 -8.24 5.83 -11.84
N VAL A 25 -7.03 5.33 -11.68
CA VAL A 25 -6.04 5.28 -12.78
C VAL A 25 -6.07 3.92 -13.39
N GLU A 26 -5.62 3.86 -14.63
CA GLU A 26 -5.49 2.65 -15.36
C GLU A 26 -4.34 1.79 -14.92
N ARG A 27 -3.27 2.43 -14.47
CA ARG A 27 -2.11 1.66 -14.02
C ARG A 27 -1.31 2.44 -13.03
N VAL A 28 -0.73 1.73 -12.08
CA VAL A 28 0.20 2.28 -11.06
C VAL A 28 1.53 1.47 -11.14
N GLY A 29 2.68 2.13 -10.97
CA GLY A 29 3.92 1.40 -10.83
C GLY A 29 4.21 1.24 -9.36
N VAL A 30 5.03 0.26 -9.00
CA VAL A 30 5.30 0.01 -7.57
C VAL A 30 6.20 1.06 -6.93
N ASP A 31 6.70 2.00 -7.77
CA ASP A 31 7.55 3.08 -7.29
C ASP A 31 6.85 4.44 -7.43
N ASP A 32 5.57 4.39 -7.77
CA ASP A 32 4.82 5.61 -7.92
C ASP A 32 4.39 6.04 -6.57
N ALA A 33 4.84 7.18 -6.12
CA ALA A 33 4.43 7.66 -4.83
C ALA A 33 2.95 8.12 -4.96
N PHE A 34 2.23 7.96 -3.86
CA PHE A 34 0.82 8.30 -3.80
C PHE A 34 0.61 9.80 -4.13
N HIS A 35 1.59 10.60 -3.74
CA HIS A 35 1.59 12.01 -4.09
C HIS A 35 1.83 12.26 -5.56
N ASP A 36 2.68 11.50 -6.23
CA ASP A 36 2.94 11.70 -7.68
C ASP A 36 1.73 11.37 -8.53
N LEU A 37 0.98 10.37 -8.05
CA LEU A 37 -0.23 9.98 -8.69
C LEU A 37 -1.36 11.00 -8.52
N GLY A 38 -1.14 12.00 -7.67
CA GLY A 38 -2.16 13.02 -7.40
C GLY A 38 -3.00 12.82 -6.14
N GLY A 39 -2.45 12.11 -5.20
CA GLY A 39 -3.15 11.88 -3.97
C GLY A 39 -3.32 13.08 -3.04
N SER A 40 -4.06 12.88 -1.94
CA SER A 40 -4.30 13.94 -0.93
C SER A 40 -4.30 13.25 0.42
N SER A 41 -4.12 13.97 1.50
CA SER A 41 -4.13 13.35 2.81
C SER A 41 -5.51 12.66 3.05
N ALA A 42 -6.60 13.23 2.56
CA ALA A 42 -7.93 12.65 2.75
C ALA A 42 -8.00 11.26 2.13
N LEU A 43 -7.52 11.18 0.88
CA LEU A 43 -7.52 9.93 0.11
C LEU A 43 -6.62 8.89 0.79
N ALA A 44 -5.53 9.39 1.32
CA ALA A 44 -4.51 8.58 1.95
C ALA A 44 -5.04 7.94 3.21
N MET A 45 -5.82 8.69 3.97
CA MET A 45 -6.41 8.12 5.19
C MET A 45 -7.44 7.07 4.84
N ARG A 46 -8.20 7.24 3.73
CA ARG A 46 -9.18 6.24 3.31
C ARG A 46 -8.45 4.98 2.81
N LEU A 47 -7.31 5.13 2.15
CA LEU A 47 -6.47 4.00 1.73
C LEU A 47 -6.06 3.08 2.86
N ILE A 48 -5.76 3.69 4.04
CA ILE A 48 -5.39 2.89 5.23
C ILE A 48 -6.60 1.97 5.57
N ALA A 49 -7.77 2.60 5.56
CA ALA A 49 -9.00 1.91 5.88
C ALA A 49 -9.30 0.74 4.90
N ARG A 50 -9.08 0.95 3.60
CA ARG A 50 -9.33 -0.10 2.60
C ARG A 50 -8.32 -1.23 2.72
N ILE A 51 -7.08 -0.91 3.06
CA ILE A 51 -6.05 -1.96 3.25
C ILE A 51 -6.46 -2.81 4.47
N ARG A 52 -7.02 -2.19 5.51
CA ARG A 52 -7.40 -2.91 6.74
C ARG A 52 -8.49 -3.93 6.43
N GLU A 53 -9.41 -3.56 5.56
CA GLU A 53 -10.53 -4.42 5.21
C GLU A 53 -10.04 -5.65 4.44
N GLU A 54 -9.14 -5.43 3.49
CA GLU A 54 -8.58 -6.54 2.67
C GLU A 54 -7.43 -7.37 3.28
N LEU A 55 -6.52 -6.72 4.01
CA LEU A 55 -5.30 -7.42 4.51
C LEU A 55 -5.23 -7.57 6.06
N GLY A 56 -6.06 -6.82 6.82
CA GLY A 56 -6.07 -6.91 8.26
C GLY A 56 -4.98 -6.21 9.04
N VAL A 57 -4.30 -5.26 8.44
CA VAL A 57 -3.19 -4.50 9.12
C VAL A 57 -3.52 -3.06 9.31
N ASP A 58 -3.06 -2.48 10.39
CA ASP A 58 -3.32 -1.03 10.66
C ASP A 58 -2.04 -0.30 10.47
N LEU A 59 -2.06 0.79 9.74
CA LEU A 59 -0.84 1.48 9.31
C LEU A 59 -0.96 2.93 9.69
N PRO A 60 0.01 3.48 10.39
CA PRO A 60 -0.26 4.91 10.72
C PRO A 60 -0.06 5.81 9.51
N ILE A 61 -0.75 6.96 9.49
CA ILE A 61 -0.63 7.86 8.31
C ILE A 61 0.79 8.41 8.23
N ARG A 62 1.46 8.51 9.36
CA ARG A 62 2.86 8.97 9.36
C ARG A 62 3.75 8.07 8.58
N GLN A 63 3.53 6.77 8.68
CA GLN A 63 4.35 5.84 7.92
C GLN A 63 4.13 5.96 6.46
N LEU A 64 2.89 6.26 6.06
CA LEU A 64 2.60 6.46 4.68
C LEU A 64 3.25 7.71 4.10
N PHE A 65 3.40 8.73 4.94
CA PHE A 65 4.00 9.99 4.48
C PHE A 65 5.52 9.84 4.34
N SER A 66 6.03 8.84 5.05
CA SER A 66 7.48 8.54 5.04
C SER A 66 7.81 7.50 3.99
N SER A 67 6.75 6.80 3.51
CA SER A 67 6.90 5.70 2.57
C SER A 67 5.73 5.70 1.62
N PRO A 68 5.66 6.72 0.71
CA PRO A 68 4.46 6.83 -0.12
C PRO A 68 4.29 5.80 -1.27
N THR A 69 5.28 4.97 -1.60
CA THR A 69 5.16 4.09 -2.78
C THR A 69 4.56 2.69 -2.41
N PRO A 70 3.86 1.99 -3.35
CA PRO A 70 3.45 0.63 -2.94
C PRO A 70 4.60 -0.27 -2.42
N ALA A 71 5.82 -0.15 -2.98
CA ALA A 71 6.88 -1.11 -2.66
C ALA A 71 7.35 -0.84 -1.22
N GLY A 72 7.30 0.40 -0.78
CA GLY A 72 7.72 0.75 0.55
C GLY A 72 6.74 0.34 1.60
N VAL A 73 5.46 0.54 1.38
CA VAL A 73 4.47 0.15 2.42
C VAL A 73 4.54 -1.38 2.69
N ALA A 74 4.84 -2.17 1.66
CA ALA A 74 4.81 -3.63 1.77
C ALA A 74 5.67 -4.20 2.94
N ARG A 75 6.75 -3.55 3.25
CA ARG A 75 7.64 -3.99 4.33
C ARG A 75 6.96 -3.98 5.69
N ALA A 76 5.93 -3.16 5.84
CA ALA A 76 5.20 -3.14 7.09
C ALA A 76 4.42 -4.46 7.23
N LEU A 77 3.88 -4.96 6.12
CA LEU A 77 3.16 -6.24 6.12
C LEU A 77 4.11 -7.40 6.34
N ALA A 78 5.34 -7.27 5.86
CA ALA A 78 6.34 -8.30 6.15
C ALA A 78 6.62 -8.37 7.67
N ALA A 79 6.59 -7.23 8.33
CA ALA A 79 6.75 -7.19 9.79
C ALA A 79 5.52 -7.81 10.51
N LYS A 80 4.34 -7.59 9.96
CA LYS A 80 3.12 -8.20 10.49
C LYS A 80 3.20 -9.72 10.29
N SER A 81 3.74 -10.14 9.16
CA SER A 81 3.90 -11.55 8.87
C SER A 81 4.88 -12.20 9.86
N ALA A 82 5.82 -11.44 10.37
CA ALA A 82 6.76 -12.00 11.35
C ALA A 82 6.23 -11.87 12.76
N SER A 83 5.04 -11.30 12.95
CA SER A 83 4.54 -11.05 14.33
C SER A 83 3.84 -12.26 14.94
N TRP A 84 3.56 -12.18 16.24
CA TRP A 84 2.72 -13.17 16.93
C TRP A 84 1.31 -13.12 16.33
N SER A 85 0.88 -11.89 16.07
CA SER A 85 -0.40 -11.67 15.46
C SER A 85 -0.23 -11.88 13.94
N HIS A 86 -0.68 -13.02 13.45
CA HIS A 86 -0.57 -13.39 12.04
C HIS A 86 -1.36 -12.41 11.16
N PRO A 87 -0.87 -12.14 9.91
CA PRO A 87 -1.66 -11.24 9.06
C PRO A 87 -2.91 -11.90 8.45
N GLN A 88 -2.97 -13.22 8.56
CA GLN A 88 -4.00 -14.02 7.94
C GLN A 88 -4.76 -14.71 9.04
N PHE A 89 -6.06 -14.84 8.81
CA PHE A 89 -6.99 -15.42 9.79
C PHE A 89 -6.93 -14.72 11.15
N GLU A 90 -6.66 -13.42 11.15
CA GLU A 90 -6.62 -12.60 12.39
C GLU A 90 -8.01 -12.15 12.78
N LYS A 91 -8.24 -12.04 14.08
CA LYS A 91 -9.50 -11.51 14.62
C LYS A 91 -9.16 -10.64 15.81
#